data_1U1G
#
_entry.id   1U1G
#
_cell.length_a   92.677
_cell.length_b   127.124
_cell.length_c   143.355
_cell.angle_alpha   90.00
_cell.angle_beta   90.00
_cell.angle_gamma   90.00
#
_symmetry.space_group_name_H-M   'P 21 21 21'
#
loop_
_entity.id
_entity.type
_entity.pdbx_description
1 polymer 'Uridine phosphorylase'
2 non-polymer 'POTASSIUM ION'
3 non-polymer 1-((2-HYDROXYETHOXY)METHYL)-5-(3-(BENZYLOXY)BENZYL)-6-HYDROXYPYRIMIDINE-2,4(1H,3H)-DIONE
4 water water
#
_entity_poly.entity_id   1
_entity_poly.type   'polypeptide(L)'
_entity_poly.pdbx_seq_one_letter_code
;GSHMSKSDVFHLGLTKNDLQGATLAIVPGDPDRVEKIAALMDKPVKLASHREFTTWRAELDGKPVIVCSTGIGGPSTSIA
VEELAQLGIRTFLRIGTTGAIQPHINVGDVLVTTASVRLDGASLHFAPLEFPAVADFECTTALVEAAKSIGATTHVGVTA
SSDTFYPGQERYDTYSGRVVRHFKGSMEEWQAMGVMNYEMESATLLTMCASQGLRAGMVAGVIVNRTQQEIPNAETMKQT
ESHAVKIVVEAARRLL
;
_entity_poly.pdbx_strand_id   A,B,C,D,E,F
#
loop_
_chem_comp.id
_chem_comp.type
_chem_comp.name
_chem_comp.formula
BBB non-polymer 1-((2-HYDROXYETHOXY)METHYL)-5-(3-(BENZYLOXY)BENZYL)-6-HYDROXYPYRIMIDINE-2,4(1H,3H)-DIONE 'C21 H22 N2 O6'
K non-polymer 'POTASSIUM ION' 'K 1'
#
# COMPACT_ATOMS: atom_id res chain seq x y z
N SER A 7 -42.30 2.26 -5.49
CA SER A 7 -40.97 1.59 -5.54
C SER A 7 -40.55 1.04 -4.19
N ASP A 8 -39.88 -0.10 -4.20
CA ASP A 8 -39.33 -0.70 -2.99
C ASP A 8 -37.84 -0.39 -2.84
N VAL A 9 -37.28 0.25 -3.87
CA VAL A 9 -35.85 0.59 -3.90
C VAL A 9 -35.61 2.09 -4.13
N PHE A 10 -34.38 2.53 -3.87
CA PHE A 10 -34.01 3.94 -3.90
C PHE A 10 -33.89 4.55 -5.31
N HIS A 11 -33.37 3.77 -6.26
CA HIS A 11 -33.01 4.31 -7.58
C HIS A 11 -33.78 3.74 -8.77
N LEU A 12 -33.96 2.42 -8.78
CA LEU A 12 -34.48 1.72 -9.96
C LEU A 12 -35.96 1.99 -10.28
N GLY A 13 -36.75 2.31 -9.25
CA GLY A 13 -38.16 2.58 -9.42
C GLY A 13 -38.98 1.33 -9.71
N LEU A 14 -38.71 0.26 -8.95
CA LEU A 14 -39.36 -1.03 -9.16
C LEU A 14 -39.88 -1.61 -7.84
N THR A 15 -40.95 -2.40 -7.93
CA THR A 15 -41.45 -3.18 -6.81
C THR A 15 -41.16 -4.66 -7.06
N LYS A 16 -41.21 -5.47 -6.00
CA LYS A 16 -41.02 -6.92 -6.11
C LYS A 16 -42.06 -7.56 -7.02
N ASN A 17 -43.26 -6.97 -7.04
CA ASN A 17 -44.37 -7.42 -7.87
C ASN A 17 -44.12 -7.22 -9.37
N ASP A 18 -43.33 -6.22 -9.72
CA ASP A 18 -42.96 -5.94 -11.12
C ASP A 18 -42.14 -7.06 -11.75
N LEU A 19 -41.38 -7.78 -10.92
CA LEU A 19 -40.48 -8.83 -11.39
C LEU A 19 -41.20 -10.12 -11.76
N GLN A 20 -42.38 -10.34 -11.17
CA GLN A 20 -43.21 -11.52 -11.41
C GLN A 20 -42.50 -12.86 -11.14
N GLY A 21 -41.62 -12.86 -10.15
CA GLY A 21 -40.92 -14.07 -9.73
C GLY A 21 -39.57 -14.32 -10.38
N ALA A 22 -39.06 -13.34 -11.12
CA ALA A 22 -37.77 -13.47 -11.81
C ALA A 22 -36.58 -13.51 -10.85
N THR A 23 -35.62 -14.37 -11.15
CA THR A 23 -34.39 -14.50 -10.35
C THR A 23 -33.13 -14.22 -11.17
N LEU A 24 -33.29 -14.09 -12.48
CA LEU A 24 -32.17 -13.82 -13.38
C LEU A 24 -32.31 -12.48 -14.09
N ALA A 25 -31.19 -11.78 -14.24
CA ALA A 25 -31.17 -10.50 -14.95
C ALA A 25 -29.99 -10.40 -15.92
N ILE A 26 -30.27 -9.93 -17.13
CA ILE A 26 -29.24 -9.55 -18.09
C ILE A 26 -28.95 -8.07 -17.88
N VAL A 27 -27.67 -7.75 -17.66
CA VAL A 27 -27.28 -6.39 -17.28
C VAL A 27 -26.29 -5.72 -18.26
N PRO A 28 -26.81 -5.05 -19.29
CA PRO A 28 -25.97 -4.27 -20.20
C PRO A 28 -25.59 -2.93 -19.59
N GLY A 29 -24.68 -2.20 -20.26
CA GLY A 29 -24.30 -0.87 -19.83
C GLY A 29 -25.21 0.22 -20.37
N ASP A 30 -25.62 0.08 -21.63
CA ASP A 30 -26.38 1.09 -22.36
C ASP A 30 -27.89 0.97 -22.16
N PRO A 31 -28.52 2.02 -21.63
CA PRO A 31 -29.98 2.10 -21.52
C PRO A 31 -30.71 1.97 -22.86
N ASP A 32 -30.09 2.46 -23.94
CA ASP A 32 -30.70 2.44 -25.27
C ASP A 32 -30.67 1.05 -25.93
N ARG A 33 -29.90 0.14 -25.34
CA ARG A 33 -29.76 -1.22 -25.86
C ARG A 33 -30.69 -2.23 -25.16
N VAL A 34 -31.38 -1.78 -24.12
CA VAL A 34 -32.24 -2.65 -23.29
C VAL A 34 -33.41 -3.23 -24.09
N GLU A 35 -34.08 -2.39 -24.87
CA GLU A 35 -35.20 -2.82 -25.71
C GLU A 35 -34.77 -3.86 -26.75
N LYS A 36 -33.60 -3.66 -27.36
CA LYS A 36 -33.05 -4.55 -28.37
C LYS A 36 -32.81 -5.96 -27.85
N ILE A 37 -32.32 -6.07 -26.61
CA ILE A 37 -32.06 -7.37 -25.99
C ILE A 37 -33.36 -8.08 -25.62
N ALA A 38 -34.31 -7.34 -25.07
CA ALA A 38 -35.60 -7.87 -24.67
C ALA A 38 -36.43 -8.40 -25.85
N ALA A 39 -36.26 -7.77 -27.00
CA ALA A 39 -37.01 -8.11 -28.22
C ALA A 39 -36.70 -9.51 -28.76
N LEU A 40 -35.56 -10.07 -28.35
CA LEU A 40 -35.19 -11.44 -28.71
C LEU A 40 -35.98 -12.48 -27.91
N MET A 41 -36.60 -12.03 -26.82
CA MET A 41 -37.41 -12.89 -25.97
C MET A 41 -38.90 -12.61 -26.17
N ASP A 42 -39.76 -13.44 -25.55
CA ASP A 42 -41.21 -13.33 -25.72
C ASP A 42 -41.84 -12.27 -24.82
N LYS A 43 -42.88 -11.61 -25.35
CA LYS A 43 -43.70 -10.64 -24.61
C LYS A 43 -42.92 -9.61 -23.77
N PRO A 44 -42.06 -8.81 -24.40
CA PRO A 44 -41.28 -7.80 -23.66
C PRO A 44 -42.11 -6.57 -23.31
N VAL A 45 -41.87 -6.02 -22.12
CA VAL A 45 -42.60 -4.84 -21.64
C VAL A 45 -41.71 -3.92 -20.80
N LYS A 46 -41.83 -2.62 -21.02
CA LYS A 46 -41.07 -1.62 -20.25
C LYS A 46 -41.67 -1.45 -18.86
N LEU A 47 -40.80 -1.48 -17.85
CA LEU A 47 -41.22 -1.33 -16.46
C LEU A 47 -40.90 0.05 -15.91
N ALA A 48 -39.67 0.50 -16.10
CA ALA A 48 -39.19 1.76 -15.53
C ALA A 48 -38.02 2.36 -16.31
N SER A 49 -37.89 3.69 -16.23
CA SER A 49 -36.72 4.39 -16.75
C SER A 49 -36.39 5.59 -15.87
N HIS A 50 -35.31 5.46 -15.11
CA HIS A 50 -34.85 6.51 -14.20
C HIS A 50 -33.33 6.61 -14.27
N ARG A 51 -32.84 7.83 -14.45
CA ARG A 51 -31.40 8.09 -14.60
C ARG A 51 -30.85 7.27 -15.78
N GLU A 52 -29.79 6.50 -15.53
CA GLU A 52 -29.23 5.60 -16.54
C GLU A 52 -29.74 4.16 -16.36
N PHE A 53 -30.77 3.98 -15.53
CA PHE A 53 -31.34 2.67 -15.26
C PHE A 53 -32.68 2.47 -15.99
N THR A 54 -32.62 1.77 -17.12
CA THR A 54 -33.82 1.40 -17.87
C THR A 54 -34.07 -0.11 -17.67
N THR A 55 -35.30 -0.45 -17.31
CA THR A 55 -35.66 -1.84 -16.99
C THR A 55 -36.81 -2.36 -17.86
N TRP A 56 -36.56 -3.50 -18.49
CA TRP A 56 -37.60 -4.22 -19.24
C TRP A 56 -37.76 -5.63 -18.67
N ARG A 57 -38.95 -6.19 -18.83
CA ARG A 57 -39.22 -7.58 -18.45
C ARG A 57 -39.71 -8.35 -19.66
N ALA A 58 -39.29 -9.62 -19.76
CA ALA A 58 -39.68 -10.47 -20.88
C ALA A 58 -39.85 -11.93 -20.45
N GLU A 59 -40.31 -12.76 -21.38
CA GLU A 59 -40.50 -14.18 -21.14
C GLU A 59 -39.52 -15.02 -21.94
N LEU A 60 -38.85 -15.95 -21.25
CA LEU A 60 -37.92 -16.87 -21.88
C LEU A 60 -38.27 -18.32 -21.51
N ASP A 61 -38.69 -19.09 -22.52
CA ASP A 61 -39.16 -20.46 -22.35
C ASP A 61 -40.28 -20.60 -21.31
N GLY A 62 -41.10 -19.56 -21.19
CA GLY A 62 -42.21 -19.54 -20.24
C GLY A 62 -41.86 -18.96 -18.88
N LYS A 63 -40.61 -18.53 -18.70
CA LYS A 63 -40.13 -18.00 -17.43
C LYS A 63 -39.75 -16.52 -17.55
N PRO A 64 -40.14 -15.71 -16.55
CA PRO A 64 -39.86 -14.27 -16.56
C PRO A 64 -38.37 -13.94 -16.40
N VAL A 65 -37.88 -12.99 -17.20
CA VAL A 65 -36.48 -12.58 -17.18
C VAL A 65 -36.39 -11.04 -17.22
N ILE A 66 -35.44 -10.50 -16.45
CA ILE A 66 -35.24 -9.05 -16.34
C ILE A 66 -34.04 -8.58 -17.17
N VAL A 67 -34.20 -7.43 -17.84
CA VAL A 67 -33.10 -6.74 -18.50
C VAL A 67 -33.00 -5.33 -17.93
N CYS A 68 -31.84 -5.00 -17.38
CA CYS A 68 -31.64 -3.74 -16.65
C CYS A 68 -30.26 -3.13 -16.91
N SER A 69 -30.25 -1.88 -17.37
CA SER A 69 -29.00 -1.18 -17.67
C SER A 69 -28.31 -0.66 -16.39
N THR A 70 -26.98 -0.73 -16.38
CA THR A 70 -26.18 -0.36 -15.21
C THR A 70 -25.49 0.98 -15.38
N GLY A 71 -25.35 1.44 -16.62
CA GLY A 71 -24.53 2.59 -16.93
C GLY A 71 -23.05 2.21 -17.02
N ILE A 72 -22.21 3.16 -17.43
CA ILE A 72 -20.76 2.95 -17.51
C ILE A 72 -20.13 3.11 -16.13
N GLY A 73 -19.35 2.10 -15.72
CA GLY A 73 -18.56 2.19 -14.50
C GLY A 73 -19.06 1.38 -13.32
N GLY A 74 -18.14 1.06 -12.42
CA GLY A 74 -18.44 0.32 -11.20
C GLY A 74 -19.47 0.94 -10.26
N PRO A 75 -19.35 2.23 -9.96
CA PRO A 75 -20.31 2.91 -9.06
C PRO A 75 -21.80 2.73 -9.37
N SER A 76 -22.23 3.03 -10.59
CA SER A 76 -23.64 2.87 -10.96
C SER A 76 -24.03 1.40 -11.07
N THR A 77 -23.08 0.58 -11.51
CA THR A 77 -23.26 -0.88 -11.54
C THR A 77 -23.55 -1.42 -10.14
N SER A 78 -22.78 -0.99 -9.15
CA SER A 78 -22.94 -1.42 -7.76
C SER A 78 -24.32 -1.06 -7.18
N ILE A 79 -24.87 0.06 -7.63
CA ILE A 79 -26.22 0.48 -7.21
C ILE A 79 -27.27 -0.46 -7.82
N ALA A 80 -27.18 -0.68 -9.13
CA ALA A 80 -28.14 -1.51 -9.86
C ALA A 80 -28.17 -2.98 -9.38
N VAL A 81 -26.99 -3.57 -9.20
CA VAL A 81 -26.88 -4.96 -8.76
C VAL A 81 -27.44 -5.14 -7.34
N GLU A 82 -27.08 -4.23 -6.43
CA GLU A 82 -27.56 -4.26 -5.06
C GLU A 82 -29.09 -4.18 -4.97
N GLU A 83 -29.66 -3.24 -5.71
CA GLU A 83 -31.10 -3.01 -5.65
C GLU A 83 -31.90 -4.13 -6.34
N LEU A 84 -31.32 -4.73 -7.37
CA LEU A 84 -31.90 -5.91 -8.01
C LEU A 84 -31.87 -7.14 -7.09
N ALA A 85 -30.80 -7.25 -6.29
CA ALA A 85 -30.67 -8.32 -5.32
C ALA A 85 -31.72 -8.23 -4.22
N GLN A 86 -32.02 -7.00 -3.80
CA GLN A 86 -33.07 -6.72 -2.82
C GLN A 86 -34.45 -7.14 -3.34
N LEU A 87 -34.62 -7.04 -4.66
CA LEU A 87 -35.89 -7.36 -5.31
C LEU A 87 -36.03 -8.85 -5.66
N GLY A 88 -34.95 -9.61 -5.54
CA GLY A 88 -35.00 -11.05 -5.69
C GLY A 88 -34.08 -11.70 -6.72
N ILE A 89 -33.33 -10.88 -7.47
CA ILE A 89 -32.41 -11.39 -8.49
C ILE A 89 -31.20 -12.07 -7.84
N ARG A 90 -30.86 -13.25 -8.35
CA ARG A 90 -29.77 -14.05 -7.79
C ARG A 90 -28.67 -14.37 -8.81
N THR A 91 -29.01 -14.27 -10.10
CA THR A 91 -28.07 -14.51 -11.19
C THR A 91 -27.98 -13.29 -12.10
N PHE A 92 -26.75 -12.85 -12.38
CA PHE A 92 -26.50 -11.67 -13.22
C PHE A 92 -25.60 -12.01 -14.41
N LEU A 93 -26.06 -11.68 -15.61
CA LEU A 93 -25.26 -11.89 -16.82
C LEU A 93 -25.00 -10.56 -17.53
N ARG A 94 -23.73 -10.17 -17.62
CA ARG A 94 -23.35 -8.91 -18.25
C ARG A 94 -22.97 -9.07 -19.72
N ILE A 95 -23.42 -8.12 -20.53
CA ILE A 95 -23.08 -8.05 -21.96
C ILE A 95 -22.51 -6.65 -22.27
N GLY A 96 -21.44 -6.61 -23.06
CA GLY A 96 -20.84 -5.34 -23.44
C GLY A 96 -19.95 -5.37 -24.67
N THR A 97 -19.37 -4.21 -25.00
CA THR A 97 -18.38 -4.08 -26.06
C THR A 97 -16.99 -4.03 -25.43
N THR A 98 -15.96 -4.31 -26.23
CA THR A 98 -14.59 -4.32 -25.71
C THR A 98 -13.53 -4.03 -26.78
N GLY A 99 -12.36 -3.60 -26.30
CA GLY A 99 -11.18 -3.44 -27.15
C GLY A 99 -10.14 -4.48 -26.77
N ALA A 100 -9.75 -5.32 -27.73
CA ALA A 100 -8.79 -6.39 -27.49
C ALA A 100 -7.35 -5.87 -27.56
N ILE A 101 -6.45 -6.49 -26.80
CA ILE A 101 -5.05 -6.09 -26.75
C ILE A 101 -4.08 -7.18 -27.21
N GLN A 102 -4.61 -8.32 -27.61
CA GLN A 102 -3.80 -9.42 -28.16
C GLN A 102 -3.92 -9.46 -29.69
N PRO A 103 -2.80 -9.68 -30.37
CA PRO A 103 -2.78 -9.68 -31.85
C PRO A 103 -3.62 -10.78 -32.50
N HIS A 104 -3.81 -11.90 -31.82
CA HIS A 104 -4.50 -13.06 -32.38
C HIS A 104 -6.03 -12.96 -32.28
N ILE A 105 -6.54 -12.01 -31.51
CA ILE A 105 -7.97 -11.77 -31.38
C ILE A 105 -8.44 -10.75 -32.42
N ASN A 106 -9.39 -11.16 -33.26
CA ASN A 106 -9.89 -10.31 -34.34
C ASN A 106 -11.18 -9.57 -33.98
N VAL A 107 -11.46 -8.50 -34.73
CA VAL A 107 -12.72 -7.78 -34.63
C VAL A 107 -13.86 -8.72 -35.05
N GLY A 108 -14.88 -8.82 -34.21
CA GLY A 108 -15.99 -9.73 -34.46
C GLY A 108 -15.99 -10.95 -33.57
N ASP A 109 -14.85 -11.20 -32.91
CA ASP A 109 -14.71 -12.32 -31.97
C ASP A 109 -15.49 -12.06 -30.68
N VAL A 110 -15.79 -13.14 -29.96
CA VAL A 110 -16.52 -13.08 -28.69
C VAL A 110 -15.61 -13.53 -27.55
N LEU A 111 -15.64 -12.81 -26.43
CA LEU A 111 -14.80 -13.12 -25.28
C LEU A 111 -15.59 -13.43 -24.02
N VAL A 112 -15.21 -14.52 -23.35
CA VAL A 112 -15.80 -14.89 -22.06
C VAL A 112 -14.76 -14.73 -20.95
N THR A 113 -15.13 -13.99 -19.91
CA THR A 113 -14.22 -13.66 -18.82
C THR A 113 -14.30 -14.66 -17.65
N THR A 114 -13.18 -15.28 -17.32
CA THR A 114 -13.09 -16.15 -16.15
C THR A 114 -12.87 -15.35 -14.87
N ALA A 115 -12.03 -14.32 -14.98
CA ALA A 115 -11.71 -13.42 -13.87
C ALA A 115 -11.11 -12.12 -14.39
N SER A 116 -11.08 -11.09 -13.55
CA SER A 116 -10.66 -9.75 -14.00
C SER A 116 -9.52 -9.13 -13.18
N VAL A 117 -8.67 -8.37 -13.87
CA VAL A 117 -7.68 -7.51 -13.22
C VAL A 117 -8.42 -6.30 -12.65
N ARG A 118 -8.24 -6.05 -11.35
CA ARG A 118 -8.99 -5.03 -10.63
C ARG A 118 -8.36 -3.63 -10.70
N LEU A 119 -8.64 -2.91 -11.78
CA LEU A 119 -8.17 -1.52 -11.93
C LEU A 119 -9.30 -0.54 -11.64
N ASP A 120 -10.16 -0.93 -10.69
CA ASP A 120 -11.33 -0.15 -10.27
C ASP A 120 -11.28 0.19 -8.78
N GLY A 121 -12.20 1.04 -8.33
CA GLY A 121 -12.29 1.39 -6.93
C GLY A 121 -13.41 0.69 -6.17
N ALA A 122 -14.52 0.44 -6.85
CA ALA A 122 -15.73 -0.10 -6.21
C ALA A 122 -15.58 -1.53 -5.68
N SER A 123 -14.79 -2.37 -6.35
CA SER A 123 -14.54 -3.73 -5.90
C SER A 123 -13.99 -3.77 -4.47
N LEU A 124 -13.17 -2.78 -4.14
CA LEU A 124 -12.54 -2.65 -2.82
C LEU A 124 -13.54 -2.36 -1.69
N HIS A 125 -14.72 -1.89 -2.05
CA HIS A 125 -15.78 -1.60 -1.09
C HIS A 125 -16.56 -2.87 -0.70
N PHE A 126 -16.15 -4.00 -1.27
CA PHE A 126 -16.80 -5.29 -1.04
C PHE A 126 -15.82 -6.35 -0.53
N ALA A 127 -14.59 -6.31 -1.05
CA ALA A 127 -13.52 -7.23 -0.64
C ALA A 127 -12.15 -6.60 -0.86
N PRO A 128 -11.16 -6.93 -0.02
CA PRO A 128 -9.80 -6.40 -0.18
C PRO A 128 -9.17 -6.89 -1.48
N LEU A 129 -8.14 -6.18 -1.95
CA LEU A 129 -7.54 -6.42 -3.27
C LEU A 129 -7.08 -7.86 -3.53
N GLU A 130 -6.67 -8.56 -2.47
CA GLU A 130 -6.19 -9.94 -2.58
C GLU A 130 -7.27 -10.97 -2.96
N PHE A 131 -8.54 -10.58 -2.81
CA PHE A 131 -9.68 -11.40 -3.21
C PHE A 131 -9.84 -11.37 -4.73
N PRO A 132 -10.03 -12.54 -5.36
CA PRO A 132 -10.12 -12.62 -6.82
C PRO A 132 -11.46 -12.18 -7.39
N ALA A 133 -11.42 -11.38 -8.46
CA ALA A 133 -12.64 -10.98 -9.17
C ALA A 133 -13.03 -12.08 -10.16
N VAL A 134 -13.50 -13.20 -9.62
CA VAL A 134 -13.75 -14.41 -10.39
C VAL A 134 -15.23 -14.59 -10.73
N ALA A 135 -15.50 -15.06 -11.96
CA ALA A 135 -16.85 -15.34 -12.40
C ALA A 135 -17.38 -16.67 -11.84
N ASP A 136 -18.70 -16.80 -11.77
CA ASP A 136 -19.34 -18.04 -11.35
C ASP A 136 -19.12 -19.13 -12.39
N PHE A 137 -18.85 -20.34 -11.92
CA PHE A 137 -18.49 -21.46 -12.80
C PHE A 137 -19.65 -21.94 -13.70
N GLU A 138 -20.86 -21.96 -13.16
CA GLU A 138 -22.04 -22.36 -13.93
C GLU A 138 -22.39 -21.32 -15.01
N CYS A 139 -22.23 -20.05 -14.67
CA CYS A 139 -22.48 -18.94 -15.59
C CYS A 139 -21.48 -18.92 -16.75
N THR A 140 -20.20 -19.12 -16.41
CA THR A 140 -19.12 -19.19 -17.40
C THR A 140 -19.31 -20.37 -18.36
N THR A 141 -19.71 -21.52 -17.79
CA THR A 141 -19.99 -22.72 -18.57
C THR A 141 -21.12 -22.50 -19.57
N ALA A 142 -22.21 -21.87 -19.11
CA ALA A 142 -23.37 -21.60 -19.94
C ALA A 142 -23.06 -20.64 -21.08
N LEU A 143 -22.19 -19.66 -20.83
CA LEU A 143 -21.79 -18.68 -21.83
C LEU A 143 -20.91 -19.30 -22.92
N VAL A 144 -20.02 -20.21 -22.52
CA VAL A 144 -19.14 -20.91 -23.46
C VAL A 144 -19.94 -21.87 -24.36
N GLU A 145 -20.89 -22.58 -23.75
CA GLU A 145 -21.76 -23.51 -24.48
C GLU A 145 -22.71 -22.78 -25.44
N ALA A 146 -23.16 -21.59 -25.03
CA ALA A 146 -24.05 -20.76 -25.86
C ALA A 146 -23.31 -20.17 -27.06
N ALA A 147 -22.02 -19.89 -26.89
CA ALA A 147 -21.18 -19.40 -27.98
C ALA A 147 -20.99 -20.46 -29.06
N LYS A 148 -20.87 -21.72 -28.64
CA LYS A 148 -20.75 -22.84 -29.54
C LYS A 148 -22.07 -23.12 -30.25
N SER A 149 -23.17 -22.86 -29.56
CA SER A 149 -24.53 -23.08 -30.06
C SER A 149 -24.84 -22.25 -31.31
N ILE A 150 -24.34 -21.01 -31.34
CA ILE A 150 -24.55 -20.13 -32.50
C ILE A 150 -23.35 -20.14 -33.46
N GLY A 151 -22.22 -20.67 -32.99
CA GLY A 151 -21.04 -20.82 -33.81
C GLY A 151 -20.22 -19.55 -33.99
N ALA A 152 -19.57 -19.12 -32.91
CA ALA A 152 -18.73 -17.93 -32.94
C ALA A 152 -17.27 -18.27 -32.69
N THR A 153 -16.37 -17.35 -33.05
CA THR A 153 -14.96 -17.46 -32.70
C THR A 153 -14.77 -16.92 -31.28
N THR A 154 -14.48 -17.83 -30.35
CA THR A 154 -14.49 -17.51 -28.93
C THR A 154 -13.12 -17.66 -28.27
N HIS A 155 -12.80 -16.73 -27.37
CA HIS A 155 -11.62 -16.80 -26.52
C HIS A 155 -12.03 -16.69 -25.06
N VAL A 156 -11.43 -17.53 -24.22
CA VAL A 156 -11.74 -17.57 -22.78
C VAL A 156 -10.49 -17.19 -21.97
N GLY A 157 -10.63 -16.24 -21.05
CA GLY A 157 -9.49 -15.79 -20.25
C GLY A 157 -9.71 -14.57 -19.37
N VAL A 158 -8.60 -13.89 -19.07
CA VAL A 158 -8.57 -12.77 -18.11
C VAL A 158 -8.82 -11.41 -18.81
N THR A 159 -9.54 -10.53 -18.12
CA THR A 159 -9.90 -9.20 -18.63
C THR A 159 -9.40 -8.10 -17.70
N ALA A 160 -8.87 -7.01 -18.28
CA ALA A 160 -8.49 -5.83 -17.51
C ALA A 160 -9.68 -4.86 -17.39
N SER A 161 -10.10 -4.60 -16.16
CA SER A 161 -11.29 -3.78 -15.89
C SER A 161 -10.91 -2.45 -15.24
N SER A 162 -11.05 -1.36 -16.00
CA SER A 162 -10.53 -0.05 -15.62
C SER A 162 -11.61 0.98 -15.27
N ASP A 163 -11.30 1.86 -14.32
CA ASP A 163 -12.20 2.94 -13.92
C ASP A 163 -12.19 4.12 -14.91
N THR A 164 -11.26 4.12 -15.86
CA THR A 164 -11.27 5.12 -16.94
C THR A 164 -11.21 4.49 -18.33
N PHE A 165 -11.66 5.25 -19.31
CA PHE A 165 -11.61 4.84 -20.73
C PHE A 165 -10.27 5.23 -21.34
N TYR A 166 -9.68 6.33 -20.84
CA TYR A 166 -8.49 6.90 -21.47
C TYR A 166 -7.14 6.51 -20.81
N PRO A 167 -6.74 7.15 -19.69
CA PRO A 167 -5.40 6.90 -19.14
C PRO A 167 -5.21 5.49 -18.58
N GLY A 168 -6.24 4.93 -17.96
CA GLY A 168 -6.19 3.57 -17.42
C GLY A 168 -6.11 2.49 -18.49
N GLN A 169 -6.37 2.88 -19.74
CA GLN A 169 -6.23 2.00 -20.88
C GLN A 169 -5.09 2.47 -21.80
N GLU A 170 -4.20 3.28 -21.20
CA GLU A 170 -3.04 3.88 -21.88
C GLU A 170 -3.33 4.54 -23.24
N ARG A 171 -4.32 5.43 -23.25
CA ARG A 171 -4.59 6.27 -24.42
C ARG A 171 -3.89 7.61 -24.25
N TYR A 172 -3.13 8.02 -25.27
CA TYR A 172 -2.37 9.27 -25.23
C TYR A 172 -2.98 10.39 -26.08
N ASP A 173 -4.01 10.04 -26.85
CA ASP A 173 -4.72 11.02 -27.69
C ASP A 173 -5.76 11.76 -26.86
N THR A 174 -5.27 12.59 -25.94
CA THR A 174 -6.12 13.29 -24.97
C THR A 174 -5.78 14.78 -24.90
N TYR A 175 -6.50 15.52 -24.06
CA TYR A 175 -6.23 16.94 -23.83
C TYR A 175 -4.85 17.17 -23.23
N SER A 176 -4.48 16.36 -22.25
CA SER A 176 -3.19 16.48 -21.57
C SER A 176 -2.05 15.81 -22.34
N GLY A 177 -2.37 14.69 -22.99
CA GLY A 177 -1.39 13.91 -23.74
C GLY A 177 -0.45 13.11 -22.86
N ARG A 178 -0.78 13.01 -21.57
CA ARG A 178 0.06 12.32 -20.59
C ARG A 178 -0.70 11.19 -19.87
N VAL A 179 0.06 10.21 -19.39
CA VAL A 179 -0.47 9.13 -18.57
C VAL A 179 0.35 9.06 -17.27
N VAL A 180 -0.34 9.06 -16.14
CA VAL A 180 0.29 8.97 -14.82
C VAL A 180 1.24 7.77 -14.71
N ARG A 181 2.30 7.92 -13.92
CA ARG A 181 3.37 6.94 -13.78
C ARG A 181 2.89 5.49 -13.57
N HIS A 182 1.91 5.32 -12.68
CA HIS A 182 1.36 3.99 -12.36
C HIS A 182 0.87 3.21 -13.58
N PHE A 183 0.34 3.93 -14.57
CA PHE A 183 -0.22 3.31 -15.76
C PHE A 183 0.66 3.40 -17.01
N LYS A 184 1.80 4.08 -16.89
CA LYS A 184 2.78 4.14 -17.97
C LYS A 184 3.39 2.75 -18.20
N GLY A 185 3.26 2.26 -19.44
CA GLY A 185 3.75 0.95 -19.81
C GLY A 185 2.91 -0.22 -19.30
N SER A 186 1.70 0.08 -18.83
CA SER A 186 0.83 -0.94 -18.24
C SER A 186 0.22 -1.90 -19.26
N MET A 187 -0.18 -1.37 -20.43
CA MET A 187 -0.76 -2.20 -21.48
C MET A 187 0.18 -3.32 -21.93
N GLU A 188 1.47 -2.98 -22.10
CA GLU A 188 2.50 -3.94 -22.48
C GLU A 188 2.66 -5.06 -21.44
N GLU A 189 2.59 -4.67 -20.16
CA GLU A 189 2.64 -5.62 -19.05
C GLU A 189 1.45 -6.59 -19.06
N TRP A 190 0.24 -6.06 -19.23
CA TRP A 190 -0.96 -6.89 -19.33
C TRP A 190 -0.90 -7.84 -20.54
N GLN A 191 -0.40 -7.33 -21.66
CA GLN A 191 -0.24 -8.12 -22.88
C GLN A 191 0.66 -9.33 -22.66
N ALA A 192 1.78 -9.12 -21.98
CA ALA A 192 2.74 -10.17 -21.68
C ALA A 192 2.18 -11.23 -20.71
N MET A 193 1.22 -10.81 -19.89
CA MET A 193 0.57 -11.69 -18.92
C MET A 193 -0.63 -12.43 -19.51
N GLY A 194 -0.91 -12.20 -20.79
CA GLY A 194 -1.96 -12.90 -21.51
C GLY A 194 -3.37 -12.35 -21.35
N VAL A 195 -3.47 -11.12 -20.82
CA VAL A 195 -4.76 -10.44 -20.67
C VAL A 195 -5.36 -10.15 -22.06
N MET A 196 -6.64 -10.46 -22.22
CA MET A 196 -7.30 -10.41 -23.53
C MET A 196 -7.70 -9.00 -23.98
N ASN A 197 -8.26 -8.21 -23.06
CA ASN A 197 -9.01 -7.01 -23.43
C ASN A 197 -9.21 -6.00 -22.29
N TYR A 198 -9.75 -4.84 -22.64
CA TYR A 198 -10.12 -3.79 -21.70
C TYR A 198 -11.65 -3.59 -21.69
N GLU A 199 -12.22 -3.47 -20.50
CA GLU A 199 -13.56 -2.91 -20.32
C GLU A 199 -13.67 -2.21 -18.95
N MET A 200 -14.88 -1.80 -18.55
CA MET A 200 -15.00 -0.89 -17.42
C MET A 200 -15.90 -1.30 -16.23
N GLU A 201 -16.42 -2.53 -16.23
CA GLU A 201 -17.40 -2.92 -15.21
C GLU A 201 -17.23 -4.30 -14.57
N SER A 202 -16.50 -5.20 -15.22
CA SER A 202 -16.42 -6.61 -14.77
C SER A 202 -15.81 -6.79 -13.38
N ALA A 203 -14.78 -6.02 -13.04
CA ALA A 203 -14.14 -6.13 -11.73
C ALA A 203 -15.09 -5.86 -10.58
N THR A 204 -15.90 -4.81 -10.69
CA THR A 204 -16.90 -4.48 -9.69
C THR A 204 -17.98 -5.57 -9.58
N LEU A 205 -18.56 -5.92 -10.73
CA LEU A 205 -19.61 -6.93 -10.80
C LEU A 205 -19.20 -8.27 -10.22
N LEU A 206 -18.08 -8.81 -10.71
CA LEU A 206 -17.62 -10.15 -10.32
C LEU A 206 -17.21 -10.22 -8.83
N THR A 207 -16.55 -9.18 -8.32
CA THR A 207 -16.14 -9.13 -6.91
C THR A 207 -17.34 -9.04 -5.95
N MET A 208 -18.27 -8.13 -6.24
CA MET A 208 -19.42 -7.94 -5.36
C MET A 208 -20.36 -9.15 -5.33
N CYS A 209 -20.44 -9.87 -6.45
CA CYS A 209 -21.29 -11.07 -6.52
C CYS A 209 -20.65 -12.29 -5.86
N ALA A 210 -19.36 -12.50 -6.14
CA ALA A 210 -18.63 -13.64 -5.58
C ALA A 210 -18.45 -13.57 -4.06
N SER A 211 -18.50 -12.35 -3.51
CA SER A 211 -18.32 -12.16 -2.07
C SER A 211 -19.65 -12.02 -1.31
N GLN A 212 -20.76 -12.19 -2.02
CA GLN A 212 -22.10 -12.04 -1.42
C GLN A 212 -23.06 -13.18 -1.80
N GLY A 213 -22.52 -14.26 -2.35
CA GLY A 213 -23.31 -15.44 -2.68
C GLY A 213 -24.21 -15.31 -3.88
N LEU A 214 -23.86 -14.42 -4.81
CA LEU A 214 -24.61 -14.25 -6.06
C LEU A 214 -23.81 -14.73 -7.27
N ARG A 215 -24.51 -15.32 -8.25
CA ARG A 215 -23.87 -15.85 -9.46
C ARG A 215 -23.74 -14.77 -10.54
N ALA A 216 -22.55 -14.68 -11.15
CA ALA A 216 -22.31 -13.69 -12.20
C ALA A 216 -21.45 -14.23 -13.35
N GLY A 217 -21.76 -13.78 -14.56
CA GLY A 217 -21.02 -14.13 -15.76
C GLY A 217 -20.80 -12.92 -16.66
N MET A 218 -19.78 -12.99 -17.50
CA MET A 218 -19.37 -11.85 -18.34
C MET A 218 -19.03 -12.28 -19.78
N VAL A 219 -19.65 -11.60 -20.75
CA VAL A 219 -19.41 -11.84 -22.18
C VAL A 219 -19.35 -10.52 -22.96
N ALA A 220 -18.45 -10.45 -23.94
CA ALA A 220 -18.25 -9.22 -24.72
C ALA A 220 -17.88 -9.48 -26.18
N GLY A 221 -18.26 -8.53 -27.04
CA GLY A 221 -17.93 -8.57 -28.46
C GLY A 221 -16.84 -7.59 -28.82
N VAL A 222 -15.83 -8.05 -29.55
CA VAL A 222 -14.67 -7.23 -29.93
C VAL A 222 -15.03 -6.31 -31.10
N ILE A 223 -14.97 -5.01 -30.86
CA ILE A 223 -15.27 -4.01 -31.89
C ILE A 223 -14.03 -3.28 -32.39
N VAL A 224 -12.93 -3.41 -31.65
CA VAL A 224 -11.63 -2.85 -32.04
C VAL A 224 -10.47 -3.66 -31.46
N ASN A 225 -9.37 -3.72 -32.20
CA ASN A 225 -8.12 -4.28 -31.69
C ASN A 225 -7.06 -3.18 -31.59
N ARG A 226 -6.54 -2.99 -30.37
CA ARG A 226 -5.60 -1.90 -30.09
C ARG A 226 -4.25 -2.03 -30.81
N THR A 227 -3.87 -3.26 -31.16
CA THR A 227 -2.61 -3.52 -31.86
C THR A 227 -2.75 -3.36 -33.38
N GLN A 228 -4.01 -3.38 -33.86
CA GLN A 228 -4.29 -3.24 -35.29
C GLN A 228 -4.64 -1.80 -35.63
N ALA A 234 -18.38 1.18 -37.99
CA ALA A 234 -19.83 1.25 -37.84
C ALA A 234 -20.53 0.01 -38.39
N GLU A 235 -20.02 -0.50 -39.51
CA GLU A 235 -20.60 -1.67 -40.20
C GLU A 235 -20.55 -2.95 -39.37
N THR A 236 -19.35 -3.37 -38.98
CA THR A 236 -19.15 -4.61 -38.24
C THR A 236 -19.48 -4.44 -36.75
N MET A 237 -19.53 -3.18 -36.31
CA MET A 237 -19.84 -2.85 -34.91
C MET A 237 -21.25 -3.27 -34.50
N LYS A 238 -22.20 -3.10 -35.42
CA LYS A 238 -23.59 -3.49 -35.19
C LYS A 238 -23.79 -5.01 -35.27
N GLN A 239 -23.02 -5.65 -36.14
CA GLN A 239 -23.08 -7.11 -36.33
C GLN A 239 -22.46 -7.87 -35.17
N THR A 240 -21.36 -7.36 -34.64
CA THR A 240 -20.67 -7.96 -33.49
C THR A 240 -21.55 -7.91 -32.23
N GLU A 241 -22.24 -6.80 -32.05
CA GLU A 241 -23.15 -6.62 -30.92
C GLU A 241 -24.37 -7.55 -31.00
N SER A 242 -24.88 -7.74 -32.21
CA SER A 242 -25.98 -8.67 -32.47
C SER A 242 -25.57 -10.12 -32.19
N HIS A 243 -24.33 -10.44 -32.52
CA HIS A 243 -23.75 -11.77 -32.29
C HIS A 243 -23.66 -12.07 -30.80
N ALA A 244 -23.16 -11.11 -30.04
CA ALA A 244 -22.95 -11.25 -28.60
C ALA A 244 -24.26 -11.31 -27.82
N VAL A 245 -25.23 -10.48 -28.22
CA VAL A 245 -26.54 -10.43 -27.57
C VAL A 245 -27.29 -11.76 -27.70
N LYS A 246 -27.16 -12.40 -28.86
CA LYS A 246 -27.75 -13.72 -29.10
C LYS A 246 -27.17 -14.79 -28.16
N ILE A 247 -25.89 -14.65 -27.82
CA ILE A 247 -25.19 -15.58 -26.94
C ILE A 247 -25.66 -15.44 -25.48
N VAL A 248 -25.79 -14.20 -25.01
CA VAL A 248 -26.18 -13.94 -23.61
C VAL A 248 -27.62 -14.37 -23.29
N VAL A 249 -28.50 -14.31 -24.29
CA VAL A 249 -29.89 -14.75 -24.14
C VAL A 249 -29.93 -16.30 -24.13
N GLU A 250 -29.14 -16.91 -25.00
CA GLU A 250 -29.02 -18.37 -25.07
C GLU A 250 -28.38 -18.94 -23.80
N ALA A 251 -27.44 -18.20 -23.21
CA ALA A 251 -26.82 -18.58 -21.96
C ALA A 251 -27.84 -18.54 -20.80
N ALA A 252 -28.68 -17.51 -20.81
CA ALA A 252 -29.74 -17.35 -19.83
C ALA A 252 -30.73 -18.52 -19.85
N ARG A 253 -30.95 -19.08 -21.04
CA ARG A 253 -31.82 -20.24 -21.24
C ARG A 253 -31.36 -21.46 -20.44
N ARG A 254 -30.04 -21.66 -20.39
CA ARG A 254 -29.45 -22.81 -19.73
C ARG A 254 -29.34 -22.63 -18.21
N LEU A 255 -29.61 -21.42 -17.73
CA LEU A 255 -29.46 -21.10 -16.31
C LEU A 255 -30.81 -20.87 -15.60
N LEU A 256 -31.90 -21.15 -16.30
CA LEU A 256 -33.24 -20.98 -15.74
C LEU A 256 -33.58 -22.07 -14.72
N LYS B 6 -21.01 15.00 -37.55
CA LYS B 6 -21.98 14.41 -36.58
C LYS B 6 -21.44 14.38 -35.15
N SER B 7 -20.18 13.94 -35.00
CA SER B 7 -19.52 13.91 -33.69
C SER B 7 -18.01 13.99 -33.82
N ASP B 8 -17.40 14.80 -32.95
CA ASP B 8 -15.94 14.93 -32.89
C ASP B 8 -15.34 14.09 -31.76
N VAL B 9 -16.22 13.47 -30.96
CA VAL B 9 -15.79 12.66 -29.81
C VAL B 9 -16.42 11.26 -29.83
N PHE B 10 -15.90 10.38 -28.98
CA PHE B 10 -16.32 8.97 -28.94
C PHE B 10 -17.68 8.71 -28.30
N HIS B 11 -18.03 9.48 -27.26
CA HIS B 11 -19.22 9.17 -26.47
C HIS B 11 -20.35 10.23 -26.50
N LEU B 12 -19.98 11.51 -26.40
CA LEU B 12 -20.96 12.58 -26.19
C LEU B 12 -21.85 12.90 -27.40
N GLY B 13 -21.35 12.63 -28.59
CA GLY B 13 -22.09 12.90 -29.82
C GLY B 13 -22.17 14.37 -30.16
N LEU B 14 -21.05 15.07 -30.00
CA LEU B 14 -20.99 16.51 -30.24
C LEU B 14 -19.80 16.90 -31.11
N THR B 15 -20.01 17.89 -31.97
CA THR B 15 -18.91 18.53 -32.70
C THR B 15 -18.49 19.80 -31.97
N LYS B 16 -17.28 20.29 -32.23
CA LYS B 16 -16.80 21.53 -31.63
C LYS B 16 -17.65 22.73 -32.05
N ASN B 17 -18.20 22.67 -33.27
CA ASN B 17 -19.10 23.69 -33.80
C ASN B 17 -20.41 23.81 -33.01
N ASP B 18 -20.83 22.71 -32.40
CA ASP B 18 -22.06 22.68 -31.59
C ASP B 18 -21.98 23.61 -30.38
N LEU B 19 -20.78 23.76 -29.81
CA LEU B 19 -20.57 24.56 -28.60
C LEU B 19 -20.64 26.07 -28.85
N GLN B 20 -20.36 26.47 -30.09
CA GLN B 20 -20.38 27.88 -30.52
C GLN B 20 -19.44 28.80 -29.72
N GLY B 21 -18.29 28.24 -29.31
CA GLY B 21 -17.27 28.99 -28.60
C GLY B 21 -17.31 28.89 -27.09
N ALA B 22 -18.20 28.06 -26.56
CA ALA B 22 -18.35 27.89 -25.11
C ALA B 22 -17.09 27.31 -24.47
N THR B 23 -16.74 27.84 -23.29
CA THR B 23 -15.56 27.40 -22.54
C THR B 23 -15.92 26.95 -21.12
N LEU B 24 -17.17 27.19 -20.73
CA LEU B 24 -17.65 26.82 -19.39
C LEU B 24 -18.79 25.82 -19.47
N ALA B 25 -18.79 24.84 -18.56
CA ALA B 25 -19.83 23.82 -18.51
C ALA B 25 -20.31 23.54 -17.08
N ILE B 26 -21.63 23.52 -16.90
CA ILE B 26 -22.23 23.05 -15.67
C ILE B 26 -22.50 21.55 -15.83
N VAL B 27 -22.00 20.76 -14.88
CA VAL B 27 -22.05 19.30 -15.00
C VAL B 27 -22.81 18.60 -13.85
N PRO B 28 -24.10 18.36 -14.05
CA PRO B 28 -24.90 17.59 -13.09
C PRO B 28 -24.76 16.07 -13.31
N GLY B 29 -25.38 15.27 -12.45
CA GLY B 29 -25.30 13.82 -12.55
C GLY B 29 -26.46 13.21 -13.31
N ASP B 30 -27.67 13.72 -13.06
CA ASP B 30 -28.90 13.19 -13.66
C ASP B 30 -29.13 13.78 -15.06
N PRO B 31 -29.23 12.93 -16.07
CA PRO B 31 -29.59 13.36 -17.44
C PRO B 31 -30.93 14.09 -17.51
N ASP B 32 -31.85 13.76 -16.61
CA ASP B 32 -33.19 14.34 -16.61
C ASP B 32 -33.27 15.69 -15.89
N ARG B 33 -32.15 16.11 -15.30
CA ARG B 33 -32.06 17.39 -14.61
C ARG B 33 -31.44 18.48 -15.49
N VAL B 34 -30.89 18.08 -16.64
CA VAL B 34 -30.21 18.97 -17.57
C VAL B 34 -31.12 20.09 -18.10
N GLU B 35 -32.34 19.71 -18.48
CA GLU B 35 -33.33 20.66 -19.02
C GLU B 35 -33.72 21.74 -17.99
N LYS B 36 -33.78 21.35 -16.72
CA LYS B 36 -34.14 22.26 -15.63
C LYS B 36 -33.13 23.40 -15.45
N ILE B 37 -31.85 23.06 -15.53
CA ILE B 37 -30.77 24.05 -15.40
C ILE B 37 -30.69 24.95 -16.64
N ALA B 38 -30.84 24.35 -17.82
CA ALA B 38 -30.78 25.07 -19.10
C ALA B 38 -31.96 26.02 -19.31
N ALA B 39 -33.09 25.71 -18.69
CA ALA B 39 -34.30 26.54 -18.79
C ALA B 39 -34.19 27.86 -18.04
N LEU B 40 -33.25 27.92 -17.09
CA LEU B 40 -32.99 29.13 -16.32
C LEU B 40 -32.27 30.20 -17.14
N MET B 41 -31.52 29.76 -18.15
CA MET B 41 -30.74 30.65 -19.00
C MET B 41 -31.47 30.99 -20.31
N ASP B 42 -30.92 31.91 -21.08
CA ASP B 42 -31.53 32.37 -22.32
C ASP B 42 -31.28 31.43 -23.50
N LYS B 43 -32.26 31.35 -24.39
CA LYS B 43 -32.20 30.52 -25.61
C LYS B 43 -31.69 29.09 -25.39
N PRO B 44 -32.49 28.23 -24.76
CA PRO B 44 -32.10 26.84 -24.53
C PRO B 44 -32.40 25.91 -25.71
N VAL B 45 -31.44 25.05 -26.04
CA VAL B 45 -31.59 24.10 -27.14
C VAL B 45 -30.93 22.75 -26.82
N LYS B 46 -31.59 21.66 -27.21
CA LYS B 46 -31.08 20.30 -27.01
C LYS B 46 -30.11 19.94 -28.15
N LEU B 47 -28.94 19.43 -27.79
CA LEU B 47 -27.92 19.07 -28.76
C LEU B 47 -27.84 17.57 -29.03
N ALA B 48 -27.72 16.77 -27.97
CA ALA B 48 -27.58 15.33 -28.09
C ALA B 48 -28.00 14.57 -26.84
N SER B 49 -28.41 13.31 -27.04
CA SER B 49 -28.71 12.40 -25.94
C SER B 49 -28.20 11.00 -26.27
N HIS B 50 -27.12 10.59 -25.60
CA HIS B 50 -26.53 9.27 -25.80
C HIS B 50 -26.10 8.67 -24.47
N ARG B 51 -26.52 7.43 -24.23
CA ARG B 51 -26.27 6.72 -22.97
C ARG B 51 -26.76 7.58 -21.79
N GLU B 52 -25.89 7.82 -20.82
CA GLU B 52 -26.21 8.65 -19.66
C GLU B 52 -25.85 10.14 -19.89
N PHE B 53 -25.40 10.46 -21.10
CA PHE B 53 -24.93 11.81 -21.42
C PHE B 53 -25.96 12.61 -22.23
N THR B 54 -26.59 13.60 -21.58
CA THR B 54 -27.48 14.54 -22.24
C THR B 54 -26.87 15.93 -22.22
N THR B 55 -26.83 16.58 -23.39
CA THR B 55 -26.20 17.89 -23.53
C THR B 55 -27.15 18.96 -24.07
N TRP B 56 -27.24 20.07 -23.34
CA TRP B 56 -28.02 21.23 -23.75
C TRP B 56 -27.10 22.44 -23.87
N ARG B 57 -27.44 23.37 -24.77
CA ARG B 57 -26.73 24.61 -24.92
C ARG B 57 -27.64 25.80 -24.60
N ALA B 58 -27.10 26.77 -23.88
CA ALA B 58 -27.84 27.98 -23.51
C ALA B 58 -26.97 29.23 -23.58
N GLU B 59 -27.58 30.39 -23.34
CA GLU B 59 -26.87 31.66 -23.36
C GLU B 59 -26.96 32.38 -22.01
N LEU B 60 -25.82 32.87 -21.54
CA LEU B 60 -25.74 33.56 -20.25
C LEU B 60 -24.99 34.87 -20.41
N ASP B 61 -25.70 35.98 -20.20
CA ASP B 61 -25.18 37.35 -20.39
C ASP B 61 -24.55 37.57 -21.76
N GLY B 62 -25.14 36.94 -22.78
CA GLY B 62 -24.66 37.03 -24.16
C GLY B 62 -23.55 36.05 -24.50
N LYS B 63 -23.24 35.15 -23.58
CA LYS B 63 -22.16 34.17 -23.77
C LYS B 63 -22.69 32.73 -23.71
N PRO B 64 -22.27 31.89 -24.65
CA PRO B 64 -22.71 30.49 -24.71
C PRO B 64 -22.20 29.65 -23.53
N VAL B 65 -23.08 28.82 -22.97
CA VAL B 65 -22.75 27.94 -21.86
C VAL B 65 -23.29 26.53 -22.14
N ILE B 66 -22.56 25.51 -21.67
CA ILE B 66 -22.96 24.11 -21.86
C ILE B 66 -23.46 23.50 -20.56
N VAL B 67 -24.52 22.69 -20.68
CA VAL B 67 -24.97 21.83 -19.58
C VAL B 67 -24.92 20.37 -20.05
N CYS B 68 -24.13 19.56 -19.35
CA CYS B 68 -23.92 18.17 -19.74
C CYS B 68 -23.87 17.24 -18.52
N SER B 69 -24.70 16.19 -18.54
CA SER B 69 -24.74 15.22 -17.43
C SER B 69 -23.60 14.22 -17.50
N THR B 70 -23.10 13.84 -16.33
CA THR B 70 -21.96 12.93 -16.21
C THR B 70 -22.39 11.49 -15.87
N GLY B 71 -23.54 11.37 -15.23
CA GLY B 71 -23.99 10.10 -14.68
C GLY B 71 -23.42 9.91 -13.28
N ILE B 72 -23.83 8.82 -12.62
CA ILE B 72 -23.34 8.50 -11.29
C ILE B 72 -21.96 7.88 -11.37
N GLY B 73 -21.02 8.41 -10.60
CA GLY B 73 -19.70 7.82 -10.46
C GLY B 73 -18.60 8.46 -11.27
N GLY B 74 -17.37 8.30 -10.78
CA GLY B 74 -16.17 8.83 -11.42
C GLY B 74 -15.86 8.35 -12.83
N PRO B 75 -16.03 7.05 -13.11
CA PRO B 75 -15.77 6.52 -14.46
C PRO B 75 -16.48 7.26 -15.60
N SER B 76 -17.80 7.43 -15.51
CA SER B 76 -18.54 8.13 -16.56
C SER B 76 -18.28 9.64 -16.51
N THR B 77 -17.98 10.16 -15.32
CA THR B 77 -17.59 11.56 -15.14
C THR B 77 -16.27 11.85 -15.86
N SER B 78 -15.32 10.93 -15.77
CA SER B 78 -14.01 11.09 -16.40
C SER B 78 -14.12 11.11 -17.94
N ILE B 79 -15.08 10.38 -18.48
CA ILE B 79 -15.34 10.37 -19.93
C ILE B 79 -15.93 11.71 -20.38
N ALA B 80 -16.94 12.19 -19.64
CA ALA B 80 -17.60 13.45 -19.96
C ALA B 80 -16.66 14.66 -19.89
N VAL B 81 -15.84 14.70 -18.84
CA VAL B 81 -14.91 15.81 -18.62
C VAL B 81 -13.81 15.85 -19.69
N GLU B 82 -13.22 14.68 -19.99
CA GLU B 82 -12.17 14.58 -21.01
C GLU B 82 -12.67 15.02 -22.39
N GLU B 83 -13.86 14.55 -22.77
CA GLU B 83 -14.39 14.81 -24.11
C GLU B 83 -14.92 16.24 -24.27
N LEU B 84 -15.34 16.86 -23.17
CA LEU B 84 -15.72 18.26 -23.17
C LEU B 84 -14.49 19.16 -23.27
N ALA B 85 -13.41 18.76 -22.60
CA ALA B 85 -12.13 19.48 -22.66
C ALA B 85 -11.54 19.46 -24.06
N GLN B 86 -11.69 18.32 -24.75
CA GLN B 86 -11.29 18.17 -26.15
C GLN B 86 -12.05 19.14 -27.05
N LEU B 87 -13.30 19.44 -26.70
CA LEU B 87 -14.15 20.35 -27.46
C LEU B 87 -13.99 21.82 -27.05
N GLY B 88 -13.13 22.07 -26.07
CA GLY B 88 -12.77 23.44 -25.71
C GLY B 88 -13.19 23.95 -24.34
N ILE B 89 -13.88 23.13 -23.56
CA ILE B 89 -14.30 23.52 -22.21
C ILE B 89 -13.11 23.57 -21.25
N ARG B 90 -13.01 24.65 -20.49
CA ARG B 90 -11.88 24.88 -19.59
C ARG B 90 -12.30 25.06 -18.12
N THR B 91 -13.59 25.31 -17.89
CA THR B 91 -14.13 25.48 -16.54
C THR B 91 -15.33 24.58 -16.32
N PHE B 92 -15.31 23.85 -15.19
CA PHE B 92 -16.36 22.89 -14.86
C PHE B 92 -16.97 23.20 -13.49
N LEU B 93 -18.31 23.28 -13.46
CA LEU B 93 -19.03 23.47 -12.20
C LEU B 93 -20.04 22.34 -11.98
N ARG B 94 -19.86 21.60 -10.89
CA ARG B 94 -20.73 20.48 -10.57
C ARG B 94 -21.81 20.86 -9.56
N ILE B 95 -23.02 20.37 -9.81
CA ILE B 95 -24.14 20.50 -8.88
C ILE B 95 -24.81 19.13 -8.64
N GLY B 96 -25.19 18.85 -7.40
CA GLY B 96 -25.82 17.59 -7.05
C GLY B 96 -26.51 17.58 -5.70
N THR B 97 -27.04 16.41 -5.32
CA THR B 97 -27.66 16.20 -4.02
C THR B 97 -26.69 15.45 -3.12
N THR B 98 -26.87 15.57 -1.81
CA THR B 98 -25.96 14.94 -0.85
C THR B 98 -26.61 14.58 0.48
N GLY B 99 -25.94 13.69 1.23
CA GLY B 99 -26.35 13.33 2.57
C GLY B 99 -25.31 13.81 3.58
N ALA B 100 -25.74 14.66 4.51
CA ALA B 100 -24.86 15.22 5.53
C ALA B 100 -24.62 14.23 6.67
N ILE B 101 -23.43 14.30 7.26
CA ILE B 101 -23.06 13.43 8.38
C ILE B 101 -22.76 14.20 9.68
N GLN B 102 -22.91 15.52 9.63
CA GLN B 102 -22.70 16.37 10.81
C GLN B 102 -24.05 16.79 11.42
N PRO B 103 -24.16 16.74 12.75
CA PRO B 103 -25.41 17.07 13.45
C PRO B 103 -25.88 18.52 13.25
N HIS B 104 -24.94 19.44 13.02
CA HIS B 104 -25.28 20.87 12.90
C HIS B 104 -25.75 21.28 11.49
N ILE B 105 -25.52 20.43 10.51
CA ILE B 105 -25.97 20.69 9.14
C ILE B 105 -27.39 20.14 8.92
N ASN B 106 -28.30 21.01 8.49
CA ASN B 106 -29.71 20.64 8.33
C ASN B 106 -30.12 20.41 6.88
N VAL B 107 -31.28 19.76 6.70
CA VAL B 107 -31.86 19.54 5.38
C VAL B 107 -32.27 20.87 4.75
N GLY B 108 -31.77 21.12 3.54
CA GLY B 108 -32.03 22.36 2.84
C GLY B 108 -30.81 23.28 2.76
N ASP B 109 -29.77 22.95 3.53
CA ASP B 109 -28.53 23.71 3.53
C ASP B 109 -27.73 23.49 2.24
N VAL B 110 -26.83 24.43 1.95
CA VAL B 110 -25.97 24.35 0.78
C VAL B 110 -24.52 24.15 1.21
N LEU B 111 -23.81 23.25 0.54
CA LEU B 111 -22.41 22.97 0.85
C LEU B 111 -21.48 23.26 -0.31
N VAL B 112 -20.38 23.95 -0.03
CA VAL B 112 -19.33 24.22 -1.02
C VAL B 112 -18.07 23.45 -0.61
N THR B 113 -17.59 22.60 -1.51
CA THR B 113 -16.45 21.72 -1.26
C THR B 113 -15.12 22.37 -1.62
N THR B 114 -14.24 22.50 -0.62
CA THR B 114 -12.88 22.98 -0.86
C THR B 114 -12.01 21.85 -1.42
N ALA B 115 -12.14 20.67 -0.83
CA ALA B 115 -11.40 19.47 -1.24
C ALA B 115 -12.10 18.20 -0.77
N SER B 116 -11.76 17.07 -1.38
CA SER B 116 -12.47 15.81 -1.13
C SER B 116 -11.58 14.67 -0.64
N VAL B 117 -12.14 13.83 0.23
CA VAL B 117 -11.50 12.57 0.64
C VAL B 117 -11.68 11.56 -0.49
N ARG B 118 -10.56 11.02 -0.97
CA ARG B 118 -10.55 10.17 -2.17
C ARG B 118 -10.86 8.70 -1.87
N LEU B 119 -12.16 8.38 -1.85
CA LEU B 119 -12.61 6.99 -1.66
C LEU B 119 -13.07 6.40 -3.00
N ASP B 120 -12.41 6.84 -4.07
CA ASP B 120 -12.73 6.43 -5.43
C ASP B 120 -11.54 5.74 -6.11
N GLY B 121 -11.75 5.25 -7.32
CA GLY B 121 -10.70 4.61 -8.10
C GLY B 121 -10.21 5.43 -9.28
N ALA B 122 -11.10 6.22 -9.88
CA ALA B 122 -10.77 6.97 -11.10
C ALA B 122 -9.73 8.08 -10.89
N SER B 123 -9.74 8.71 -9.70
CA SER B 123 -8.79 9.77 -9.38
C SER B 123 -7.33 9.30 -9.46
N LEU B 124 -7.11 8.03 -9.11
CA LEU B 124 -5.78 7.42 -9.12
C LEU B 124 -5.21 7.27 -10.54
N HIS B 125 -6.08 7.31 -11.53
CA HIS B 125 -5.68 7.21 -12.95
C HIS B 125 -5.14 8.53 -13.48
N PHE B 126 -5.19 9.58 -12.66
CA PHE B 126 -4.71 10.91 -13.05
C PHE B 126 -3.57 11.39 -12.17
N ALA B 127 -3.63 11.06 -10.88
CA ALA B 127 -2.62 11.45 -9.90
C ALA B 127 -2.57 10.43 -8.76
N PRO B 128 -1.39 10.20 -8.19
CA PRO B 128 -1.24 9.30 -7.04
C PRO B 128 -2.02 9.81 -5.82
N LEU B 129 -2.28 8.93 -4.85
CA LEU B 129 -3.15 9.24 -3.71
C LEU B 129 -2.72 10.46 -2.89
N GLU B 130 -1.41 10.69 -2.80
CA GLU B 130 -0.84 11.81 -2.04
C GLU B 130 -1.22 13.20 -2.58
N PHE B 131 -1.61 13.26 -3.86
CA PHE B 131 -2.08 14.49 -4.50
C PHE B 131 -3.48 14.87 -3.98
N PRO B 132 -3.67 16.14 -3.61
CA PRO B 132 -4.96 16.58 -3.05
C PRO B 132 -6.06 16.75 -4.08
N ALA B 133 -7.27 16.27 -3.75
CA ALA B 133 -8.44 16.46 -4.59
C ALA B 133 -9.07 17.83 -4.32
N VAL B 134 -8.34 18.88 -4.70
CA VAL B 134 -8.69 20.27 -4.35
C VAL B 134 -9.41 21.01 -5.48
N ALA B 135 -10.37 21.85 -5.08
CA ALA B 135 -11.11 22.70 -6.02
C ALA B 135 -10.33 23.96 -6.36
N ASP B 136 -10.63 24.53 -7.52
CA ASP B 136 -10.04 25.81 -7.95
C ASP B 136 -10.51 26.95 -7.05
N PHE B 137 -9.59 27.84 -6.70
CA PHE B 137 -9.84 28.95 -5.79
C PHE B 137 -10.86 29.96 -6.33
N GLU B 138 -10.76 30.28 -7.62
CA GLU B 138 -11.68 31.22 -8.26
C GLU B 138 -13.10 30.66 -8.35
N CYS B 139 -13.19 29.36 -8.63
CA CYS B 139 -14.48 28.67 -8.72
C CYS B 139 -15.15 28.57 -7.34
N THR B 140 -14.37 28.22 -6.32
CA THR B 140 -14.85 28.14 -4.94
C THR B 140 -15.33 29.50 -4.42
N THR B 141 -14.56 30.55 -4.70
CA THR B 141 -14.90 31.92 -4.29
C THR B 141 -16.23 32.37 -4.93
N ALA B 142 -16.43 32.04 -6.20
CA ALA B 142 -17.64 32.42 -6.93
C ALA B 142 -18.88 31.69 -6.41
N LEU B 143 -18.70 30.45 -5.98
CA LEU B 143 -19.80 29.64 -5.45
C LEU B 143 -20.26 30.13 -4.07
N VAL B 144 -19.31 30.52 -3.23
CA VAL B 144 -19.60 31.04 -1.89
C VAL B 144 -20.28 32.41 -1.97
N GLU B 145 -19.77 33.27 -2.86
CA GLU B 145 -20.32 34.61 -3.06
C GLU B 145 -21.72 34.59 -3.65
N ALA B 146 -21.97 33.63 -4.55
CA ALA B 146 -23.29 33.44 -5.16
C ALA B 146 -24.32 32.93 -4.17
N ALA B 147 -23.87 32.09 -3.23
CA ALA B 147 -24.72 31.57 -2.17
C ALA B 147 -25.15 32.66 -1.19
N LYS B 148 -24.25 33.61 -0.94
CA LYS B 148 -24.54 34.75 -0.08
C LYS B 148 -25.40 35.78 -0.80
N SER B 149 -25.29 35.80 -2.14
CA SER B 149 -26.05 36.71 -2.98
C SER B 149 -27.55 36.42 -2.95
N ILE B 150 -27.91 35.14 -3.07
CA ILE B 150 -29.32 34.73 -3.03
C ILE B 150 -29.81 34.47 -1.60
N GLY B 151 -28.87 34.35 -0.67
CA GLY B 151 -29.18 34.15 0.73
C GLY B 151 -29.52 32.71 1.07
N ALA B 152 -28.51 31.97 1.56
CA ALA B 152 -28.70 30.58 1.96
C ALA B 152 -27.83 30.25 3.17
N THR B 153 -28.19 29.17 3.87
CA THR B 153 -27.37 28.64 4.96
C THR B 153 -26.27 27.78 4.35
N THR B 154 -25.04 28.30 4.38
CA THR B 154 -23.92 27.68 3.67
C THR B 154 -22.81 27.21 4.61
N HIS B 155 -22.26 26.03 4.30
CA HIS B 155 -21.10 25.49 5.00
C HIS B 155 -20.00 25.18 4.00
N VAL B 156 -18.77 25.56 4.32
CA VAL B 156 -17.61 25.33 3.46
C VAL B 156 -16.63 24.38 4.12
N GLY B 157 -16.22 23.33 3.40
CA GLY B 157 -15.30 22.34 3.95
C GLY B 157 -15.04 21.11 3.09
N VAL B 158 -14.78 19.99 3.77
CA VAL B 158 -14.35 18.75 3.14
C VAL B 158 -15.50 17.76 2.92
N THR B 159 -15.48 17.10 1.76
CA THR B 159 -16.49 16.12 1.37
C THR B 159 -15.86 14.73 1.20
N ALA B 160 -16.57 13.68 1.64
CA ALA B 160 -16.15 12.31 1.40
C ALA B 160 -16.79 11.78 0.11
N SER B 161 -15.94 11.46 -0.87
CA SER B 161 -16.41 11.06 -2.20
C SER B 161 -16.19 9.56 -2.44
N SER B 162 -17.29 8.80 -2.41
CA SER B 162 -17.23 7.34 -2.42
C SER B 162 -17.57 6.71 -3.77
N ASP B 163 -16.94 5.58 -4.06
CA ASP B 163 -17.21 4.82 -5.28
C ASP B 163 -18.50 3.97 -5.18
N THR B 164 -19.06 3.85 -3.97
CA THR B 164 -20.35 3.19 -3.79
C THR B 164 -21.35 4.05 -3.01
N PHE B 165 -22.64 3.72 -3.16
CA PHE B 165 -23.71 4.36 -2.41
C PHE B 165 -23.94 3.65 -1.06
N TYR B 166 -23.70 2.34 -1.03
CA TYR B 166 -24.06 1.54 0.14
C TYR B 166 -22.92 1.25 1.13
N PRO B 167 -22.02 0.29 0.85
CA PRO B 167 -20.99 -0.07 1.84
C PRO B 167 -19.97 1.04 2.10
N GLY B 168 -19.61 1.80 1.07
CA GLY B 168 -18.65 2.88 1.19
C GLY B 168 -19.16 4.07 2.00
N GLN B 169 -20.48 4.15 2.14
CA GLN B 169 -21.12 5.18 2.97
C GLN B 169 -21.69 4.56 4.25
N GLU B 170 -21.21 3.36 4.56
CA GLU B 170 -21.62 2.57 5.74
C GLU B 170 -23.13 2.41 5.94
N ARG B 171 -23.80 1.96 4.88
CA ARG B 171 -25.21 1.59 4.96
C ARG B 171 -25.31 0.08 5.22
N TYR B 172 -26.10 -0.29 6.23
CA TYR B 172 -26.24 -1.68 6.64
C TYR B 172 -27.58 -2.31 6.23
N ASP B 173 -28.54 -1.48 5.84
CA ASP B 173 -29.85 -1.95 5.38
C ASP B 173 -29.76 -2.42 3.93
N THR B 174 -29.05 -3.52 3.72
CA THR B 174 -28.75 -4.04 2.39
C THR B 174 -29.07 -5.54 2.29
N TYR B 175 -28.83 -6.12 1.12
CA TYR B 175 -29.03 -7.54 0.88
C TYR B 175 -28.17 -8.42 1.79
N SER B 176 -26.89 -8.07 1.91
CA SER B 176 -25.95 -8.84 2.74
C SER B 176 -25.97 -8.42 4.20
N GLY B 177 -26.22 -7.14 4.46
CA GLY B 177 -26.20 -6.60 5.81
C GLY B 177 -24.82 -6.48 6.42
N ARG B 178 -23.79 -6.57 5.58
CA ARG B 178 -22.40 -6.50 6.04
C ARG B 178 -21.62 -5.37 5.33
N VAL B 179 -20.58 -4.89 6.01
CA VAL B 179 -19.66 -3.90 5.44
C VAL B 179 -18.23 -4.41 5.62
N VAL B 180 -17.45 -4.37 4.54
CA VAL B 180 -16.06 -4.84 4.53
C VAL B 180 -15.22 -4.14 5.61
N ARG B 181 -14.25 -4.88 6.16
CA ARG B 181 -13.43 -4.40 7.28
C ARG B 181 -12.91 -2.96 7.11
N HIS B 182 -12.47 -2.63 5.91
CA HIS B 182 -11.88 -1.33 5.59
C HIS B 182 -12.83 -0.15 5.86
N PHE B 183 -14.12 -0.35 5.64
CA PHE B 183 -15.10 0.72 5.79
C PHE B 183 -15.94 0.60 7.07
N LYS B 184 -15.68 -0.44 7.86
CA LYS B 184 -16.34 -0.61 9.16
C LYS B 184 -15.86 0.45 10.13
N GLY B 185 -16.80 1.27 10.61
CA GLY B 185 -16.50 2.36 11.52
C GLY B 185 -15.97 3.62 10.84
N SER B 186 -15.98 3.63 9.51
CA SER B 186 -15.42 4.75 8.74
C SER B 186 -16.19 6.06 8.87
N MET B 187 -17.52 5.99 8.93
CA MET B 187 -18.35 7.20 9.06
C MET B 187 -18.04 7.98 10.34
N GLU B 188 -17.93 7.26 11.45
CA GLU B 188 -17.56 7.86 12.75
C GLU B 188 -16.22 8.57 12.68
N GLU B 189 -15.28 7.99 11.93
CA GLU B 189 -13.96 8.58 11.72
C GLU B 189 -14.03 9.89 10.94
N TRP B 190 -14.74 9.89 9.81
CA TRP B 190 -14.92 11.10 9.00
C TRP B 190 -15.65 12.20 9.79
N GLN B 191 -16.62 11.79 10.62
CA GLN B 191 -17.35 12.71 11.48
C GLN B 191 -16.42 13.45 12.44
N ALA B 192 -15.53 12.71 13.09
CA ALA B 192 -14.56 13.27 14.03
C ALA B 192 -13.55 14.19 13.34
N MET B 193 -13.29 13.93 12.06
CA MET B 193 -12.34 14.71 11.28
C MET B 193 -12.93 15.99 10.67
N GLY B 194 -14.23 16.16 10.85
CA GLY B 194 -14.92 17.38 10.40
C GLY B 194 -15.49 17.34 9.00
N VAL B 195 -15.51 16.15 8.39
CA VAL B 195 -16.09 15.96 7.05
C VAL B 195 -17.60 16.23 7.07
N MET B 196 -18.07 16.97 6.07
CA MET B 196 -19.46 17.44 6.04
C MET B 196 -20.48 16.40 5.55
N ASN B 197 -20.12 15.68 4.49
CA ASN B 197 -21.11 14.93 3.71
C ASN B 197 -20.53 13.82 2.82
N TYR B 198 -21.44 13.01 2.25
CA TYR B 198 -21.11 11.98 1.28
C TYR B 198 -21.71 12.31 -0.09
N GLU B 199 -20.90 12.22 -1.14
CA GLU B 199 -21.39 12.13 -2.52
C GLU B 199 -20.50 11.20 -3.33
N MET B 200 -20.63 11.17 -4.67
CA MET B 200 -20.00 10.11 -5.45
C MET B 200 -19.14 10.51 -6.68
N GLU B 201 -18.92 11.81 -6.88
CA GLU B 201 -18.18 12.24 -8.09
C GLU B 201 -17.06 13.28 -7.87
N SER B 202 -17.09 13.99 -6.75
CA SER B 202 -16.18 15.13 -6.52
C SER B 202 -14.69 14.77 -6.53
N ALA B 203 -14.33 13.62 -5.96
CA ALA B 203 -12.94 13.18 -5.92
C ALA B 203 -12.34 13.02 -7.32
N THR B 204 -13.10 12.41 -8.23
CA THR B 204 -12.66 12.22 -9.60
C THR B 204 -12.55 13.54 -10.36
N LEU B 205 -13.61 14.36 -10.27
CA LEU B 205 -13.67 15.63 -10.98
C LEU B 205 -12.55 16.59 -10.56
N LEU B 206 -12.38 16.77 -9.26
CA LEU B 206 -11.42 17.74 -8.72
C LEU B 206 -9.95 17.33 -8.95
N THR B 207 -9.66 16.04 -8.81
CA THR B 207 -8.31 15.51 -9.05
C THR B 207 -7.89 15.66 -10.52
N MET B 208 -8.76 15.19 -11.42
CA MET B 208 -8.47 15.20 -12.85
C MET B 208 -8.34 16.61 -13.44
N CYS B 209 -9.06 17.58 -12.88
CA CYS B 209 -9.00 18.96 -13.34
C CYS B 209 -7.76 19.68 -12.79
N ALA B 210 -7.48 19.52 -11.50
CA ALA B 210 -6.35 20.17 -10.84
C ALA B 210 -4.99 19.68 -11.34
N SER B 211 -4.95 18.44 -11.83
CA SER B 211 -3.71 17.84 -12.31
C SER B 211 -3.53 17.96 -13.84
N GLN B 212 -4.45 18.66 -14.50
CA GLN B 212 -4.40 18.83 -15.95
C GLN B 212 -4.62 20.28 -16.42
N GLY B 213 -4.60 21.21 -15.46
CA GLY B 213 -4.73 22.63 -15.77
C GLY B 213 -6.13 23.11 -16.11
N LEU B 214 -7.12 22.49 -15.48
CA LEU B 214 -8.52 22.86 -15.67
C LEU B 214 -9.14 23.34 -14.35
N ARG B 215 -10.08 24.28 -14.45
CA ARG B 215 -10.73 24.87 -13.28
C ARG B 215 -12.02 24.11 -12.92
N ALA B 216 -12.17 23.79 -11.65
CA ALA B 216 -13.32 23.02 -11.18
C ALA B 216 -13.88 23.49 -9.83
N GLY B 217 -15.20 23.46 -9.72
CA GLY B 217 -15.90 23.83 -8.49
C GLY B 217 -17.00 22.86 -8.16
N MET B 218 -17.34 22.75 -6.88
CA MET B 218 -18.33 21.78 -6.40
C MET B 218 -19.32 22.38 -5.41
N VAL B 219 -20.61 22.21 -5.71
CA VAL B 219 -21.70 22.67 -4.84
C VAL B 219 -22.82 21.62 -4.74
N ALA B 220 -23.45 21.53 -3.58
CA ALA B 220 -24.50 20.53 -3.33
C ALA B 220 -25.56 20.98 -2.33
N GLY B 221 -26.77 20.44 -2.47
CA GLY B 221 -27.85 20.68 -1.54
C GLY B 221 -28.13 19.49 -0.66
N VAL B 222 -28.27 19.74 0.63
CA VAL B 222 -28.54 18.68 1.62
C VAL B 222 -30.01 18.26 1.56
N ILE B 223 -30.24 16.99 1.25
CA ILE B 223 -31.59 16.44 1.19
C ILE B 223 -31.88 15.44 2.31
N VAL B 224 -30.81 14.99 2.98
CA VAL B 224 -30.92 14.05 4.09
C VAL B 224 -29.77 14.24 5.09
N ASN B 225 -30.08 14.02 6.38
CA ASN B 225 -29.05 13.98 7.42
C ASN B 225 -28.99 12.57 8.01
N ARG B 226 -27.80 11.98 7.94
CA ARG B 226 -27.59 10.58 8.35
C ARG B 226 -27.75 10.34 9.85
N THR B 227 -27.53 11.38 10.66
CA THR B 227 -27.70 11.27 12.11
C THR B 227 -29.17 11.43 12.53
N GLN B 228 -30.01 11.91 11.60
CA GLN B 228 -31.41 12.21 11.90
C GLN B 228 -32.40 11.27 11.19
N GLN B 229 -32.05 10.82 10.00
CA GLN B 229 -32.93 10.00 9.16
C GLN B 229 -32.17 9.25 8.06
N GLU B 230 -32.89 8.42 7.31
CA GLU B 230 -32.28 7.66 6.21
C GLU B 230 -32.99 7.90 4.87
N ILE B 231 -34.30 8.14 4.92
CA ILE B 231 -35.11 8.40 3.72
C ILE B 231 -35.41 9.89 3.59
N PRO B 232 -35.05 10.48 2.44
CA PRO B 232 -35.28 11.92 2.20
C PRO B 232 -36.74 12.25 1.94
N ASN B 233 -37.15 13.44 2.36
CA ASN B 233 -38.48 13.97 2.05
C ASN B 233 -38.49 14.51 0.62
N ALA B 234 -39.43 14.00 -0.19
CA ALA B 234 -39.49 14.33 -1.61
C ALA B 234 -39.88 15.78 -1.89
N GLU B 235 -40.65 16.37 -0.98
CA GLU B 235 -41.08 17.76 -1.09
C GLU B 235 -39.89 18.72 -0.88
N THR B 236 -39.12 18.48 0.16
CA THR B 236 -37.95 19.31 0.49
C THR B 236 -36.81 19.16 -0.53
N MET B 237 -36.71 17.98 -1.14
CA MET B 237 -35.72 17.73 -2.18
C MET B 237 -35.96 18.63 -3.40
N LYS B 238 -37.22 18.76 -3.79
CA LYS B 238 -37.64 19.61 -4.90
C LYS B 238 -37.22 21.07 -4.69
N GLN B 239 -37.44 21.57 -3.48
CA GLN B 239 -37.11 22.96 -3.13
C GLN B 239 -35.61 23.21 -3.01
N THR B 240 -34.90 22.24 -2.45
CA THR B 240 -33.45 22.32 -2.30
C THR B 240 -32.75 22.26 -3.66
N GLU B 241 -33.27 21.45 -4.57
CA GLU B 241 -32.75 21.33 -5.93
C GLU B 241 -32.83 22.64 -6.69
N SER B 242 -33.99 23.32 -6.58
CA SER B 242 -34.21 24.62 -7.22
C SER B 242 -33.33 25.72 -6.61
N HIS B 243 -33.09 25.60 -5.30
CA HIS B 243 -32.21 26.51 -4.57
C HIS B 243 -30.76 26.38 -5.04
N ALA B 244 -30.29 25.15 -5.18
CA ALA B 244 -28.91 24.86 -5.59
C ALA B 244 -28.63 25.24 -7.05
N VAL B 245 -29.62 25.04 -7.91
CA VAL B 245 -29.51 25.36 -9.34
C VAL B 245 -29.32 26.87 -9.54
N LYS B 246 -30.03 27.68 -8.77
CA LYS B 246 -29.92 29.13 -8.82
C LYS B 246 -28.52 29.63 -8.47
N ILE B 247 -27.88 28.95 -7.52
CA ILE B 247 -26.53 29.29 -7.06
C ILE B 247 -25.47 28.97 -8.12
N VAL B 248 -25.55 27.79 -8.72
CA VAL B 248 -24.57 27.36 -9.72
C VAL B 248 -24.60 28.19 -11.01
N VAL B 249 -25.77 28.72 -11.35
CA VAL B 249 -25.93 29.60 -12.51
C VAL B 249 -25.35 30.98 -12.20
N GLU B 250 -25.61 31.47 -10.98
CA GLU B 250 -25.09 32.75 -10.52
C GLU B 250 -23.56 32.74 -10.39
N ALA B 251 -23.02 31.58 -10.00
CA ALA B 251 -21.57 31.38 -9.91
C ALA B 251 -20.93 31.34 -11.29
N ALA B 252 -21.65 30.77 -12.25
CA ALA B 252 -21.18 30.70 -13.64
C ALA B 252 -21.09 32.09 -14.27
N ARG B 253 -21.97 32.99 -13.85
CA ARG B 253 -21.99 34.37 -14.33
C ARG B 253 -20.72 35.12 -13.93
N ARG B 254 -20.21 34.83 -12.74
CA ARG B 254 -19.02 35.49 -12.19
C ARG B 254 -17.72 35.00 -12.82
N LEU B 255 -17.76 33.87 -13.51
CA LEU B 255 -16.55 33.23 -14.04
C LEU B 255 -16.41 33.27 -15.56
N LEU B 256 -17.36 33.92 -16.24
CA LEU B 256 -17.32 34.04 -17.70
C LEU B 256 -16.42 35.18 -18.15
N SER C 7 22.02 -32.97 -15.59
CA SER C 7 20.72 -32.26 -15.40
C SER C 7 20.63 -31.00 -16.26
N ASP C 8 19.42 -30.73 -16.76
CA ASP C 8 19.15 -29.54 -17.55
C ASP C 8 18.71 -28.36 -16.67
N VAL C 9 18.42 -28.64 -15.41
CA VAL C 9 17.90 -27.63 -14.47
C VAL C 9 18.67 -27.59 -13.14
N PHE C 10 18.44 -26.55 -12.34
CA PHE C 10 19.22 -26.29 -11.13
C PHE C 10 18.86 -27.15 -9.91
N HIS C 11 17.61 -27.57 -9.81
CA HIS C 11 17.12 -28.22 -8.58
C HIS C 11 16.57 -29.64 -8.75
N LEU C 12 15.86 -29.87 -9.85
CA LEU C 12 15.10 -31.11 -10.02
C LEU C 12 15.93 -32.34 -10.40
N GLY C 13 17.11 -32.11 -11.00
CA GLY C 13 17.98 -33.19 -11.42
C GLY C 13 17.43 -33.99 -12.60
N LEU C 14 16.82 -33.29 -13.56
CA LEU C 14 16.20 -33.91 -14.72
C LEU C 14 16.68 -33.31 -16.03
N THR C 15 16.66 -34.13 -17.09
CA THR C 15 16.93 -33.66 -18.45
C THR C 15 15.64 -33.74 -19.27
N LYS C 16 15.60 -33.01 -20.39
CA LYS C 16 14.44 -33.01 -21.29
C LYS C 16 14.08 -34.40 -21.79
N ASN C 17 15.10 -35.22 -22.04
CA ASN C 17 14.89 -36.58 -22.52
C ASN C 17 14.30 -37.54 -21.48
N ASP C 18 14.47 -37.22 -20.21
CA ASP C 18 13.85 -37.97 -19.11
C ASP C 18 12.33 -37.97 -19.19
N LEU C 19 11.76 -36.85 -19.64
CA LEU C 19 10.31 -36.66 -19.70
C LEU C 19 9.66 -37.41 -20.87
N GLN C 20 10.45 -37.71 -21.89
CA GLN C 20 10.01 -38.48 -23.06
C GLN C 20 8.81 -37.87 -23.80
N GLY C 21 8.71 -36.53 -23.77
CA GLY C 21 7.67 -35.82 -24.49
C GLY C 21 6.45 -35.42 -23.67
N ALA C 22 6.52 -35.62 -22.35
CA ALA C 22 5.42 -35.26 -21.46
C ALA C 22 5.15 -33.76 -21.44
N THR C 23 3.87 -33.39 -21.40
CA THR C 23 3.46 -31.98 -21.31
C THR C 23 2.57 -31.70 -20.09
N LEU C 24 2.17 -32.76 -19.39
CA LEU C 24 1.31 -32.65 -18.22
C LEU C 24 1.98 -33.23 -16.97
N ALA C 25 1.83 -32.51 -15.85
CA ALA C 25 2.35 -32.96 -14.56
C ALA C 25 1.31 -32.84 -13.44
N ILE C 26 1.24 -33.86 -12.59
CA ILE C 26 0.48 -33.80 -11.35
C ILE C 26 1.46 -33.42 -10.25
N VAL C 27 1.11 -32.37 -9.49
CA VAL C 27 2.05 -31.78 -8.53
C VAL C 27 1.53 -31.75 -7.07
N PRO C 28 1.77 -32.84 -6.33
CA PRO C 28 1.44 -32.88 -4.90
C PRO C 28 2.51 -32.17 -4.05
N GLY C 29 2.24 -32.02 -2.76
CA GLY C 29 3.18 -31.38 -1.85
C GLY C 29 4.17 -32.35 -1.23
N ASP C 30 3.68 -33.52 -0.84
CA ASP C 30 4.49 -34.53 -0.13
C ASP C 30 5.27 -35.42 -1.09
N PRO C 31 6.60 -35.43 -0.97
CA PRO C 31 7.46 -36.34 -1.75
C PRO C 31 7.07 -37.82 -1.64
N ASP C 32 6.53 -38.22 -0.49
CA ASP C 32 6.14 -39.62 -0.26
C ASP C 32 4.86 -40.02 -1.00
N ARG C 33 4.07 -39.03 -1.40
CA ARG C 33 2.81 -39.27 -2.10
C ARG C 33 2.97 -39.46 -3.62
N VAL C 34 4.18 -39.17 -4.13
CA VAL C 34 4.47 -39.23 -5.55
C VAL C 34 4.35 -40.66 -6.11
N GLU C 35 4.94 -41.62 -5.41
CA GLU C 35 4.87 -43.03 -5.80
C GLU C 35 3.43 -43.53 -5.82
N LYS C 36 2.63 -43.08 -4.86
CA LYS C 36 1.24 -43.53 -4.71
C LYS C 36 0.34 -43.06 -5.85
N ILE C 37 0.59 -41.86 -6.37
CA ILE C 37 -0.16 -41.32 -7.50
C ILE C 37 0.27 -42.01 -8.81
N ALA C 38 1.58 -42.18 -8.97
CA ALA C 38 2.16 -42.82 -10.16
C ALA C 38 1.74 -44.28 -10.31
N ALA C 39 1.51 -44.95 -9.19
CA ALA C 39 1.13 -46.36 -9.18
C ALA C 39 -0.26 -46.65 -9.77
N LEU C 40 -1.09 -45.60 -9.85
CA LEU C 40 -2.41 -45.72 -10.45
C LEU C 40 -2.35 -45.77 -11.98
N MET C 41 -1.27 -45.25 -12.54
CA MET C 41 -1.09 -45.19 -13.99
C MET C 41 -0.19 -46.31 -14.51
N ASP C 42 -0.04 -46.38 -15.84
CA ASP C 42 0.73 -47.44 -16.48
C ASP C 42 2.23 -47.14 -16.50
N LYS C 43 3.03 -48.21 -16.42
CA LYS C 43 4.50 -48.15 -16.49
C LYS C 43 5.16 -47.09 -15.58
N PRO C 44 4.87 -47.11 -14.28
CA PRO C 44 5.44 -46.12 -13.35
C PRO C 44 6.93 -46.37 -13.08
N VAL C 45 7.73 -45.30 -13.12
CA VAL C 45 9.17 -45.40 -12.88
C VAL C 45 9.72 -44.14 -12.19
N LYS C 46 10.69 -44.34 -11.31
CA LYS C 46 11.35 -43.25 -10.60
C LYS C 46 12.38 -42.55 -11.50
N LEU C 47 12.45 -41.23 -11.39
CA LEU C 47 13.42 -40.46 -12.16
C LEU C 47 14.52 -39.82 -11.30
N ALA C 48 14.10 -39.06 -10.28
CA ALA C 48 15.04 -38.32 -9.44
C ALA C 48 14.45 -37.96 -8.06
N SER C 49 15.35 -37.72 -7.11
CA SER C 49 14.98 -37.24 -5.78
C SER C 49 16.07 -36.33 -5.21
N HIS C 50 15.75 -35.03 -5.13
CA HIS C 50 16.68 -34.04 -4.59
C HIS C 50 15.90 -33.06 -3.71
N ARG C 51 16.36 -32.89 -2.47
CA ARG C 51 15.67 -32.05 -1.49
C ARG C 51 14.20 -32.49 -1.34
N GLU C 52 13.27 -31.53 -1.41
CA GLU C 52 11.85 -31.84 -1.32
C GLU C 52 11.21 -32.18 -2.68
N PHE C 53 12.04 -32.31 -3.71
CA PHE C 53 11.55 -32.59 -5.06
C PHE C 53 11.81 -34.02 -5.51
N THR C 54 10.76 -34.84 -5.50
CA THR C 54 10.80 -36.21 -6.01
C THR C 54 9.97 -36.30 -7.28
N THR C 55 10.55 -36.90 -8.33
CA THR C 55 9.90 -37.01 -9.63
C THR C 55 9.75 -38.46 -10.09
N TRP C 56 8.55 -38.80 -10.56
CA TRP C 56 8.25 -40.09 -11.17
C TRP C 56 7.62 -39.88 -12.55
N ARG C 57 7.87 -40.81 -13.46
CA ARG C 57 7.24 -40.80 -14.79
C ARG C 57 6.32 -42.00 -14.94
N ALA C 58 5.18 -41.79 -15.60
CA ALA C 58 4.21 -42.85 -15.87
C ALA C 58 3.53 -42.68 -17.24
N GLU C 59 2.60 -43.57 -17.55
CA GLU C 59 1.90 -43.54 -18.83
C GLU C 59 0.39 -43.55 -18.66
N LEU C 60 -0.28 -42.64 -19.37
CA LEU C 60 -1.73 -42.52 -19.33
C LEU C 60 -2.31 -42.55 -20.74
N ASP C 61 -3.07 -43.61 -21.03
CA ASP C 61 -3.63 -43.88 -22.36
C ASP C 61 -2.58 -43.83 -23.48
N GLY C 62 -1.40 -44.38 -23.19
CA GLY C 62 -0.30 -44.42 -24.13
C GLY C 62 0.57 -43.18 -24.19
N LYS C 63 0.25 -42.19 -23.35
CA LYS C 63 0.99 -40.92 -23.32
C LYS C 63 1.70 -40.70 -21.98
N PRO C 64 2.96 -40.28 -22.04
CA PRO C 64 3.77 -40.05 -20.82
C PRO C 64 3.27 -38.89 -19.96
N VAL C 65 3.29 -39.08 -18.65
CA VAL C 65 2.86 -38.08 -17.67
C VAL C 65 3.86 -38.02 -16.51
N ILE C 66 4.04 -36.82 -15.95
CA ILE C 66 4.98 -36.60 -14.84
C ILE C 66 4.27 -36.38 -13.50
N VAL C 67 4.84 -36.92 -12.43
CA VAL C 67 4.41 -36.58 -11.07
C VAL C 67 5.62 -36.04 -10.30
N CYS C 68 5.46 -34.85 -9.72
CA CYS C 68 6.57 -34.13 -9.07
C CYS C 68 6.12 -33.38 -7.82
N SER C 69 6.82 -33.60 -6.71
CA SER C 69 6.50 -32.95 -5.44
C SER C 69 7.03 -31.51 -5.37
N THR C 70 6.27 -30.64 -4.71
CA THR C 70 6.59 -29.20 -4.61
C THR C 70 7.14 -28.80 -3.25
N GLY C 71 6.84 -29.60 -2.23
CA GLY C 71 7.06 -29.21 -0.85
C GLY C 71 5.95 -28.28 -0.36
N ILE C 72 6.04 -27.86 0.90
CA ILE C 72 5.08 -26.92 1.48
C ILE C 72 5.47 -25.49 1.12
N GLY C 73 4.53 -24.73 0.59
CA GLY C 73 4.71 -23.30 0.38
C GLY C 73 4.94 -22.85 -1.06
N GLY C 74 4.61 -21.59 -1.32
CA GLY C 74 4.82 -20.96 -2.61
C GLY C 74 6.24 -20.94 -3.15
N PRO C 75 7.24 -20.62 -2.32
CA PRO C 75 8.64 -20.56 -2.75
C PRO C 75 9.18 -21.83 -3.42
N SER C 76 9.09 -22.98 -2.77
CA SER C 76 9.55 -24.23 -3.38
C SER C 76 8.65 -24.68 -4.54
N THR C 77 7.36 -24.35 -4.44
CA THR C 77 6.42 -24.60 -5.53
C THR C 77 6.85 -23.84 -6.80
N SER C 78 7.27 -22.58 -6.62
CA SER C 78 7.68 -21.74 -7.74
C SER C 78 8.94 -22.26 -8.44
N ILE C 79 9.85 -22.86 -7.69
CA ILE C 79 11.06 -23.49 -8.27
C ILE C 79 10.66 -24.71 -9.12
N ALA C 80 9.81 -25.57 -8.56
CA ALA C 80 9.37 -26.78 -9.26
C ALA C 80 8.62 -26.49 -10.56
N VAL C 81 7.66 -25.57 -10.50
CA VAL C 81 6.84 -25.22 -11.65
C VAL C 81 7.67 -24.58 -12.80
N GLU C 82 8.61 -23.71 -12.43
CA GLU C 82 9.46 -23.04 -13.42
C GLU C 82 10.39 -24.03 -14.15
N GLU C 83 11.03 -24.91 -13.39
CA GLU C 83 11.97 -25.86 -13.97
C GLU C 83 11.28 -26.95 -14.80
N LEU C 84 10.06 -27.32 -14.39
CA LEU C 84 9.22 -28.23 -15.18
C LEU C 84 8.77 -27.57 -16.49
N ALA C 85 8.47 -26.28 -16.44
CA ALA C 85 8.07 -25.51 -17.63
C ALA C 85 9.22 -25.40 -18.63
N GLN C 86 10.44 -25.29 -18.10
CA GLN C 86 11.65 -25.30 -18.93
C GLN C 86 11.83 -26.64 -19.64
N LEU C 87 11.39 -27.71 -18.99
CA LEU C 87 11.54 -29.07 -19.52
C LEU C 87 10.42 -29.51 -20.46
N GLY C 88 9.36 -28.71 -20.54
CA GLY C 88 8.30 -28.94 -21.52
C GLY C 88 6.87 -29.07 -20.99
N ILE C 89 6.70 -28.99 -19.67
CA ILE C 89 5.37 -29.10 -19.07
C ILE C 89 4.53 -27.84 -19.33
N ARG C 90 3.28 -28.04 -19.74
CA ARG C 90 2.37 -26.93 -20.06
C ARG C 90 1.08 -26.97 -19.25
N THR C 91 0.76 -28.13 -18.67
CA THR C 91 -0.43 -28.30 -17.83
C THR C 91 -0.04 -28.81 -16.44
N PHE C 92 -0.54 -28.13 -15.41
CA PHE C 92 -0.23 -28.47 -14.02
C PHE C 92 -1.50 -28.74 -13.22
N LEU C 93 -1.58 -29.90 -12.58
CA LEU C 93 -2.70 -30.24 -11.73
C LEU C 93 -2.25 -30.51 -10.29
N ARG C 94 -2.74 -29.69 -9.36
CA ARG C 94 -2.39 -29.86 -7.95
C ARG C 94 -3.44 -30.64 -7.17
N ILE C 95 -2.96 -31.54 -6.31
CA ILE C 95 -3.80 -32.27 -5.37
C ILE C 95 -3.22 -32.10 -3.95
N GLY C 96 -4.11 -31.86 -2.97
CA GLY C 96 -3.69 -31.68 -1.60
C GLY C 96 -4.76 -31.94 -0.56
N THR C 97 -4.39 -31.70 0.70
CA THR C 97 -5.32 -31.77 1.83
C THR C 97 -5.70 -30.35 2.23
N THR C 98 -6.82 -30.20 2.96
CA THR C 98 -7.30 -28.88 3.37
C THR C 98 -8.18 -28.89 4.62
N GLY C 99 -8.25 -27.73 5.27
CA GLY C 99 -9.19 -27.50 6.36
C GLY C 99 -10.29 -26.56 5.89
N ALA C 100 -11.54 -27.04 5.98
CA ALA C 100 -12.70 -26.26 5.53
C ALA C 100 -13.15 -25.27 6.61
N ILE C 101 -13.65 -24.12 6.19
CA ILE C 101 -14.10 -23.07 7.12
C ILE C 101 -15.61 -22.77 7.05
N GLN C 102 -16.33 -23.47 6.17
CA GLN C 102 -17.78 -23.34 6.08
C GLN C 102 -18.48 -24.50 6.80
N PRO C 103 -19.52 -24.19 7.59
CA PRO C 103 -20.25 -25.20 8.37
C PRO C 103 -20.96 -26.26 7.51
N HIS C 104 -21.29 -25.94 6.27
CA HIS C 104 -22.03 -26.85 5.40
C HIS C 104 -21.15 -27.87 4.66
N ILE C 105 -19.83 -27.69 4.73
CA ILE C 105 -18.88 -28.62 4.12
C ILE C 105 -18.48 -29.70 5.13
N ASN C 106 -18.61 -30.97 4.72
CA ASN C 106 -18.30 -32.10 5.59
C ASN C 106 -16.90 -32.65 5.37
N VAL C 107 -16.34 -33.29 6.40
CA VAL C 107 -15.07 -34.02 6.28
C VAL C 107 -15.26 -35.15 5.28
N GLY C 108 -14.35 -35.26 4.32
CA GLY C 108 -14.45 -36.25 3.27
C GLY C 108 -14.88 -35.67 1.93
N ASP C 109 -15.45 -34.47 1.96
CA ASP C 109 -15.87 -33.76 0.75
C ASP C 109 -14.67 -33.38 -0.11
N VAL C 110 -14.92 -33.16 -1.40
CA VAL C 110 -13.90 -32.77 -2.36
C VAL C 110 -14.16 -31.33 -2.83
N LEU C 111 -13.11 -30.51 -2.88
CA LEU C 111 -13.24 -29.12 -3.29
C LEU C 111 -12.44 -28.81 -4.56
N VAL C 112 -13.08 -28.10 -5.49
CA VAL C 112 -12.43 -27.63 -6.71
C VAL C 112 -12.34 -26.10 -6.66
N THR C 113 -11.12 -25.59 -6.82
CA THR C 113 -10.85 -24.15 -6.69
C THR C 113 -10.95 -23.41 -8.03
N THR C 114 -11.84 -22.43 -8.09
CA THR C 114 -11.96 -21.55 -9.27
C THR C 114 -10.90 -20.47 -9.26
N ALA C 115 -10.64 -19.92 -8.07
CA ALA C 115 -9.63 -18.88 -7.85
C ALA C 115 -9.30 -18.77 -6.37
N SER C 116 -8.19 -18.08 -6.05
CA SER C 116 -7.71 -18.01 -4.68
C SER C 116 -7.51 -16.59 -4.15
N VAL C 117 -7.72 -16.44 -2.84
CA VAL C 117 -7.35 -15.23 -2.12
C VAL C 117 -5.83 -15.29 -1.90
N ARG C 118 -5.14 -14.22 -2.30
CA ARG C 118 -3.68 -14.21 -2.30
C ARG C 118 -3.06 -13.73 -0.98
N LEU C 119 -2.94 -14.65 -0.02
CA LEU C 119 -2.30 -14.35 1.27
C LEU C 119 -0.86 -14.87 1.29
N ASP C 120 -0.22 -14.85 0.12
CA ASP C 120 1.15 -15.31 -0.07
C ASP C 120 2.07 -14.19 -0.57
N GLY C 121 3.37 -14.46 -0.64
CA GLY C 121 4.32 -13.50 -1.16
C GLY C 121 4.78 -13.78 -2.59
N ALA C 122 4.93 -15.07 -2.92
CA ALA C 122 5.50 -15.47 -4.22
C ALA C 122 4.67 -15.05 -5.45
N SER C 123 3.34 -15.03 -5.31
CA SER C 123 2.47 -14.61 -6.42
C SER C 123 2.80 -13.19 -6.92
N LEU C 124 3.23 -12.33 -5.99
CA LEU C 124 3.59 -10.95 -6.29
C LEU C 124 4.86 -10.81 -7.14
N HIS C 125 5.66 -11.89 -7.20
CA HIS C 125 6.88 -11.90 -7.98
C HIS C 125 6.60 -12.18 -9.47
N PHE C 126 5.34 -12.43 -9.80
CA PHE C 126 4.91 -12.72 -11.17
C PHE C 126 3.86 -11.72 -11.68
N ALA C 127 2.99 -11.26 -10.78
CA ALA C 127 1.94 -10.29 -11.13
C ALA C 127 1.54 -9.47 -9.91
N PRO C 128 1.15 -8.21 -10.11
CA PRO C 128 0.71 -7.36 -9.00
C PRO C 128 -0.60 -7.86 -8.38
N LEU C 129 -0.88 -7.44 -7.15
CA LEU C 129 -2.00 -7.98 -6.37
C LEU C 129 -3.37 -7.94 -7.08
N GLU C 130 -3.56 -6.92 -7.92
CA GLU C 130 -4.82 -6.74 -8.66
C GLU C 130 -5.13 -7.84 -9.68
N PHE C 131 -4.10 -8.58 -10.09
CA PHE C 131 -4.25 -9.71 -11.02
C PHE C 131 -4.88 -10.91 -10.28
N PRO C 132 -5.89 -11.54 -10.89
CA PRO C 132 -6.60 -12.65 -10.24
C PRO C 132 -5.82 -13.97 -10.25
N ALA C 133 -5.77 -14.65 -9.09
CA ALA C 133 -5.19 -15.98 -9.00
C ALA C 133 -6.22 -17.01 -9.46
N VAL C 134 -6.47 -17.03 -10.76
CA VAL C 134 -7.56 -17.80 -11.36
C VAL C 134 -7.08 -19.11 -12.01
N ALA C 135 -7.85 -20.17 -11.84
CA ALA C 135 -7.57 -21.46 -12.46
C ALA C 135 -7.98 -21.46 -13.94
N ASP C 136 -7.34 -22.34 -14.71
CA ASP C 136 -7.67 -22.54 -16.12
C ASP C 136 -9.05 -23.19 -16.26
N PHE C 137 -9.84 -22.70 -17.21
CA PHE C 137 -11.22 -23.16 -17.41
C PHE C 137 -11.33 -24.63 -17.82
N GLU C 138 -10.46 -25.06 -18.72
CA GLU C 138 -10.44 -26.46 -19.17
C GLU C 138 -10.03 -27.42 -18.06
N CYS C 139 -9.08 -26.99 -17.23
CA CYS C 139 -8.61 -27.78 -16.08
C CYS C 139 -9.68 -27.91 -15.01
N THR C 140 -10.36 -26.81 -14.71
CA THR C 140 -11.45 -26.78 -13.74
C THR C 140 -12.63 -27.67 -14.19
N THR C 141 -12.99 -27.55 -15.47
CA THR C 141 -14.05 -28.38 -16.06
C THR C 141 -13.73 -29.87 -15.94
N ALA C 142 -12.49 -30.24 -16.27
CA ALA C 142 -12.02 -31.61 -16.20
C ALA C 142 -12.15 -32.20 -14.79
N LEU C 143 -11.75 -31.43 -13.79
CA LEU C 143 -11.80 -31.86 -12.39
C LEU C 143 -13.23 -32.03 -11.87
N VAL C 144 -14.10 -31.08 -12.22
CA VAL C 144 -15.51 -31.12 -11.83
C VAL C 144 -16.23 -32.33 -12.43
N GLU C 145 -15.94 -32.62 -13.69
CA GLU C 145 -16.53 -33.74 -14.39
C GLU C 145 -15.96 -35.08 -13.93
N ALA C 146 -14.70 -35.07 -13.50
CA ALA C 146 -14.04 -36.26 -12.96
C ALA C 146 -14.60 -36.63 -11.58
N ALA C 147 -14.93 -35.61 -10.79
CA ALA C 147 -15.55 -35.80 -9.48
C ALA C 147 -16.98 -36.33 -9.61
N LYS C 148 -17.67 -35.90 -10.65
CA LYS C 148 -19.01 -36.37 -10.97
C LYS C 148 -18.98 -37.82 -11.47
N SER C 149 -17.87 -38.18 -12.12
CA SER C 149 -17.67 -39.52 -12.69
C SER C 149 -17.60 -40.60 -11.61
N ILE C 150 -16.82 -40.35 -10.56
CA ILE C 150 -16.64 -41.31 -9.48
C ILE C 150 -17.70 -41.17 -8.37
N GLY C 151 -18.45 -40.06 -8.41
CA GLY C 151 -19.56 -39.83 -7.51
C GLY C 151 -19.16 -39.40 -6.12
N ALA C 152 -18.63 -38.19 -6.01
CA ALA C 152 -18.24 -37.63 -4.72
C ALA C 152 -19.05 -36.36 -4.42
N THR C 153 -19.10 -35.99 -3.14
CA THR C 153 -19.72 -34.73 -2.73
C THR C 153 -18.72 -33.60 -2.98
N THR C 154 -19.08 -32.71 -3.91
CA THR C 154 -18.16 -31.69 -4.40
C THR C 154 -18.67 -30.26 -4.20
N HIS C 155 -17.76 -29.36 -3.83
CA HIS C 155 -18.04 -27.93 -3.75
C HIS C 155 -17.05 -27.18 -4.64
N VAL C 156 -17.56 -26.17 -5.35
CA VAL C 156 -16.77 -25.39 -6.29
C VAL C 156 -16.79 -23.91 -5.88
N GLY C 157 -15.61 -23.31 -5.69
CA GLY C 157 -15.53 -21.92 -5.29
C GLY C 157 -14.14 -21.40 -4.97
N VAL C 158 -14.10 -20.38 -4.11
CA VAL C 158 -12.87 -19.64 -3.78
C VAL C 158 -12.14 -20.25 -2.57
N THR C 159 -10.80 -20.23 -2.62
CA THR C 159 -9.94 -20.78 -1.57
C THR C 159 -9.00 -19.69 -1.03
N ALA C 160 -8.76 -19.70 0.27
CA ALA C 160 -7.77 -18.80 0.88
C ALA C 160 -6.42 -19.49 0.96
N SER C 161 -5.40 -18.86 0.37
CA SER C 161 -4.06 -19.47 0.26
C SER C 161 -3.02 -18.67 1.04
N SER C 162 -2.54 -19.25 2.13
CA SER C 162 -1.73 -18.55 3.12
C SER C 162 -0.26 -19.01 3.18
N ASP C 163 0.64 -18.05 3.35
CA ASP C 163 2.08 -18.33 3.53
C ASP C 163 2.42 -18.99 4.88
N THR C 164 1.47 -18.98 5.83
CA THR C 164 1.67 -19.70 7.09
C THR C 164 0.54 -20.70 7.40
N PHE C 165 0.87 -21.68 8.23
CA PHE C 165 -0.10 -22.66 8.72
C PHE C 165 -0.84 -22.12 9.95
N TYR C 166 -0.14 -21.32 10.75
CA TYR C 166 -0.69 -20.88 12.04
C TYR C 166 -1.36 -19.47 12.03
N PRO C 167 -0.58 -18.38 12.09
CA PRO C 167 -1.19 -17.03 12.21
C PRO C 167 -2.05 -16.61 11.02
N GLY C 168 -1.63 -16.97 9.80
CA GLY C 168 -2.36 -16.63 8.59
C GLY C 168 -3.67 -17.38 8.43
N GLN C 169 -3.83 -18.46 9.19
CA GLN C 169 -5.08 -19.22 9.23
C GLN C 169 -5.80 -18.99 10.57
N GLU C 170 -5.37 -17.94 11.27
CA GLU C 170 -5.89 -17.54 12.58
C GLU C 170 -5.99 -18.67 13.62
N ARG C 171 -4.88 -19.39 13.82
CA ARG C 171 -4.75 -20.35 14.91
C ARG C 171 -4.15 -19.65 16.12
N TYR C 172 -4.77 -19.85 17.28
CA TYR C 172 -4.33 -19.20 18.52
C TYR C 172 -3.62 -20.15 19.50
N ASP C 173 -3.72 -21.45 19.25
CA ASP C 173 -3.04 -22.46 20.07
C ASP C 173 -1.58 -22.63 19.63
N THR C 174 -0.76 -21.64 19.98
CA THR C 174 0.62 -21.55 19.53
C THR C 174 1.55 -21.15 20.68
N TYR C 175 2.84 -21.03 20.39
CA TYR C 175 3.82 -20.57 21.36
C TYR C 175 3.50 -19.17 21.91
N SER C 176 3.20 -18.23 21.01
CA SER C 176 2.91 -16.85 21.40
C SER C 176 1.45 -16.67 21.84
N GLY C 177 0.54 -17.37 21.18
CA GLY C 177 -0.88 -17.23 21.44
C GLY C 177 -1.47 -15.93 20.92
N ARG C 178 -0.72 -15.23 20.06
CA ARG C 178 -1.14 -13.97 19.48
C ARG C 178 -1.19 -14.02 17.96
N VAL C 179 -2.03 -13.17 17.39
CA VAL C 179 -2.13 -13.02 15.93
C VAL C 179 -2.00 -11.55 15.57
N VAL C 180 -1.13 -11.26 14.60
CA VAL C 180 -0.89 -9.89 14.14
C VAL C 180 -2.17 -9.19 13.69
N ARG C 181 -2.24 -7.88 13.91
CA ARG C 181 -3.44 -7.08 13.64
C ARG C 181 -4.09 -7.36 12.29
N HIS C 182 -3.27 -7.45 11.25
CA HIS C 182 -3.75 -7.67 9.88
C HIS C 182 -4.63 -8.92 9.73
N PHE C 183 -4.27 -9.98 10.45
CA PHE C 183 -4.99 -11.26 10.36
C PHE C 183 -5.98 -11.51 11.50
N LYS C 184 -6.08 -10.57 12.44
CA LYS C 184 -7.09 -10.64 13.51
C LYS C 184 -8.48 -10.48 12.93
N GLY C 185 -9.34 -11.46 13.17
CA GLY C 185 -10.70 -11.46 12.66
C GLY C 185 -10.83 -11.78 11.18
N SER C 186 -9.74 -12.25 10.57
CA SER C 186 -9.72 -12.52 9.13
C SER C 186 -10.53 -13.74 8.70
N MET C 187 -10.51 -14.79 9.52
CA MET C 187 -11.28 -16.01 9.22
C MET C 187 -12.77 -15.73 9.10
N GLU C 188 -13.31 -14.97 10.04
CA GLU C 188 -14.72 -14.56 10.03
C GLU C 188 -15.07 -13.76 8.77
N GLU C 189 -14.13 -12.93 8.32
CA GLU C 189 -14.30 -12.15 7.11
C GLU C 189 -14.38 -13.04 5.86
N TRP C 190 -13.44 -13.99 5.74
CA TRP C 190 -13.44 -14.93 4.62
C TRP C 190 -14.71 -15.80 4.60
N GLN C 191 -15.15 -16.23 5.79
CA GLN C 191 -16.37 -17.04 5.93
C GLN C 191 -17.61 -16.31 5.39
N ALA C 192 -17.74 -15.04 5.73
CA ALA C 192 -18.86 -14.21 5.25
C ALA C 192 -18.82 -14.00 3.73
N MET C 193 -17.62 -14.00 3.17
CA MET C 193 -17.42 -13.82 1.72
C MET C 193 -17.58 -15.12 0.93
N GLY C 194 -17.88 -16.22 1.62
CA GLY C 194 -18.13 -17.50 0.98
C GLY C 194 -16.92 -18.35 0.66
N VAL C 195 -15.76 -17.98 1.19
CA VAL C 195 -14.52 -18.74 1.01
C VAL C 195 -14.66 -20.11 1.68
N MET C 196 -14.25 -21.17 0.97
CA MET C 196 -14.50 -22.55 1.40
C MET C 196 -13.47 -23.08 2.42
N ASN C 197 -12.20 -22.78 2.19
CA ASN C 197 -11.10 -23.48 2.86
C ASN C 197 -9.77 -22.73 2.91
N TYR C 198 -8.83 -23.27 3.68
CA TYR C 198 -7.46 -22.79 3.77
C TYR C 198 -6.49 -23.85 3.22
N GLU C 199 -5.57 -23.42 2.34
CA GLU C 199 -4.35 -24.18 2.04
C GLU C 199 -3.16 -23.24 1.81
N MET C 200 -2.04 -23.76 1.30
CA MET C 200 -0.78 -23.01 1.34
C MET C 200 -0.02 -22.81 0.02
N GLU C 201 -0.55 -23.27 -1.11
CA GLU C 201 0.21 -23.20 -2.37
C GLU C 201 -0.55 -22.70 -3.62
N SER C 202 -1.88 -22.69 -3.58
CA SER C 202 -2.68 -22.41 -4.77
C SER C 202 -2.54 -20.99 -5.33
N ALA C 203 -2.38 -20.00 -4.44
CA ALA C 203 -2.20 -18.60 -4.89
C ALA C 203 -0.96 -18.44 -5.77
N THR C 204 0.15 -19.03 -5.34
CA THR C 204 1.39 -19.02 -6.11
C THR C 204 1.22 -19.75 -7.44
N LEU C 205 0.74 -20.99 -7.38
CA LEU C 205 0.60 -21.84 -8.57
C LEU C 205 -0.31 -21.20 -9.62
N LEU C 206 -1.51 -20.79 -9.20
CA LEU C 206 -2.49 -20.23 -10.13
C LEU C 206 -2.04 -18.89 -10.74
N THR C 207 -1.46 -18.02 -9.93
CA THR C 207 -0.96 -16.73 -10.42
C THR C 207 0.17 -16.90 -11.44
N MET C 208 1.18 -17.70 -11.07
CA MET C 208 2.36 -17.88 -11.93
C MET C 208 2.03 -18.58 -13.27
N CYS C 209 1.02 -19.44 -13.28
CA CYS C 209 0.60 -20.12 -14.51
C CYS C 209 -0.27 -19.24 -15.38
N ALA C 210 -1.25 -18.57 -14.77
CA ALA C 210 -2.19 -17.72 -15.50
C ALA C 210 -1.53 -16.50 -16.16
N SER C 211 -0.42 -16.03 -15.57
CA SER C 211 0.31 -14.87 -16.07
C SER C 211 1.46 -15.22 -17.01
N GLN C 212 1.63 -16.52 -17.30
CA GLN C 212 2.73 -17.00 -18.16
C GLN C 212 2.27 -17.96 -19.27
N GLY C 213 0.96 -18.08 -19.46
CA GLY C 213 0.40 -18.90 -20.52
C GLY C 213 0.41 -20.40 -20.26
N LEU C 214 0.41 -20.79 -18.99
CA LEU C 214 0.37 -22.20 -18.59
C LEU C 214 -0.97 -22.53 -17.96
N ARG C 215 -1.44 -23.77 -18.19
CA ARG C 215 -2.72 -24.22 -17.67
C ARG C 215 -2.57 -24.83 -16.27
N ALA C 216 -3.44 -24.43 -15.35
CA ALA C 216 -3.42 -24.96 -13.98
C ALA C 216 -4.82 -25.23 -13.40
N GLY C 217 -4.91 -26.31 -12.62
CA GLY C 217 -6.12 -26.67 -11.89
C GLY C 217 -5.80 -27.09 -10.46
N MET C 218 -6.80 -27.03 -9.58
CA MET C 218 -6.61 -27.32 -8.16
C MET C 218 -7.76 -28.10 -7.54
N VAL C 219 -7.44 -29.25 -6.95
CA VAL C 219 -8.41 -30.10 -6.25
C VAL C 219 -7.89 -30.52 -4.87
N ALA C 220 -8.80 -30.68 -3.90
CA ALA C 220 -8.43 -31.02 -2.53
C ALA C 220 -9.50 -31.81 -1.77
N GLY C 221 -9.05 -32.67 -0.86
CA GLY C 221 -9.94 -33.42 0.01
C GLY C 221 -9.96 -32.85 1.42
N VAL C 222 -11.15 -32.70 1.98
CA VAL C 222 -11.33 -32.11 3.31
C VAL C 222 -11.03 -33.13 4.40
N ILE C 223 -10.05 -32.83 5.25
CA ILE C 223 -9.68 -33.71 6.35
C ILE C 223 -10.10 -33.17 7.73
N VAL C 224 -10.41 -31.87 7.78
CA VAL C 224 -10.93 -31.24 9.01
C VAL C 224 -11.84 -30.04 8.72
N ASN C 225 -12.84 -29.85 9.57
CA ASN C 225 -13.68 -28.65 9.54
C ASN C 225 -13.39 -27.79 10.77
N ARG C 226 -12.95 -26.56 10.53
CA ARG C 226 -12.55 -25.65 11.61
C ARG C 226 -13.68 -25.23 12.54
N THR C 227 -14.92 -25.31 12.06
CA THR C 227 -16.09 -24.97 12.86
C THR C 227 -16.59 -26.13 13.72
N GLN C 228 -16.04 -27.32 13.49
CA GLN C 228 -16.47 -28.54 14.18
C GLN C 228 -15.42 -29.05 15.17
N GLN C 229 -14.21 -29.28 14.67
CA GLN C 229 -13.11 -29.81 15.47
C GLN C 229 -11.76 -29.36 14.94
N GLU C 230 -10.70 -29.50 15.75
CA GLU C 230 -9.37 -29.03 15.38
C GLU C 230 -8.39 -30.15 15.04
N ILE C 231 -8.75 -31.40 15.36
CA ILE C 231 -7.88 -32.55 15.11
C ILE C 231 -8.44 -33.50 14.04
N PRO C 232 -7.62 -33.78 13.02
CA PRO C 232 -8.04 -34.66 11.91
C PRO C 232 -8.12 -36.12 12.32
N ASN C 233 -9.12 -36.83 11.78
CA ASN C 233 -9.30 -38.26 12.02
C ASN C 233 -8.35 -39.08 11.15
N ALA C 234 -7.47 -39.83 11.80
CA ALA C 234 -6.46 -40.63 11.09
C ALA C 234 -7.01 -42.01 10.65
N GLU C 235 -8.14 -41.98 9.96
CA GLU C 235 -8.78 -43.20 9.45
C GLU C 235 -9.54 -42.91 8.16
N THR C 236 -10.39 -41.88 8.20
CA THR C 236 -11.13 -41.42 7.03
C THR C 236 -10.23 -40.59 6.12
N MET C 237 -9.11 -40.11 6.68
CA MET C 237 -8.11 -39.36 5.95
C MET C 237 -7.50 -40.15 4.79
N LYS C 238 -7.27 -41.45 5.04
CA LYS C 238 -6.72 -42.35 4.02
C LYS C 238 -7.71 -42.57 2.86
N GLN C 239 -9.00 -42.67 3.21
CA GLN C 239 -10.07 -42.83 2.23
C GLN C 239 -10.33 -41.54 1.46
N THR C 240 -10.19 -40.39 2.14
CA THR C 240 -10.38 -39.07 1.53
C THR C 240 -9.29 -38.80 0.50
N GLU C 241 -8.04 -39.14 0.84
CA GLU C 241 -6.90 -38.95 -0.06
C GLU C 241 -6.95 -39.93 -1.23
N SER C 242 -7.53 -41.11 -1.01
CA SER C 242 -7.75 -42.09 -2.07
C SER C 242 -8.82 -41.61 -3.06
N HIS C 243 -9.84 -40.94 -2.54
CA HIS C 243 -10.90 -40.34 -3.34
C HIS C 243 -10.37 -39.22 -4.24
N ALA C 244 -9.56 -38.34 -3.65
CA ALA C 244 -9.01 -37.18 -4.35
C ALA C 244 -7.99 -37.56 -5.43
N VAL C 245 -7.21 -38.61 -5.18
CA VAL C 245 -6.21 -39.11 -6.13
C VAL C 245 -6.89 -39.63 -7.40
N LYS C 246 -7.97 -40.39 -7.23
CA LYS C 246 -8.72 -40.93 -8.36
C LYS C 246 -9.27 -39.82 -9.27
N ILE C 247 -9.72 -38.74 -8.66
CA ILE C 247 -10.28 -37.59 -9.39
C ILE C 247 -9.21 -36.86 -10.22
N VAL C 248 -8.04 -36.62 -9.62
CA VAL C 248 -6.96 -35.92 -10.31
C VAL C 248 -6.38 -36.70 -11.50
N VAL C 249 -6.34 -38.03 -11.38
CA VAL C 249 -5.84 -38.91 -12.43
C VAL C 249 -6.84 -39.01 -13.59
N GLU C 250 -8.13 -39.06 -13.25
CA GLU C 250 -9.20 -39.08 -14.25
C GLU C 250 -9.31 -37.73 -14.99
N ALA C 251 -9.06 -36.65 -14.28
CA ALA C 251 -9.04 -35.31 -14.87
C ALA C 251 -7.86 -35.16 -15.84
N ALA C 252 -6.73 -35.77 -15.48
CA ALA C 252 -5.55 -35.80 -16.34
C ALA C 252 -5.81 -36.55 -17.65
N ARG C 253 -6.63 -37.60 -17.58
CA ARG C 253 -7.03 -38.37 -18.76
C ARG C 253 -7.76 -37.51 -19.78
N ARG C 254 -8.58 -36.57 -19.29
CA ARG C 254 -9.40 -35.71 -20.14
C ARG C 254 -8.62 -34.56 -20.75
N LEU C 255 -7.46 -34.24 -20.18
CA LEU C 255 -6.66 -33.10 -20.60
C LEU C 255 -5.48 -33.47 -21.50
N LEU C 256 -5.36 -34.75 -21.84
CA LEU C 256 -4.28 -35.22 -22.71
C LEU C 256 -4.55 -34.91 -24.18
N SER D 7 3.41 -38.02 18.98
CA SER D 7 3.92 -36.68 18.61
C SER D 7 3.11 -35.56 19.26
N ASP D 8 3.82 -34.58 19.82
CA ASP D 8 3.19 -33.42 20.45
C ASP D 8 2.89 -32.32 19.43
N VAL D 9 3.45 -32.44 18.23
CA VAL D 9 3.32 -31.43 17.18
C VAL D 9 2.73 -31.98 15.87
N PHE D 10 2.27 -31.07 15.01
CA PHE D 10 1.51 -31.43 13.81
C PHE D 10 2.34 -31.95 12.63
N HIS D 11 3.59 -31.52 12.53
CA HIS D 11 4.41 -31.82 11.35
C HIS D 11 5.73 -32.55 11.62
N LEU D 12 6.45 -32.13 12.67
CA LEU D 12 7.81 -32.61 12.92
C LEU D 12 7.94 -34.06 13.40
N GLY D 13 6.89 -34.56 14.06
CA GLY D 13 6.89 -35.91 14.59
C GLY D 13 7.81 -36.09 15.78
N LEU D 14 7.77 -35.13 16.71
CA LEU D 14 8.64 -35.11 17.88
C LEU D 14 7.86 -34.90 19.17
N THR D 15 8.37 -35.47 20.26
CA THR D 15 7.84 -35.21 21.60
C THR D 15 8.84 -34.35 22.38
N LYS D 16 8.39 -33.79 23.50
CA LYS D 16 9.23 -33.01 24.39
C LYS D 16 10.41 -33.82 24.93
N ASN D 17 10.15 -35.10 25.20
CA ASN D 17 11.16 -36.03 25.71
C ASN D 17 12.32 -36.28 24.74
N ASP D 18 12.02 -36.25 23.44
CA ASP D 18 13.02 -36.46 22.39
C ASP D 18 14.17 -35.45 22.45
N LEU D 19 13.85 -34.22 22.86
CA LEU D 19 14.83 -33.13 22.89
C LEU D 19 15.78 -33.22 24.08
N GLN D 20 15.33 -33.89 25.15
CA GLN D 20 16.11 -34.12 26.37
C GLN D 20 16.61 -32.82 27.04
N GLY D 21 15.81 -31.77 26.94
CA GLY D 21 16.11 -30.50 27.58
C GLY D 21 16.80 -29.47 26.71
N ALA D 22 16.88 -29.74 25.40
CA ALA D 22 17.52 -28.83 24.45
C ALA D 22 16.77 -27.51 24.31
N THR D 23 17.53 -26.42 24.20
CA THR D 23 16.96 -25.08 24.02
C THR D 23 17.58 -24.35 22.82
N LEU D 24 18.50 -25.02 22.12
CA LEU D 24 19.15 -24.48 20.94
C LEU D 24 19.04 -25.43 19.76
N ALA D 25 18.73 -24.87 18.60
CA ALA D 25 18.64 -25.65 17.36
C ALA D 25 19.39 -25.01 16.20
N ILE D 26 20.14 -25.82 15.46
CA ILE D 26 20.72 -25.40 14.19
C ILE D 26 19.73 -25.80 13.10
N VAL D 27 19.40 -24.85 12.22
CA VAL D 27 18.34 -25.07 11.23
C VAL D 27 18.79 -24.85 9.77
N PRO D 28 19.32 -25.91 9.15
CA PRO D 28 19.67 -25.88 7.72
C PRO D 28 18.43 -26.06 6.84
N GLY D 29 18.58 -25.87 5.53
CA GLY D 29 17.48 -26.02 4.59
C GLY D 29 17.33 -27.43 4.03
N ASP D 30 18.45 -28.06 3.72
CA ASP D 30 18.47 -29.38 3.09
C ASP D 30 18.39 -30.50 4.13
N PRO D 31 17.35 -31.35 4.02
CA PRO D 31 17.21 -32.53 4.88
C PRO D 31 18.41 -33.48 4.83
N ASP D 32 19.04 -33.60 3.66
CA ASP D 32 20.18 -34.48 3.47
C ASP D 32 21.48 -33.97 4.11
N ARG D 33 21.44 -32.76 4.64
CA ARG D 33 22.61 -32.13 5.25
C ARG D 33 22.56 -32.15 6.79
N VAL D 34 21.44 -32.62 7.35
CA VAL D 34 21.24 -32.65 8.80
C VAL D 34 22.22 -33.59 9.51
N GLU D 35 22.42 -34.79 8.95
CA GLU D 35 23.34 -35.78 9.52
C GLU D 35 24.79 -35.28 9.55
N LYS D 36 25.19 -34.58 8.49
CA LYS D 36 26.55 -34.06 8.35
C LYS D 36 26.91 -33.06 9.44
N ILE D 37 25.96 -32.20 9.81
CA ILE D 37 26.14 -31.21 10.88
C ILE D 37 26.18 -31.90 12.25
N ALA D 38 25.26 -32.82 12.48
CA ALA D 38 25.17 -33.55 13.75
C ALA D 38 26.39 -34.43 14.01
N ALA D 39 27.05 -34.89 12.94
CA ALA D 39 28.24 -35.73 13.05
C ALA D 39 29.47 -34.98 13.57
N LEU D 40 29.42 -33.65 13.49
CA LEU D 40 30.50 -32.80 14.00
C LEU D 40 30.47 -32.71 15.52
N MET D 41 29.34 -33.06 16.12
CA MET D 41 29.15 -33.01 17.57
C MET D 41 29.17 -34.41 18.20
N ASP D 42 28.99 -34.47 19.52
CA ASP D 42 29.07 -35.72 20.26
C ASP D 42 27.74 -36.46 20.33
N LYS D 43 27.81 -37.79 20.35
CA LYS D 43 26.65 -38.68 20.45
C LYS D 43 25.48 -38.31 19.54
N PRO D 44 25.67 -38.38 18.21
CA PRO D 44 24.60 -38.06 17.27
C PRO D 44 23.58 -39.20 17.16
N VAL D 45 22.30 -38.85 17.05
CA VAL D 45 21.21 -39.83 16.92
C VAL D 45 20.03 -39.25 16.15
N LYS D 46 19.43 -40.07 15.29
CA LYS D 46 18.25 -39.67 14.51
C LYS D 46 17.00 -39.68 15.38
N LEU D 47 16.12 -38.71 15.16
CA LEU D 47 14.86 -38.62 15.88
C LEU D 47 13.65 -38.88 14.98
N ALA D 48 13.55 -38.16 13.87
CA ALA D 48 12.40 -38.26 12.97
C ALA D 48 12.69 -37.73 11.55
N SER D 49 11.88 -38.18 10.60
CA SER D 49 11.93 -37.67 9.23
C SER D 49 10.53 -37.70 8.61
N HIS D 50 9.96 -36.52 8.41
CA HIS D 50 8.64 -36.37 7.78
C HIS D 50 8.66 -35.20 6.80
N ARG D 51 8.30 -35.48 5.55
CA ARG D 51 8.33 -34.47 4.49
C ARG D 51 9.73 -33.85 4.37
N GLU D 52 9.81 -32.53 4.32
CA GLU D 52 11.09 -31.82 4.24
C GLU D 52 11.77 -31.64 5.61
N PHE D 53 11.15 -32.18 6.66
CA PHE D 53 11.63 -32.01 8.04
C PHE D 53 12.35 -33.25 8.57
N THR D 54 13.69 -33.18 8.62
CA THR D 54 14.51 -34.22 9.22
C THR D 54 15.18 -33.68 10.49
N THR D 55 15.04 -34.41 11.60
CA THR D 55 15.58 -33.96 12.89
C THR D 55 16.57 -34.96 13.49
N TRP D 56 17.71 -34.43 13.94
CA TRP D 56 18.73 -35.21 14.66
C TRP D 56 19.05 -34.52 15.98
N ARG D 57 19.48 -35.31 16.97
CA ARG D 57 19.92 -34.78 18.25
C ARG D 57 21.40 -35.09 18.48
N ALA D 58 22.11 -34.17 19.14
CA ALA D 58 23.53 -34.33 19.45
C ALA D 58 23.89 -33.67 20.79
N GLU D 59 25.17 -33.74 21.14
CA GLU D 59 25.65 -33.19 22.40
C GLU D 59 26.84 -32.24 22.18
N LEU D 60 26.82 -31.11 22.89
CA LEU D 60 27.87 -30.11 22.81
C LEU D 60 28.28 -29.66 24.21
N ASP D 61 29.50 -30.02 24.60
CA ASP D 61 30.02 -29.79 25.96
C ASP D 61 29.10 -30.33 27.06
N GLY D 62 28.52 -31.50 26.80
CA GLY D 62 27.60 -32.14 27.72
C GLY D 62 26.19 -31.57 27.73
N LYS D 63 25.85 -30.82 26.69
CA LYS D 63 24.53 -30.20 26.58
C LYS D 63 23.84 -30.60 25.27
N PRO D 64 22.57 -31.03 25.36
CA PRO D 64 21.81 -31.46 24.18
C PRO D 64 21.52 -30.34 23.19
N VAL D 65 21.69 -30.64 21.89
CA VAL D 65 21.48 -29.68 20.80
C VAL D 65 20.68 -30.36 19.68
N ILE D 66 19.81 -29.59 19.02
CA ILE D 66 18.97 -30.09 17.93
C ILE D 66 19.46 -29.61 16.57
N VAL D 67 19.37 -30.48 15.56
CA VAL D 67 19.55 -30.10 14.16
C VAL D 67 18.29 -30.49 13.40
N CYS D 68 17.67 -29.51 12.73
CA CYS D 68 16.37 -29.70 12.08
C CYS D 68 16.26 -28.93 10.75
N SER D 69 15.96 -29.65 9.67
CA SER D 69 15.81 -29.03 8.34
C SER D 69 14.48 -28.32 8.16
N THR D 70 14.51 -27.19 7.44
CA THR D 70 13.34 -26.33 7.25
C THR D 70 12.72 -26.47 5.86
N GLY D 71 13.51 -26.94 4.90
CA GLY D 71 13.14 -26.89 3.50
C GLY D 71 13.36 -25.50 2.92
N ILE D 72 13.07 -25.33 1.63
CA ILE D 72 13.21 -24.04 0.95
C ILE D 72 11.98 -23.16 1.21
N GLY D 73 12.22 -21.92 1.63
CA GLY D 73 11.16 -20.92 1.73
C GLY D 73 10.64 -20.62 3.13
N GLY D 74 10.07 -19.42 3.26
CA GLY D 74 9.47 -18.97 4.52
C GLY D 74 8.35 -19.82 5.10
N PRO D 75 7.39 -20.27 4.27
CA PRO D 75 6.28 -21.11 4.75
C PRO D 75 6.67 -22.38 5.53
N SER D 76 7.53 -23.23 4.98
CA SER D 76 7.95 -24.43 5.71
C SER D 76 8.89 -24.10 6.87
N THR D 77 9.67 -23.03 6.72
CA THR D 77 10.49 -22.52 7.81
C THR D 77 9.62 -22.10 9.00
N SER D 78 8.51 -21.41 8.72
CA SER D 78 7.60 -20.93 9.76
C SER D 78 6.95 -22.07 10.55
N ILE D 79 6.67 -23.18 9.87
CA ILE D 79 6.14 -24.38 10.51
C ILE D 79 7.16 -24.99 11.47
N ALA D 80 8.38 -25.21 10.97
CA ALA D 80 9.46 -25.83 11.75
C ALA D 80 9.82 -25.03 13.00
N VAL D 81 9.97 -23.71 12.85
CA VAL D 81 10.34 -22.83 13.96
C VAL D 81 9.26 -22.81 15.05
N GLU D 82 7.99 -22.70 14.64
CA GLU D 82 6.86 -22.69 15.57
C GLU D 82 6.78 -23.96 16.41
N GLU D 83 6.89 -25.11 15.74
CA GLU D 83 6.76 -26.41 16.42
C GLU D 83 7.97 -26.73 17.30
N LEU D 84 9.16 -26.27 16.90
CA LEU D 84 10.35 -26.39 17.73
C LEU D 84 10.24 -25.50 18.99
N ALA D 85 9.67 -24.31 18.83
CA ALA D 85 9.44 -23.39 19.95
C ALA D 85 8.46 -23.98 20.96
N GLN D 86 7.41 -24.64 20.46
CA GLN D 86 6.46 -25.36 21.30
C GLN D 86 7.15 -26.44 22.13
N LEU D 87 8.19 -27.04 21.56
CA LEU D 87 8.94 -28.12 22.21
C LEU D 87 10.06 -27.62 23.13
N GLY D 88 10.27 -26.30 23.17
CA GLY D 88 11.20 -25.70 24.12
C GLY D 88 12.42 -24.99 23.58
N ILE D 89 12.56 -24.94 22.24
CA ILE D 89 13.69 -24.25 21.62
C ILE D 89 13.53 -22.73 21.72
N ARG D 90 14.61 -22.05 22.12
CA ARG D 90 14.61 -20.60 22.30
C ARG D 90 15.67 -19.88 21.45
N THR D 91 16.65 -20.64 20.96
CA THR D 91 17.72 -20.10 20.12
C THR D 91 17.83 -20.84 18.79
N PHE D 92 17.78 -20.08 17.69
CA PHE D 92 17.81 -20.65 16.34
C PHE D 92 18.99 -20.12 15.53
N LEU D 93 19.84 -21.02 15.03
CA LEU D 93 20.95 -20.64 14.17
C LEU D 93 20.81 -21.23 12.76
N ARG D 94 20.63 -20.36 11.77
CA ARG D 94 20.48 -20.78 10.39
C ARG D 94 21.83 -20.80 9.64
N ILE D 95 22.02 -21.86 8.86
CA ILE D 95 23.15 -21.96 7.93
C ILE D 95 22.65 -22.33 6.53
N GLY D 96 23.24 -21.72 5.50
CA GLY D 96 22.84 -22.01 4.14
C GLY D 96 23.83 -21.58 3.07
N THR D 97 23.44 -21.73 1.81
CA THR D 97 24.22 -21.26 0.67
C THR D 97 23.66 -19.94 0.17
N THR D 98 24.47 -19.20 -0.60
CA THR D 98 24.04 -17.89 -1.10
C THR D 98 24.77 -17.45 -2.38
N GLY D 99 24.13 -16.55 -3.12
CA GLY D 99 24.74 -15.89 -4.26
C GLY D 99 24.99 -14.44 -3.94
N ALA D 100 26.26 -14.03 -4.03
CA ALA D 100 26.67 -12.65 -3.72
C ALA D 100 26.39 -11.70 -4.89
N ILE D 101 26.08 -10.45 -4.56
CA ILE D 101 25.79 -9.43 -5.58
C ILE D 101 26.77 -8.25 -5.56
N GLN D 102 27.77 -8.31 -4.68
CA GLN D 102 28.82 -7.30 -4.61
C GLN D 102 30.12 -7.81 -5.23
N PRO D 103 30.79 -6.97 -6.03
CA PRO D 103 32.01 -7.36 -6.74
C PRO D 103 33.18 -7.76 -5.84
N HIS D 104 33.28 -7.16 -4.65
CA HIS D 104 34.39 -7.43 -3.73
C HIS D 104 34.24 -8.71 -2.92
N ILE D 105 33.02 -9.27 -2.88
CA ILE D 105 32.77 -10.54 -2.20
C ILE D 105 33.04 -11.70 -3.15
N ASN D 106 33.96 -12.58 -2.77
CA ASN D 106 34.35 -13.70 -3.61
C ASN D 106 33.72 -15.02 -3.19
N VAL D 107 33.70 -15.99 -4.11
CA VAL D 107 33.24 -17.34 -3.81
C VAL D 107 34.13 -17.96 -2.73
N GLY D 108 33.50 -18.54 -1.71
CA GLY D 108 34.22 -19.11 -0.59
C GLY D 108 34.18 -18.24 0.66
N ASP D 109 33.77 -16.98 0.50
CA ASP D 109 33.64 -16.06 1.61
C ASP D 109 32.45 -16.41 2.50
N VAL D 110 32.51 -16.00 3.75
CA VAL D 110 31.44 -16.24 4.72
C VAL D 110 30.72 -14.93 5.05
N LEU D 111 29.39 -14.97 5.07
CA LEU D 111 28.59 -13.79 5.37
C LEU D 111 27.73 -13.96 6.62
N VAL D 112 27.77 -12.95 7.49
CA VAL D 112 26.91 -12.90 8.67
C VAL D 112 25.90 -11.77 8.49
N THR D 113 24.61 -12.10 8.62
CA THR D 113 23.52 -11.17 8.38
C THR D 113 23.09 -10.44 9.66
N THR D 114 23.13 -9.11 9.63
CA THR D 114 22.63 -8.29 10.74
C THR D 114 21.12 -8.11 10.65
N ALA D 115 20.62 -7.94 9.43
CA ALA D 115 19.19 -7.77 9.14
C ALA D 115 18.90 -8.00 7.66
N SER D 116 17.63 -8.26 7.35
CA SER D 116 17.23 -8.63 5.99
C SER D 116 16.21 -7.70 5.33
N VAL D 117 16.35 -7.53 4.01
CA VAL D 117 15.31 -6.89 3.19
C VAL D 117 14.16 -7.89 3.01
N ARG D 118 12.96 -7.48 3.37
CA ARG D 118 11.81 -8.38 3.41
C ARG D 118 11.10 -8.51 2.06
N LEU D 119 11.61 -9.41 1.22
CA LEU D 119 10.98 -9.69 -0.07
C LEU D 119 10.18 -11.00 -0.01
N ASP D 120 9.60 -11.26 1.16
CA ASP D 120 8.85 -12.49 1.44
C ASP D 120 7.40 -12.17 1.85
N GLY D 121 6.60 -13.22 2.00
CA GLY D 121 5.22 -13.07 2.44
C GLY D 121 5.00 -13.45 3.90
N ALA D 122 5.70 -14.49 4.36
CA ALA D 122 5.47 -15.06 5.68
C ALA D 122 5.77 -14.10 6.85
N SER D 123 6.77 -13.24 6.70
CA SER D 123 7.13 -12.28 7.75
C SER D 123 5.98 -11.33 8.12
N LEU D 124 5.17 -10.98 7.12
CA LEU D 124 3.99 -10.13 7.30
C LEU D 124 2.90 -10.77 8.18
N HIS D 125 2.98 -12.09 8.36
CA HIS D 125 2.03 -12.83 9.18
C HIS D 125 2.39 -12.76 10.67
N PHE D 126 3.53 -12.13 10.97
CA PHE D 126 4.00 -11.97 12.35
C PHE D 126 4.16 -10.50 12.75
N ALA D 127 4.54 -9.66 11.79
CA ALA D 127 4.73 -8.22 12.02
C ALA D 127 4.54 -7.43 10.73
N PRO D 128 4.02 -6.21 10.82
CA PRO D 128 3.86 -5.34 9.64
C PRO D 128 5.22 -4.97 9.04
N LEU D 129 5.23 -4.57 7.76
CA LEU D 129 6.47 -4.36 7.00
C LEU D 129 7.47 -3.40 7.64
N GLU D 130 6.97 -2.42 8.37
CA GLU D 130 7.80 -1.41 9.05
C GLU D 130 8.69 -1.98 10.16
N PHE D 131 8.36 -3.16 10.68
CA PHE D 131 9.16 -3.85 11.69
C PHE D 131 10.43 -4.43 11.03
N PRO D 132 11.59 -4.20 11.65
CA PRO D 132 12.86 -4.66 11.09
C PRO D 132 13.10 -6.16 11.24
N ALA D 133 13.52 -6.82 10.16
CA ALA D 133 13.91 -8.23 10.19
C ALA D 133 15.35 -8.35 10.71
N VAL D 134 15.51 -8.06 12.00
CA VAL D 134 16.83 -7.96 12.62
C VAL D 134 17.24 -9.23 13.39
N ALA D 135 18.52 -9.57 13.30
CA ALA D 135 19.08 -10.70 14.05
C ALA D 135 19.35 -10.32 15.51
N ASP D 136 19.38 -11.33 16.38
CA ASP D 136 19.73 -11.15 17.78
C ASP D 136 21.21 -10.76 17.93
N PHE D 137 21.48 -9.82 18.83
CA PHE D 137 22.83 -9.27 19.04
C PHE D 137 23.84 -10.31 19.54
N GLU D 138 23.41 -11.16 20.47
CA GLU D 138 24.28 -12.20 21.04
C GLU D 138 24.61 -13.29 20.02
N CYS D 139 23.64 -13.65 19.19
CA CYS D 139 23.82 -14.64 18.13
C CYS D 139 24.77 -14.13 17.05
N THR D 140 24.57 -12.87 16.64
CA THR D 140 25.42 -12.22 15.63
C THR D 140 26.86 -12.10 16.10
N THR D 141 27.04 -11.72 17.37
CA THR D 141 28.36 -11.64 17.99
C THR D 141 29.08 -12.99 17.98
N ALA D 142 28.35 -14.04 18.35
CA ALA D 142 28.90 -15.39 18.43
C ALA D 142 29.38 -15.91 17.07
N LEU D 143 28.65 -15.56 16.02
CA LEU D 143 28.99 -15.99 14.66
C LEU D 143 30.21 -15.27 14.10
N VAL D 144 30.30 -13.96 14.35
CA VAL D 144 31.44 -13.15 13.92
C VAL D 144 32.72 -13.60 14.63
N GLU D 145 32.61 -13.89 15.93
CA GLU D 145 33.74 -14.36 16.73
C GLU D 145 34.17 -15.78 16.34
N ALA D 146 33.20 -16.61 15.96
CA ALA D 146 33.47 -17.98 15.51
C ALA D 146 34.20 -18.01 14.17
N ALA D 147 33.82 -17.08 13.28
CA ALA D 147 34.44 -16.95 11.97
C ALA D 147 35.89 -16.49 12.07
N LYS D 148 36.15 -15.59 13.02
CA LYS D 148 37.50 -15.08 13.27
C LYS D 148 38.39 -16.14 13.94
N SER D 149 37.75 -17.03 14.71
CA SER D 149 38.45 -18.10 15.42
C SER D 149 39.05 -19.15 14.50
N ILE D 150 38.32 -19.50 13.44
CA ILE D 150 38.81 -20.50 12.47
C ILE D 150 39.56 -19.87 11.29
N GLY D 151 39.41 -18.55 11.14
CA GLY D 151 40.17 -17.81 10.14
C GLY D 151 39.57 -17.86 8.75
N ALA D 152 38.51 -17.08 8.55
CA ALA D 152 37.82 -17.01 7.26
C ALA D 152 37.63 -15.56 6.81
N THR D 153 37.50 -15.36 5.50
CA THR D 153 37.15 -14.06 4.95
C THR D 153 35.67 -13.79 5.19
N THR D 154 35.38 -12.81 6.05
CA THR D 154 34.01 -12.56 6.51
C THR D 154 33.51 -11.16 6.16
N HIS D 155 32.22 -11.08 5.80
CA HIS D 155 31.54 -9.81 5.57
C HIS D 155 30.26 -9.74 6.39
N VAL D 156 30.04 -8.60 7.04
CA VAL D 156 28.87 -8.39 7.91
C VAL D 156 27.98 -7.29 7.33
N GLY D 157 26.68 -7.56 7.21
CA GLY D 157 25.75 -6.58 6.68
C GLY D 157 24.36 -7.09 6.33
N VAL D 158 23.74 -6.41 5.36
CA VAL D 158 22.34 -6.65 4.97
C VAL D 158 22.20 -7.71 3.89
N THR D 159 21.16 -8.53 4.00
CA THR D 159 20.85 -9.59 3.04
C THR D 159 19.46 -9.39 2.43
N ALA D 160 19.32 -9.64 1.13
CA ALA D 160 18.01 -9.61 0.47
C ALA D 160 17.39 -11.01 0.47
N SER D 161 16.20 -11.12 1.06
CA SER D 161 15.55 -12.41 1.29
C SER D 161 14.25 -12.56 0.49
N SER D 162 14.28 -13.40 -0.55
CA SER D 162 13.23 -13.46 -1.57
C SER D 162 12.38 -14.74 -1.56
N ASP D 163 11.09 -14.58 -1.83
CA ASP D 163 10.14 -15.70 -1.92
C ASP D 163 10.31 -16.53 -3.20
N THR D 164 11.09 -16.03 -4.16
CA THR D 164 11.41 -16.81 -5.37
C THR D 164 12.91 -16.88 -5.64
N PHE D 165 13.31 -17.91 -6.39
CA PHE D 165 14.69 -18.08 -6.80
C PHE D 165 14.98 -17.29 -8.09
N TYR D 166 13.95 -17.14 -8.92
CA TYR D 166 14.13 -16.56 -10.26
C TYR D 166 13.79 -15.06 -10.40
N PRO D 167 12.50 -14.69 -10.55
CA PRO D 167 12.16 -13.28 -10.80
C PRO D 167 12.47 -12.34 -9.63
N GLY D 168 12.31 -12.82 -8.40
CA GLY D 168 12.61 -12.03 -7.22
C GLY D 168 14.10 -11.74 -7.02
N GLN D 169 14.93 -12.52 -7.71
CA GLN D 169 16.38 -12.30 -7.70
C GLN D 169 16.87 -11.81 -9.06
N GLU D 170 15.92 -11.30 -9.86
CA GLU D 170 16.13 -10.77 -11.21
C GLU D 170 16.91 -11.68 -12.18
N ARG D 171 16.51 -12.95 -12.22
CA ARG D 171 17.02 -13.89 -13.22
C ARG D 171 16.13 -13.83 -14.47
N TYR D 172 16.76 -13.70 -15.64
CA TYR D 172 16.04 -13.56 -16.91
C TYR D 172 16.10 -14.81 -17.80
N ASP D 173 17.03 -15.73 -17.51
CA ASP D 173 17.14 -16.97 -18.26
C ASP D 173 16.11 -17.98 -17.76
N THR D 174 14.85 -17.73 -18.11
CA THR D 174 13.72 -18.52 -17.64
C THR D 174 12.80 -18.89 -18.80
N TYR D 175 11.72 -19.61 -18.49
CA TYR D 175 10.70 -19.97 -19.48
C TYR D 175 10.08 -18.74 -20.14
N SER D 176 9.69 -17.75 -19.32
CA SER D 176 9.04 -16.54 -19.82
C SER D 176 10.04 -15.51 -20.35
N GLY D 177 11.20 -15.42 -19.70
CA GLY D 177 12.22 -14.43 -20.04
C GLY D 177 11.87 -13.03 -19.58
N ARG D 178 10.84 -12.91 -18.74
CA ARG D 178 10.36 -11.61 -18.26
C ARG D 178 10.42 -11.51 -16.73
N VAL D 179 10.49 -10.27 -16.24
CA VAL D 179 10.41 -9.99 -14.81
C VAL D 179 9.36 -8.90 -14.59
N VAL D 180 8.45 -9.15 -13.64
CA VAL D 180 7.38 -8.20 -13.30
C VAL D 180 7.93 -6.81 -12.93
N ARG D 181 7.15 -5.78 -13.25
CA ARG D 181 7.57 -4.37 -13.09
C ARG D 181 8.22 -4.07 -11.74
N HIS D 182 7.63 -4.55 -10.65
CA HIS D 182 8.10 -4.29 -9.29
C HIS D 182 9.55 -4.72 -9.06
N PHE D 183 9.97 -5.81 -9.71
CA PHE D 183 11.31 -6.34 -9.52
C PHE D 183 12.29 -5.98 -10.66
N LYS D 184 11.79 -5.27 -11.66
CA LYS D 184 12.62 -4.77 -12.75
C LYS D 184 13.62 -3.74 -12.24
N GLY D 185 14.90 -4.00 -12.45
CA GLY D 185 15.97 -3.14 -11.98
C GLY D 185 16.19 -3.16 -10.47
N SER D 186 15.65 -4.18 -9.80
CA SER D 186 15.75 -4.27 -8.34
C SER D 186 17.14 -4.64 -7.84
N MET D 187 17.84 -5.52 -8.57
CA MET D 187 19.19 -5.95 -8.18
C MET D 187 20.16 -4.77 -8.13
N GLU D 188 20.10 -3.90 -9.15
CA GLU D 188 20.94 -2.70 -9.21
C GLU D 188 20.67 -1.75 -8.04
N GLU D 189 19.40 -1.70 -7.61
CA GLU D 189 19.00 -0.87 -6.47
C GLU D 189 19.59 -1.41 -5.16
N TRP D 190 19.45 -2.72 -4.93
CA TRP D 190 20.01 -3.36 -3.73
C TRP D 190 21.53 -3.22 -3.69
N GLN D 191 22.18 -3.36 -4.84
CA GLN D 191 23.64 -3.24 -4.96
C GLN D 191 24.14 -1.87 -4.51
N ALA D 192 23.44 -0.82 -4.95
CA ALA D 192 23.80 0.55 -4.58
C ALA D 192 23.57 0.86 -3.11
N MET D 193 22.66 0.10 -2.49
CA MET D 193 22.33 0.25 -1.07
C MET D 193 23.25 -0.58 -0.16
N GLY D 194 24.21 -1.29 -0.75
CA GLY D 194 25.20 -2.06 0.00
C GLY D 194 24.78 -3.46 0.41
N VAL D 195 23.67 -3.96 -0.14
CA VAL D 195 23.19 -5.31 0.13
C VAL D 195 24.19 -6.34 -0.40
N MET D 196 24.48 -7.35 0.42
CA MET D 196 25.54 -8.32 0.12
C MET D 196 25.14 -9.44 -0.84
N ASN D 197 23.94 -9.99 -0.62
CA ASN D 197 23.57 -11.29 -1.20
C ASN D 197 22.07 -11.56 -1.28
N TYR D 198 21.72 -12.66 -1.95
CA TYR D 198 20.35 -13.17 -2.01
C TYR D 198 20.25 -14.53 -1.32
N GLU D 199 19.22 -14.72 -0.50
CA GLU D 199 18.77 -16.05 -0.08
C GLU D 199 17.25 -16.07 0.11
N MET D 200 16.70 -17.15 0.67
CA MET D 200 15.25 -17.35 0.60
C MET D 200 14.48 -17.55 1.93
N GLU D 201 15.16 -17.49 3.07
CA GLU D 201 14.51 -17.82 4.35
C GLU D 201 14.70 -16.83 5.50
N SER D 202 15.75 -16.01 5.44
CA SER D 202 16.14 -15.18 6.59
C SER D 202 15.14 -14.10 7.02
N ALA D 203 14.41 -13.52 6.06
CA ALA D 203 13.39 -12.52 6.38
C ALA D 203 12.30 -13.10 7.29
N THR D 204 11.82 -14.30 6.94
CA THR D 204 10.83 -15.00 7.74
C THR D 204 11.37 -15.36 9.13
N LEU D 205 12.52 -16.04 9.17
CA LEU D 205 13.13 -16.48 10.43
C LEU D 205 13.42 -15.33 11.40
N LEU D 206 14.07 -14.29 10.91
CA LEU D 206 14.48 -13.18 11.78
C LEU D 206 13.30 -12.36 12.30
N THR D 207 12.30 -12.13 11.44
CA THR D 207 11.09 -11.38 11.83
C THR D 207 10.26 -12.14 12.85
N MET D 208 10.03 -13.43 12.59
CA MET D 208 9.19 -14.24 13.48
C MET D 208 9.85 -14.48 14.86
N CYS D 209 11.18 -14.52 14.89
CA CYS D 209 11.88 -14.68 16.17
C CYS D 209 12.00 -13.37 16.96
N ALA D 210 12.32 -12.27 16.27
CA ALA D 210 12.50 -10.97 16.90
C ALA D 210 11.21 -10.39 17.48
N SER D 211 10.07 -10.78 16.92
CA SER D 211 8.76 -10.31 17.37
C SER D 211 8.07 -11.27 18.35
N GLN D 212 8.77 -12.32 18.77
CA GLN D 212 8.22 -13.35 19.66
C GLN D 212 9.15 -13.74 20.82
N GLY D 213 10.19 -12.95 21.05
CA GLY D 213 11.11 -13.18 22.16
C GLY D 213 12.02 -14.39 21.99
N LEU D 214 12.32 -14.74 20.75
CA LEU D 214 13.26 -15.82 20.45
C LEU D 214 14.53 -15.25 19.83
N ARG D 215 15.66 -15.89 20.12
CA ARG D 215 16.96 -15.47 19.59
C ARG D 215 17.26 -16.17 18.25
N ALA D 216 17.73 -15.40 17.27
CA ALA D 216 18.07 -15.94 15.96
C ALA D 216 19.32 -15.31 15.34
N GLY D 217 20.10 -16.13 14.63
CA GLY D 217 21.27 -15.69 13.90
C GLY D 217 21.36 -16.35 12.53
N MET D 218 22.12 -15.74 11.62
CA MET D 218 22.18 -16.20 10.23
C MET D 218 23.60 -16.13 9.65
N VAL D 219 24.06 -17.26 9.10
CA VAL D 219 25.37 -17.37 8.46
C VAL D 219 25.27 -18.14 7.14
N ALA D 220 26.07 -17.74 6.14
CA ALA D 220 26.03 -18.38 4.82
C ALA D 220 27.37 -18.40 4.10
N GLY D 221 27.55 -19.40 3.25
CA GLY D 221 28.75 -19.54 2.43
C GLY D 221 28.47 -19.21 0.98
N VAL D 222 29.29 -18.32 0.41
CA VAL D 222 29.12 -17.87 -0.98
C VAL D 222 29.57 -18.96 -1.96
N ILE D 223 28.65 -19.39 -2.82
CA ILE D 223 28.95 -20.40 -3.83
C ILE D 223 28.97 -19.84 -5.25
N VAL D 224 28.37 -18.66 -5.42
CA VAL D 224 28.35 -17.97 -6.71
C VAL D 224 28.35 -16.44 -6.53
N ASN D 225 28.96 -15.73 -7.49
CA ASN D 225 28.86 -14.28 -7.56
C ASN D 225 28.13 -13.87 -8.84
N ARG D 226 27.03 -13.14 -8.68
CA ARG D 226 26.16 -12.78 -9.80
C ARG D 226 26.81 -11.80 -10.80
N THR D 227 27.79 -11.04 -10.35
CA THR D 227 28.49 -10.08 -11.21
C THR D 227 29.60 -10.73 -12.05
N GLN D 228 30.02 -11.93 -11.64
CA GLN D 228 31.11 -12.63 -12.30
C GLN D 228 30.63 -13.78 -13.18
N GLN D 229 29.74 -14.61 -12.62
CA GLN D 229 29.27 -15.82 -13.29
C GLN D 229 27.82 -16.15 -12.92
N GLU D 230 27.32 -17.27 -13.43
CA GLU D 230 25.96 -17.71 -13.14
C GLU D 230 25.89 -19.15 -12.62
N ILE D 231 26.93 -19.93 -12.90
CA ILE D 231 27.00 -21.34 -12.51
C ILE D 231 28.04 -21.60 -11.41
N PRO D 232 27.65 -22.34 -10.37
CA PRO D 232 28.57 -22.70 -9.28
C PRO D 232 29.49 -23.86 -9.63
N ASN D 233 30.62 -23.95 -8.92
CA ASN D 233 31.57 -25.06 -9.08
C ASN D 233 31.33 -26.15 -8.04
N ALA D 234 31.43 -27.40 -8.46
CA ALA D 234 31.11 -28.56 -7.62
C ALA D 234 32.10 -28.78 -6.47
N GLU D 235 33.39 -28.66 -6.76
CA GLU D 235 34.45 -28.91 -5.78
C GLU D 235 34.54 -27.84 -4.69
N THR D 236 34.47 -26.57 -5.11
CA THR D 236 34.59 -25.44 -4.17
C THR D 236 33.38 -25.34 -3.24
N MET D 237 32.22 -25.78 -3.72
CA MET D 237 30.98 -25.76 -2.95
C MET D 237 31.05 -26.64 -1.69
N LYS D 238 31.64 -27.83 -1.83
CA LYS D 238 31.78 -28.78 -0.73
C LYS D 238 32.72 -28.27 0.35
N GLN D 239 33.78 -27.57 -0.05
CA GLN D 239 34.74 -26.98 0.87
C GLN D 239 34.16 -25.76 1.59
N THR D 240 33.38 -24.97 0.86
CA THR D 240 32.72 -23.78 1.41
C THR D 240 31.64 -24.15 2.43
N GLU D 241 30.88 -25.20 2.12
CA GLU D 241 29.85 -25.73 3.01
C GLU D 241 30.47 -26.29 4.30
N SER D 242 31.64 -26.92 4.16
CA SER D 242 32.40 -27.44 5.30
C SER D 242 32.93 -26.32 6.20
N HIS D 243 33.30 -25.20 5.58
CA HIS D 243 33.81 -24.03 6.30
C HIS D 243 32.71 -23.37 7.13
N ALA D 244 31.53 -23.23 6.54
CA ALA D 244 30.39 -22.60 7.19
C ALA D 244 29.81 -23.44 8.33
N VAL D 245 29.86 -24.76 8.17
CA VAL D 245 29.37 -25.70 9.19
C VAL D 245 30.20 -25.60 10.47
N LYS D 246 31.52 -25.55 10.31
CA LYS D 246 32.44 -25.37 11.43
C LYS D 246 32.14 -24.09 12.22
N ILE D 247 31.80 -23.02 11.51
CA ILE D 247 31.50 -21.72 12.13
C ILE D 247 30.22 -21.75 12.97
N VAL D 248 29.16 -22.36 12.42
CA VAL D 248 27.86 -22.39 13.09
C VAL D 248 27.87 -23.28 14.35
N VAL D 249 28.66 -24.36 14.31
CA VAL D 249 28.82 -25.25 15.45
C VAL D 249 29.61 -24.55 16.57
N GLU D 250 30.68 -23.83 16.17
CA GLU D 250 31.49 -23.06 17.11
C GLU D 250 30.70 -21.92 17.75
N ALA D 251 29.81 -21.31 16.97
CA ALA D 251 28.93 -20.24 17.47
C ALA D 251 27.93 -20.78 18.48
N ALA D 252 27.40 -21.98 18.20
CA ALA D 252 26.47 -22.66 19.11
C ALA D 252 27.12 -22.94 20.47
N ARG D 253 28.41 -23.27 20.45
CA ARG D 253 29.19 -23.50 21.66
C ARG D 253 29.21 -22.29 22.58
N ARG D 254 29.30 -21.10 21.98
CA ARG D 254 29.37 -19.84 22.73
C ARG D 254 28.02 -19.40 23.29
N LEU D 255 26.93 -19.95 22.73
CA LEU D 255 25.58 -19.53 23.08
C LEU D 255 24.89 -20.46 24.08
N LEU D 256 25.56 -21.54 24.47
CA LEU D 256 24.99 -22.51 25.40
C LEU D 256 25.08 -22.02 26.85
N LYS E 6 32.48 31.43 2.63
CA LYS E 6 31.70 31.50 3.90
C LYS E 6 31.21 30.12 4.35
N SER E 7 30.62 29.38 3.41
CA SER E 7 30.09 28.05 3.71
C SER E 7 30.17 27.11 2.51
N ASP E 8 30.47 25.84 2.79
CA ASP E 8 30.51 24.80 1.77
C ASP E 8 29.18 24.05 1.67
N VAL E 9 28.34 24.23 2.68
CA VAL E 9 27.04 23.56 2.75
C VAL E 9 25.89 24.56 2.85
N PHE E 10 24.67 24.09 2.62
CA PHE E 10 23.50 24.96 2.52
C PHE E 10 22.92 25.42 3.85
N HIS E 11 22.99 24.57 4.88
CA HIS E 11 22.31 24.84 6.14
C HIS E 11 23.23 24.99 7.36
N LEU E 12 24.24 24.13 7.46
CA LEU E 12 25.11 24.08 8.64
C LEU E 12 26.05 25.27 8.76
N GLY E 13 26.53 25.78 7.63
CA GLY E 13 27.46 26.90 7.61
C GLY E 13 28.86 26.50 8.05
N LEU E 14 29.40 25.48 7.42
CA LEU E 14 30.71 24.93 7.77
C LEU E 14 31.55 24.64 6.53
N THR E 15 32.87 24.67 6.69
CA THR E 15 33.80 24.28 5.63
C THR E 15 34.54 23.01 6.04
N LYS E 16 35.15 22.34 5.06
CA LYS E 16 35.92 21.12 5.31
C LYS E 16 37.13 21.36 6.21
N ASN E 17 37.65 22.59 6.19
CA ASN E 17 38.78 23.00 7.02
C ASN E 17 38.42 23.08 8.51
N ASP E 18 37.16 23.39 8.80
CA ASP E 18 36.66 23.50 10.18
C ASP E 18 36.74 22.17 10.94
N LEU E 19 36.56 21.06 10.22
CA LEU E 19 36.52 19.74 10.82
C LEU E 19 37.91 19.24 11.22
N GLN E 20 38.93 19.72 10.51
CA GLN E 20 40.34 19.36 10.74
C GLN E 20 40.61 17.85 10.67
N GLY E 21 39.98 17.19 9.71
CA GLY E 21 40.20 15.77 9.47
C GLY E 21 39.31 14.83 10.27
N ALA E 22 38.30 15.38 10.93
CA ALA E 22 37.37 14.57 11.73
C ALA E 22 36.46 13.72 10.84
N THR E 23 36.29 12.46 11.22
CA THR E 23 35.42 11.53 10.48
C THR E 23 34.28 11.00 11.34
N LEU E 24 34.30 11.32 12.63
CA LEU E 24 33.28 10.87 13.57
C LEU E 24 32.50 12.05 14.14
N ALA E 25 31.19 11.86 14.32
CA ALA E 25 30.33 12.89 14.89
C ALA E 25 29.29 12.32 15.86
N ILE E 26 29.15 12.99 17.00
CA ILE E 26 28.08 12.68 17.95
C ILE E 26 26.91 13.64 17.66
N VAL E 27 25.73 13.08 17.45
CA VAL E 27 24.57 13.87 17.03
C VAL E 27 23.37 13.79 17.99
N PRO E 28 23.30 14.75 18.93
CA PRO E 28 22.14 14.87 19.81
C PRO E 28 21.01 15.67 19.15
N GLY E 29 19.83 15.68 19.78
CA GLY E 29 18.70 16.44 19.28
C GLY E 29 18.72 17.90 19.73
N ASP E 30 19.05 18.11 21.01
CA ASP E 30 19.01 19.43 21.63
C ASP E 30 20.26 20.27 21.34
N PRO E 31 20.06 21.46 20.77
CA PRO E 31 21.17 22.40 20.54
C PRO E 31 21.83 22.89 21.83
N ASP E 32 21.06 22.95 22.92
CA ASP E 32 21.57 23.42 24.21
C ASP E 32 22.51 22.41 24.88
N ARG E 33 22.36 21.15 24.53
CA ARG E 33 23.16 20.07 25.12
C ARG E 33 24.47 19.80 24.38
N VAL E 34 24.70 20.53 23.29
CA VAL E 34 25.90 20.35 22.46
C VAL E 34 27.17 20.75 23.21
N GLU E 35 27.11 21.90 23.90
CA GLU E 35 28.22 22.39 24.71
C GLU E 35 28.60 21.43 25.83
N LYS E 36 27.59 20.86 26.48
CA LYS E 36 27.78 19.94 27.60
C LYS E 36 28.54 18.66 27.22
N ILE E 37 28.24 18.13 26.03
CA ILE E 37 28.92 16.94 25.52
C ILE E 37 30.36 17.27 25.13
N ALA E 38 30.55 18.39 24.43
CA ALA E 38 31.87 18.82 23.96
C ALA E 38 32.83 19.18 25.10
N ALA E 39 32.27 19.61 26.23
CA ALA E 39 33.07 19.98 27.40
C ALA E 39 33.69 18.78 28.11
N LEU E 40 33.15 17.59 27.84
CA LEU E 40 33.68 16.34 28.39
C LEU E 40 34.99 15.92 27.70
N MET E 41 35.20 16.44 26.49
CA MET E 41 36.40 16.14 25.71
C MET E 41 37.40 17.30 25.76
N ASP E 42 38.61 17.07 25.26
CA ASP E 42 39.67 18.07 25.29
C ASP E 42 39.49 19.13 24.21
N LYS E 43 39.88 20.37 24.55
CA LYS E 43 39.87 21.52 23.65
C LYS E 43 38.53 21.75 22.91
N PRO E 44 37.49 22.17 23.62
CA PRO E 44 36.20 22.45 23.01
C PRO E 44 36.09 23.88 22.46
N VAL E 45 35.56 23.99 21.23
CA VAL E 45 35.40 25.29 20.57
C VAL E 45 34.16 25.32 19.66
N LYS E 46 33.42 26.43 19.72
CA LYS E 46 32.22 26.62 18.90
C LYS E 46 32.60 26.93 17.45
N LEU E 47 31.81 26.41 16.51
CA LEU E 47 32.06 26.63 15.09
C LEU E 47 30.97 27.46 14.43
N ALA E 48 29.73 27.00 14.53
CA ALA E 48 28.59 27.66 13.89
C ALA E 48 27.28 27.40 14.65
N SER E 49 26.35 28.35 14.54
CA SER E 49 25.01 28.21 15.12
C SER E 49 23.96 28.81 14.19
N HIS E 50 23.30 27.94 13.43
CA HIS E 50 22.27 28.35 12.49
C HIS E 50 21.02 27.49 12.65
N ARG E 51 19.88 28.16 12.76
CA ARG E 51 18.58 27.50 12.95
C ARG E 51 18.59 26.59 14.19
N GLU E 52 18.34 25.30 13.98
CA GLU E 52 18.37 24.30 15.05
C GLU E 52 19.70 23.55 15.09
N PHE E 53 20.64 23.96 14.23
CA PHE E 53 21.93 23.29 14.09
C PHE E 53 23.05 24.05 14.79
N THR E 54 23.63 23.44 15.82
CA THR E 54 24.77 24.00 16.53
C THR E 54 25.92 22.99 16.51
N THR E 55 27.07 23.43 16.00
CA THR E 55 28.22 22.55 15.82
C THR E 55 29.40 22.97 16.70
N TRP E 56 29.96 21.98 17.41
CA TRP E 56 31.12 22.18 18.27
C TRP E 56 32.20 21.17 17.92
N ARG E 57 33.46 21.61 17.97
CA ARG E 57 34.60 20.71 17.74
C ARG E 57 35.37 20.47 19.03
N ALA E 58 35.82 19.23 19.21
CA ALA E 58 36.62 18.85 20.37
C ALA E 58 37.68 17.81 19.97
N GLU E 59 38.51 17.41 20.94
CA GLU E 59 39.56 16.44 20.71
C GLU E 59 39.44 15.24 21.64
N LEU E 60 39.52 14.05 21.07
CA LEU E 60 39.44 12.80 21.83
C LEU E 60 40.64 11.92 21.51
N ASP E 61 41.47 11.69 22.53
CA ASP E 61 42.71 10.91 22.40
C ASP E 61 43.62 11.40 21.27
N GLY E 62 43.76 12.71 21.15
CA GLY E 62 44.59 13.33 20.13
C GLY E 62 43.96 13.39 18.75
N LYS E 63 42.68 13.02 18.67
CA LYS E 63 41.95 13.01 17.40
C LYS E 63 40.70 13.90 17.47
N PRO E 64 40.47 14.71 16.43
CA PRO E 64 39.32 15.62 16.39
C PRO E 64 37.97 14.92 16.24
N VAL E 65 36.97 15.39 17.00
CA VAL E 65 35.61 14.86 16.95
C VAL E 65 34.60 16.01 16.86
N ILE E 66 33.51 15.79 16.12
CA ILE E 66 32.47 16.81 15.92
C ILE E 66 31.20 16.50 16.71
N VAL E 67 30.60 17.52 17.30
CA VAL E 67 29.28 17.41 17.93
C VAL E 67 28.32 18.39 17.26
N CYS E 68 27.20 17.85 16.75
CA CYS E 68 26.25 18.64 15.96
C CYS E 68 24.80 18.26 16.26
N SER E 69 23.97 19.25 16.57
CA SER E 69 22.56 19.02 16.86
C SER E 69 21.74 18.83 15.58
N THR E 70 20.75 17.94 15.65
CA THR E 70 19.91 17.60 14.50
C THR E 70 18.51 18.21 14.58
N GLY E 71 18.10 18.57 15.80
CA GLY E 71 16.73 18.97 16.06
C GLY E 71 15.82 17.77 16.18
N ILE E 72 14.55 18.01 16.51
CA ILE E 72 13.56 16.93 16.62
C ILE E 72 13.03 16.54 15.24
N GLY E 73 13.08 15.24 14.94
CA GLY E 73 12.47 14.70 13.75
C GLY E 73 13.42 14.30 12.64
N GLY E 74 12.95 13.42 11.75
CA GLY E 74 13.70 12.93 10.61
C GLY E 74 14.13 13.95 9.57
N PRO E 75 13.22 14.84 9.15
CA PRO E 75 13.53 15.88 8.16
C PRO E 75 14.80 16.69 8.43
N SER E 76 14.93 17.27 9.62
CA SER E 76 16.13 18.06 9.94
C SER E 76 17.34 17.18 10.23
N THR E 77 17.09 15.97 10.71
CA THR E 77 18.15 14.98 10.90
C THR E 77 18.79 14.62 9.56
N SER E 78 17.95 14.44 8.54
CA SER E 78 18.42 14.10 7.19
C SER E 78 19.27 15.21 6.56
N ILE E 79 18.93 16.47 6.87
CA ILE E 79 19.70 17.62 6.41
C ILE E 79 21.08 17.63 7.06
N ALA E 80 21.12 17.44 8.38
CA ALA E 80 22.36 17.48 9.15
C ALA E 80 23.34 16.36 8.76
N VAL E 81 22.83 15.14 8.63
CA VAL E 81 23.65 13.98 8.31
C VAL E 81 24.25 14.04 6.90
N GLU E 82 23.42 14.43 5.93
CA GLU E 82 23.85 14.57 4.53
C GLU E 82 24.95 15.62 4.38
N GLU E 83 24.77 16.77 5.02
CA GLU E 83 25.72 17.87 4.92
C GLU E 83 27.02 17.59 5.67
N LEU E 84 26.94 16.81 6.74
CA LEU E 84 28.13 16.39 7.49
C LEU E 84 28.95 15.36 6.73
N ALA E 85 28.26 14.48 6.01
CA ALA E 85 28.90 13.45 5.17
C ALA E 85 29.68 14.08 4.01
N GLN E 86 29.12 15.16 3.45
CA GLN E 86 29.78 15.95 2.42
C GLN E 86 31.08 16.56 2.94
N LEU E 87 31.12 16.86 4.22
CA LEU E 87 32.28 17.46 4.87
C LEU E 87 33.33 16.42 5.29
N GLY E 88 32.96 15.14 5.26
CA GLY E 88 33.90 14.07 5.51
C GLY E 88 33.56 13.09 6.63
N ILE E 89 32.46 13.33 7.33
CA ILE E 89 32.05 12.45 8.43
C ILE E 89 31.50 11.12 7.89
N ARG E 90 32.01 10.02 8.44
CA ARG E 90 31.61 8.68 8.02
C ARG E 90 30.93 7.87 9.13
N THR E 91 31.13 8.30 10.37
CA THR E 91 30.54 7.63 11.54
C THR E 91 29.65 8.58 12.35
N PHE E 92 28.42 8.14 12.63
CA PHE E 92 27.44 8.96 13.35
C PHE E 92 26.93 8.21 14.59
N LEU E 93 27.03 8.86 15.75
CA LEU E 93 26.53 8.29 17.00
C LEU E 93 25.46 9.19 17.61
N ARG E 94 24.23 8.68 17.69
CA ARG E 94 23.11 9.44 18.23
C ARG E 94 22.90 9.20 19.72
N ILE E 95 22.63 10.28 20.45
CA ILE E 95 22.28 10.23 21.86
C ILE E 95 21.00 11.03 22.10
N GLY E 96 20.06 10.44 22.83
CA GLY E 96 18.80 11.11 23.14
C GLY E 96 18.09 10.61 24.39
N THR E 97 16.90 11.17 24.63
CA THR E 97 16.03 10.75 25.72
C THR E 97 14.96 9.82 25.15
N THR E 98 14.30 9.06 26.03
CA THR E 98 13.28 8.10 25.58
C THR E 98 12.24 7.74 26.64
N GLY E 99 11.10 7.22 26.17
CA GLY E 99 10.07 6.69 27.03
C GLY E 99 9.91 5.20 26.80
N ALA E 100 10.14 4.41 27.85
CA ALA E 100 10.06 2.95 27.77
C ALA E 100 8.63 2.44 27.82
N ILE E 101 8.36 1.35 27.08
CA ILE E 101 7.03 0.75 27.03
C ILE E 101 6.95 -0.67 27.61
N GLN E 102 8.09 -1.17 28.09
CA GLN E 102 8.14 -2.48 28.76
C GLN E 102 8.21 -2.31 30.28
N PRO E 103 7.44 -3.13 31.01
CA PRO E 103 7.35 -3.02 32.48
C PRO E 103 8.67 -3.24 33.22
N HIS E 104 9.56 -4.07 32.66
CA HIS E 104 10.82 -4.41 33.31
C HIS E 104 11.91 -3.33 33.19
N ILE E 105 11.76 -2.44 32.21
CA ILE E 105 12.73 -1.36 31.99
C ILE E 105 12.41 -0.16 32.89
N ASN E 106 13.36 0.18 33.77
CA ASN E 106 13.16 1.25 34.75
C ASN E 106 13.74 2.59 34.32
N VAL E 107 13.25 3.66 34.95
CA VAL E 107 13.80 5.01 34.77
C VAL E 107 15.27 5.00 35.22
N GLY E 108 16.14 5.50 34.36
CA GLY E 108 17.57 5.52 34.64
C GLY E 108 18.35 4.48 33.86
N ASP E 109 17.64 3.55 33.24
CA ASP E 109 18.26 2.50 32.42
C ASP E 109 18.80 3.07 31.10
N VAL E 110 19.73 2.34 30.50
CA VAL E 110 20.32 2.72 29.22
C VAL E 110 19.91 1.71 28.14
N LEU E 111 19.49 2.22 26.98
CA LEU E 111 19.05 1.37 25.88
C LEU E 111 19.89 1.55 24.62
N VAL E 112 20.36 0.43 24.07
CA VAL E 112 21.07 0.43 22.80
C VAL E 112 20.19 -0.21 21.73
N THR E 113 20.04 0.48 20.60
CA THR E 113 19.14 0.07 19.52
C THR E 113 19.85 -0.75 18.45
N THR E 114 19.36 -1.96 18.18
CA THR E 114 19.86 -2.80 17.09
C THR E 114 19.21 -2.41 15.77
N ALA E 115 17.91 -2.11 15.83
CA ALA E 115 17.13 -1.70 14.66
C ALA E 115 15.83 -1.02 15.09
N SER E 116 15.20 -0.31 14.16
CA SER E 116 14.00 0.48 14.48
C SER E 116 12.77 0.14 13.64
N VAL E 117 11.60 0.22 14.27
CA VAL E 117 10.32 0.18 13.56
C VAL E 117 10.13 1.52 12.87
N ARG E 118 9.88 1.48 11.56
CA ARG E 118 9.84 2.69 10.74
C ARG E 118 8.47 3.34 10.72
N LEU E 119 8.19 4.19 11.70
CA LEU E 119 6.95 4.96 11.76
C LEU E 119 7.18 6.41 11.33
N ASP E 120 8.12 6.58 10.39
CA ASP E 120 8.52 7.89 9.88
C ASP E 120 8.30 7.99 8.38
N GLY E 121 8.55 9.18 7.83
CA GLY E 121 8.42 9.41 6.40
C GLY E 121 9.75 9.53 5.68
N ALA E 122 10.73 10.15 6.33
CA ALA E 122 12.02 10.45 5.71
C ALA E 122 12.84 9.21 5.32
N SER E 123 12.69 8.12 6.07
CA SER E 123 13.39 6.87 5.75
C SER E 123 13.05 6.35 4.35
N LEU E 124 11.78 6.55 3.95
CA LEU E 124 11.28 6.12 2.65
C LEU E 124 11.90 6.88 1.47
N HIS E 125 12.49 8.04 1.76
CA HIS E 125 13.16 8.84 0.74
C HIS E 125 14.55 8.30 0.39
N PHE E 126 14.98 7.28 1.13
CA PHE E 126 16.30 6.65 0.93
C PHE E 126 16.21 5.18 0.55
N ALA E 127 15.24 4.47 1.14
CA ALA E 127 15.02 3.05 0.85
C ALA E 127 13.55 2.68 1.07
N PRO E 128 13.03 1.73 0.29
CA PRO E 128 11.64 1.27 0.47
C PRO E 128 11.42 0.59 1.82
N LEU E 129 10.17 0.54 2.28
CA LEU E 129 9.82 0.08 3.62
C LEU E 129 10.37 -1.30 4.02
N GLU E 130 10.51 -2.20 3.03
CA GLU E 130 11.03 -3.55 3.26
C GLU E 130 12.50 -3.59 3.70
N PHE E 131 13.23 -2.51 3.46
CA PHE E 131 14.62 -2.37 3.88
C PHE E 131 14.69 -2.13 5.40
N PRO E 132 15.53 -2.90 6.10
CA PRO E 132 15.63 -2.80 7.56
C PRO E 132 16.36 -1.55 8.06
N ALA E 133 15.76 -0.86 9.03
CA ALA E 133 16.40 0.29 9.67
C ALA E 133 17.40 -0.19 10.72
N VAL E 134 18.49 -0.79 10.24
CA VAL E 134 19.45 -1.48 11.10
C VAL E 134 20.69 -0.64 11.43
N ALA E 135 21.18 -0.79 12.66
CA ALA E 135 22.40 -0.11 13.10
C ALA E 135 23.65 -0.87 12.68
N ASP E 136 24.76 -0.15 12.57
CA ASP E 136 26.06 -0.75 12.25
C ASP E 136 26.53 -1.64 13.40
N PHE E 137 27.06 -2.82 13.06
CA PHE E 137 27.50 -3.80 14.06
C PHE E 137 28.66 -3.32 14.93
N GLU E 138 29.61 -2.60 14.33
CA GLU E 138 30.77 -2.08 15.07
C GLU E 138 30.36 -0.99 16.06
N CYS E 139 29.43 -0.14 15.66
CA CYS E 139 28.91 0.93 16.52
C CYS E 139 28.10 0.38 17.70
N THR E 140 27.26 -0.61 17.42
CA THR E 140 26.44 -1.26 18.44
C THR E 140 27.31 -1.99 19.47
N THR E 141 28.36 -2.67 18.98
CA THR E 141 29.32 -3.35 19.84
C THR E 141 30.04 -2.36 20.76
N ALA E 142 30.45 -1.23 20.20
CA ALA E 142 31.18 -0.20 20.95
C ALA E 142 30.32 0.43 22.05
N LEU E 143 29.04 0.64 21.76
CA LEU E 143 28.10 1.21 22.72
C LEU E 143 27.79 0.25 23.87
N VAL E 144 27.60 -1.03 23.54
CA VAL E 144 27.35 -2.08 24.53
C VAL E 144 28.53 -2.24 25.47
N GLU E 145 29.74 -2.29 24.91
CA GLU E 145 30.96 -2.46 25.69
C GLU E 145 31.31 -1.24 26.54
N ALA E 146 30.93 -0.05 26.07
CA ALA E 146 31.12 1.18 26.82
C ALA E 146 30.17 1.28 28.01
N ALA E 147 28.97 0.75 27.85
CA ALA E 147 27.97 0.71 28.91
C ALA E 147 28.40 -0.22 30.05
N LYS E 148 29.02 -1.34 29.68
CA LYS E 148 29.55 -2.29 30.64
C LYS E 148 30.78 -1.73 31.37
N SER E 149 31.51 -0.87 30.67
CA SER E 149 32.73 -0.25 31.22
C SER E 149 32.45 0.69 32.38
N ILE E 150 31.41 1.51 32.25
CA ILE E 150 31.03 2.45 33.30
C ILE E 150 30.07 1.83 34.32
N GLY E 151 29.50 0.68 33.97
CA GLY E 151 28.58 -0.02 34.84
C GLY E 151 27.19 0.58 34.83
N ALA E 152 26.33 0.06 33.97
CA ALA E 152 24.96 0.57 33.83
C ALA E 152 23.97 -0.56 33.55
N THR E 153 22.72 -0.38 33.97
CA THR E 153 21.65 -1.30 33.62
C THR E 153 21.26 -1.09 32.16
N THR E 154 21.62 -2.05 31.32
CA THR E 154 21.48 -1.91 29.87
C THR E 154 20.51 -2.93 29.27
N HIS E 155 19.71 -2.47 28.31
CA HIS E 155 18.84 -3.33 27.52
C HIS E 155 19.12 -3.13 26.02
N VAL E 156 19.26 -4.23 25.30
CA VAL E 156 19.57 -4.19 23.87
C VAL E 156 18.41 -4.78 23.06
N GLY E 157 17.94 -4.04 22.05
CA GLY E 157 16.83 -4.49 21.23
C GLY E 157 16.23 -3.48 20.27
N VAL E 158 14.94 -3.67 19.97
CA VAL E 158 14.24 -2.89 18.94
C VAL E 158 13.55 -1.64 19.51
N THR E 159 13.57 -0.56 18.74
CA THR E 159 12.97 0.72 19.10
C THR E 159 11.92 1.16 18.08
N ALA E 160 10.80 1.70 18.55
CA ALA E 160 9.79 2.30 17.66
C ALA E 160 10.07 3.79 17.45
N SER E 161 10.23 4.19 16.18
CA SER E 161 10.62 5.55 15.82
C SER E 161 9.52 6.29 15.07
N SER E 162 8.88 7.25 15.74
CA SER E 162 7.67 7.90 15.24
C SER E 162 7.85 9.36 14.81
N ASP E 163 7.11 9.76 13.78
CA ASP E 163 7.14 11.14 13.28
C ASP E 163 6.35 12.12 14.17
N THR E 164 5.58 11.61 15.12
CA THR E 164 4.91 12.48 16.11
C THR E 164 5.21 12.06 17.55
N PHE E 165 5.03 13.00 18.47
CA PHE E 165 5.21 12.76 19.90
C PHE E 165 3.92 12.25 20.54
N TYR E 166 2.78 12.67 19.98
CA TYR E 166 1.48 12.37 20.59
C TYR E 166 0.73 11.18 19.96
N PRO E 167 0.10 11.34 18.79
CA PRO E 167 -0.76 10.27 18.24
C PRO E 167 0.01 9.01 17.81
N GLY E 168 1.19 9.18 17.24
CA GLY E 168 2.03 8.08 16.82
C GLY E 168 2.61 7.27 17.97
N GLN E 169 2.57 7.85 19.16
CA GLN E 169 3.00 7.17 20.39
C GLN E 169 1.78 6.87 21.28
N GLU E 170 0.60 6.92 20.66
CA GLU E 170 -0.69 6.65 21.30
C GLU E 170 -0.95 7.40 22.61
N ARG E 171 -0.78 8.73 22.57
CA ARG E 171 -1.13 9.60 23.69
C ARG E 171 -2.53 10.17 23.46
N TYR E 172 -3.37 10.09 24.48
CA TYR E 172 -4.77 10.51 24.37
C TYR E 172 -5.09 11.83 25.09
N ASP E 173 -4.19 12.30 25.96
CA ASP E 173 -4.38 13.57 26.65
C ASP E 173 -3.95 14.74 25.78
N THR E 174 -4.72 14.98 24.72
CA THR E 174 -4.42 16.01 23.72
C THR E 174 -5.61 16.94 23.53
N TYR E 175 -5.48 17.87 22.59
CA TYR E 175 -6.57 18.80 22.26
C TYR E 175 -7.80 18.07 21.71
N SER E 176 -7.57 17.11 20.81
CA SER E 176 -8.64 16.35 20.18
C SER E 176 -9.11 15.17 21.02
N GLY E 177 -8.16 14.56 21.74
CA GLY E 177 -8.44 13.38 22.55
C GLY E 177 -8.65 12.12 21.74
N ARG E 178 -8.29 12.16 20.45
CA ARG E 178 -8.48 11.03 19.54
C ARG E 178 -7.17 10.60 18.86
N VAL E 179 -7.13 9.34 18.45
CA VAL E 179 -6.00 8.80 17.70
C VAL E 179 -6.53 8.12 16.43
N VAL E 180 -5.93 8.43 15.29
CA VAL E 180 -6.30 7.85 14.00
C VAL E 180 -6.28 6.31 14.03
N ARG E 181 -7.20 5.71 13.29
CA ARG E 181 -7.40 4.26 13.26
C ARG E 181 -6.12 3.43 13.14
N HIS E 182 -5.21 3.87 12.26
CA HIS E 182 -3.94 3.17 12.02
C HIS E 182 -3.09 3.00 13.29
N PHE E 183 -3.17 3.96 14.21
CA PHE E 183 -2.37 3.93 15.44
C PHE E 183 -3.15 3.55 16.69
N LYS E 184 -4.46 3.30 16.54
CA LYS E 184 -5.28 2.83 17.64
C LYS E 184 -4.91 1.41 18.04
N GLY E 185 -4.49 1.23 19.29
CA GLY E 185 -4.04 -0.05 19.79
C GLY E 185 -2.62 -0.44 19.37
N SER E 186 -1.89 0.51 18.80
CA SER E 186 -0.54 0.24 18.29
C SER E 186 0.50 -0.03 19.39
N MET E 187 0.39 0.69 20.50
CA MET E 187 1.33 0.53 21.62
C MET E 187 1.30 -0.90 22.20
N GLU E 188 0.10 -1.44 22.38
CA GLU E 188 -0.09 -2.81 22.87
C GLU E 188 0.54 -3.83 21.93
N GLU E 189 0.43 -3.57 20.62
CA GLU E 189 1.01 -4.43 19.60
C GLU E 189 2.55 -4.42 19.67
N TRP E 190 3.14 -3.23 19.71
CA TRP E 190 4.60 -3.09 19.84
C TRP E 190 5.12 -3.74 21.12
N GLN E 191 4.38 -3.58 22.22
CA GLN E 191 4.72 -4.18 23.51
C GLN E 191 4.81 -5.71 23.43
N ALA E 192 3.84 -6.32 22.76
CA ALA E 192 3.79 -7.77 22.58
C ALA E 192 4.92 -8.29 21.68
N MET E 193 5.39 -7.44 20.78
CA MET E 193 6.48 -7.78 19.86
C MET E 193 7.87 -7.58 20.47
N GLY E 194 7.92 -7.09 21.71
CA GLY E 194 9.17 -6.93 22.44
C GLY E 194 9.88 -5.61 22.23
N VAL E 195 9.19 -4.64 21.63
CA VAL E 195 9.75 -3.30 21.40
C VAL E 195 9.97 -2.60 22.74
N MET E 196 11.15 -1.99 22.91
CA MET E 196 11.57 -1.42 24.18
C MET E 196 10.97 -0.04 24.49
N ASN E 197 10.94 0.83 23.47
CA ASN E 197 10.75 2.26 23.70
C ASN E 197 10.30 3.08 22.47
N TYR E 198 9.94 4.33 22.72
CA TYR E 198 9.60 5.29 21.68
C TYR E 198 10.65 6.41 21.62
N GLU E 199 11.07 6.76 20.40
CA GLU E 199 11.77 8.03 20.13
C GLU E 199 11.43 8.53 18.71
N MET E 200 12.10 9.56 18.24
CA MET E 200 11.65 10.27 17.03
C MET E 200 12.63 10.44 15.87
N GLU E 201 13.83 9.85 15.94
CA GLU E 201 14.84 10.11 14.92
C GLU E 201 15.61 8.89 14.37
N SER E 202 15.57 7.77 15.09
CA SER E 202 16.44 6.62 14.76
C SER E 202 16.15 5.93 13.43
N ALA E 203 14.88 5.85 13.05
CA ALA E 203 14.50 5.21 11.78
C ALA E 203 15.08 5.94 10.57
N THR E 204 15.00 7.27 10.57
CA THR E 204 15.60 8.09 9.52
C THR E 204 17.12 7.92 9.49
N LEU E 205 17.76 8.10 10.63
CA LEU E 205 19.21 8.02 10.75
C LEU E 205 19.78 6.67 10.31
N LEU E 206 19.23 5.59 10.86
CA LEU E 206 19.75 4.25 10.59
C LEU E 206 19.52 3.79 9.15
N THR E 207 18.34 4.12 8.59
CA THR E 207 18.01 3.78 7.20
C THR E 207 18.92 4.51 6.21
N MET E 208 19.05 5.83 6.39
CA MET E 208 19.85 6.65 5.48
C MET E 208 21.35 6.31 5.53
N CYS E 209 21.84 5.88 6.69
CA CYS E 209 23.25 5.50 6.83
C CYS E 209 23.55 4.11 6.28
N ALA E 210 22.66 3.15 6.58
CA ALA E 210 22.84 1.76 6.14
C ALA E 210 22.71 1.58 4.63
N SER E 211 21.97 2.48 3.99
CA SER E 211 21.74 2.40 2.54
C SER E 211 22.71 3.28 1.72
N GLN E 212 23.66 3.91 2.42
CA GLN E 212 24.61 4.82 1.76
C GLN E 212 26.06 4.56 2.17
N GLY E 213 26.30 3.49 2.92
CA GLY E 213 27.64 3.07 3.30
C GLY E 213 28.25 3.86 4.44
N LEU E 214 27.41 4.36 5.33
CA LEU E 214 27.87 5.10 6.52
C LEU E 214 27.54 4.32 7.79
N ARG E 215 28.40 4.45 8.79
CA ARG E 215 28.23 3.75 10.07
C ARG E 215 27.40 4.58 11.05
N ALA E 216 26.39 3.96 11.66
CA ALA E 216 25.53 4.64 12.62
C ALA E 216 25.22 3.78 13.85
N GLY E 217 25.12 4.44 15.01
CA GLY E 217 24.75 3.81 16.27
C GLY E 217 23.77 4.65 17.06
N MET E 218 23.05 4.03 17.99
CA MET E 218 22.00 4.70 18.75
C MET E 218 21.98 4.29 20.22
N VAL E 219 22.04 5.29 21.09
CA VAL E 219 21.96 5.08 22.55
C VAL E 219 21.01 6.11 23.19
N ALA E 220 20.26 5.67 24.20
CA ALA E 220 19.27 6.52 24.87
C ALA E 220 19.15 6.25 26.37
N GLY E 221 18.73 7.28 27.11
CA GLY E 221 18.49 7.17 28.54
C GLY E 221 17.02 7.29 28.88
N VAL E 222 16.52 6.33 29.67
CA VAL E 222 15.11 6.28 30.04
C VAL E 222 14.77 7.33 31.10
N ILE E 223 13.85 8.23 30.78
CA ILE E 223 13.40 9.26 31.72
C ILE E 223 11.97 9.03 32.20
N VAL E 224 11.21 8.23 31.45
CA VAL E 224 9.84 7.86 31.85
C VAL E 224 9.45 6.47 31.36
N ASN E 225 8.56 5.82 32.11
CA ASN E 225 7.95 4.55 31.69
C ASN E 225 6.45 4.73 31.51
N ARG E 226 5.96 4.38 30.32
CA ARG E 226 4.56 4.59 29.95
C ARG E 226 3.57 3.72 30.72
N THR E 227 4.03 2.56 31.20
CA THR E 227 3.17 1.63 31.94
C THR E 227 3.00 2.03 33.41
N GLN E 228 3.84 2.94 33.89
CA GLN E 228 3.79 3.42 35.27
C GLN E 228 3.04 4.74 35.37
N ASN E 233 10.39 12.62 37.95
CA ASN E 233 11.32 13.44 38.73
C ASN E 233 12.23 14.27 37.82
N ALA E 234 12.59 15.46 38.29
CA ALA E 234 13.41 16.39 37.52
C ALA E 234 14.92 16.12 37.66
N GLU E 235 15.36 15.87 38.89
CA GLU E 235 16.77 15.63 39.18
C GLU E 235 17.27 14.30 38.63
N THR E 236 16.39 13.30 38.56
CA THR E 236 16.74 11.99 38.03
C THR E 236 17.00 12.04 36.53
N MET E 237 16.36 12.98 35.84
CA MET E 237 16.53 13.18 34.40
C MET E 237 17.92 13.73 34.06
N LYS E 238 18.47 14.54 34.97
CA LYS E 238 19.80 15.12 34.79
C LYS E 238 20.90 14.08 35.00
N GLN E 239 20.70 13.20 35.97
CA GLN E 239 21.65 12.11 36.27
C GLN E 239 21.67 11.05 35.17
N THR E 240 20.50 10.81 34.57
CA THR E 240 20.35 9.83 33.47
C THR E 240 21.04 10.34 32.20
N GLU E 241 20.98 11.65 31.97
CA GLU E 241 21.63 12.28 30.83
C GLU E 241 23.15 12.20 30.94
N SER E 242 23.68 12.45 32.13
CA SER E 242 25.12 12.37 32.40
C SER E 242 25.65 10.95 32.27
N HIS E 243 24.81 9.99 32.64
CA HIS E 243 25.14 8.56 32.54
C HIS E 243 25.26 8.12 31.08
N ALA E 244 24.30 8.54 30.27
CA ALA E 244 24.27 8.19 28.85
C ALA E 244 25.35 8.90 28.04
N VAL E 245 25.61 10.17 28.37
CA VAL E 245 26.63 10.98 27.70
C VAL E 245 28.03 10.39 27.89
N LYS E 246 28.31 9.87 29.08
CA LYS E 246 29.58 9.21 29.37
C LYS E 246 29.78 7.93 28.54
N ILE E 247 28.67 7.26 28.21
CA ILE E 247 28.73 6.05 27.40
C ILE E 247 29.04 6.36 25.93
N VAL E 248 28.37 7.37 25.37
CA VAL E 248 28.56 7.74 23.96
C VAL E 248 29.95 8.31 23.66
N VAL E 249 30.57 8.93 24.66
CA VAL E 249 31.94 9.44 24.54
C VAL E 249 32.94 8.28 24.61
N GLU E 250 32.71 7.36 25.55
CA GLU E 250 33.53 6.15 25.71
C GLU E 250 33.44 5.23 24.49
N ALA E 251 32.27 5.17 23.87
CA ALA E 251 32.07 4.39 22.64
C ALA E 251 32.79 5.03 21.46
N ALA E 252 32.79 6.36 21.41
CA ALA E 252 33.49 7.11 20.38
C ALA E 252 35.00 6.88 20.42
N ARG E 253 35.52 6.66 21.63
CA ARG E 253 36.94 6.35 21.84
C ARG E 253 37.36 5.05 21.17
N ARG E 254 36.45 4.05 21.22
CA ARG E 254 36.71 2.73 20.67
C ARG E 254 36.56 2.69 19.14
N LEU E 255 35.86 3.68 18.59
CA LEU E 255 35.58 3.71 17.16
C LEU E 255 36.55 4.57 16.34
N LEU E 256 37.40 5.33 17.03
CA LEU E 256 38.40 6.16 16.38
C LEU E 256 39.60 5.33 15.94
N SER F 7 5.34 25.21 33.60
CA SER F 7 4.55 25.41 32.34
C SER F 7 3.46 24.35 32.18
N ASP F 8 2.46 24.65 31.36
CA ASP F 8 1.33 23.75 31.14
C ASP F 8 1.56 22.77 29.98
N VAL F 9 2.64 23.00 29.22
CA VAL F 9 2.98 22.14 28.08
C VAL F 9 4.35 21.49 28.21
N PHE F 10 4.60 20.46 27.41
CA PHE F 10 5.81 19.64 27.51
C PHE F 10 7.06 20.25 26.89
N HIS F 11 6.90 21.03 25.82
CA HIS F 11 8.04 21.50 25.03
C HIS F 11 8.21 23.02 24.94
N LEU F 12 7.11 23.73 24.71
CA LEU F 12 7.15 25.17 24.44
C LEU F 12 7.53 26.01 25.66
N GLY F 13 7.23 25.52 26.85
CA GLY F 13 7.54 26.22 28.09
C GLY F 13 6.66 27.44 28.31
N LEU F 14 5.35 27.26 28.10
CA LEU F 14 4.38 28.35 28.23
C LEU F 14 3.20 27.96 29.10
N THR F 15 2.60 28.96 29.73
CA THR F 15 1.33 28.78 30.44
C THR F 15 0.21 29.42 29.61
N LYS F 16 -1.04 29.10 29.96
CA LYS F 16 -2.20 29.70 29.30
C LYS F 16 -2.26 31.21 29.53
N ASN F 17 -1.73 31.66 30.66
CA ASN F 17 -1.70 33.07 31.03
C ASN F 17 -0.81 33.93 30.14
N ASP F 18 0.24 33.32 29.60
CA ASP F 18 1.20 34.01 28.73
C ASP F 18 0.57 34.50 27.42
N LEU F 19 -0.44 33.79 26.95
CA LEU F 19 -1.13 34.13 25.71
C LEU F 19 -2.05 35.34 25.86
N GLN F 20 -2.62 35.49 27.06
CA GLN F 20 -3.53 36.58 27.40
C GLN F 20 -4.79 36.64 26.52
N GLY F 21 -5.34 35.46 26.21
CA GLY F 21 -6.57 35.36 25.44
C GLY F 21 -6.38 35.25 23.93
N ALA F 22 -5.14 35.11 23.49
CA ALA F 22 -4.82 35.01 22.06
C ALA F 22 -5.39 33.74 21.42
N THR F 23 -5.89 33.88 20.20
CA THR F 23 -6.48 32.75 19.47
C THR F 23 -5.81 32.54 18.10
N LEU F 24 -4.93 33.46 17.71
CA LEU F 24 -4.23 33.39 16.43
C LEU F 24 -2.71 33.37 16.64
N ALA F 25 -2.03 32.55 15.84
CA ALA F 25 -0.57 32.46 15.89
C ALA F 25 0.06 32.38 14.51
N ILE F 26 1.08 33.20 14.28
CA ILE F 26 1.90 33.14 13.07
C ILE F 26 3.04 32.16 13.34
N VAL F 27 3.20 31.18 12.44
CA VAL F 27 4.16 30.10 12.66
C VAL F 27 5.23 29.97 11.56
N PRO F 28 6.37 30.65 11.76
CA PRO F 28 7.52 30.51 10.87
C PRO F 28 8.36 29.27 11.22
N GLY F 29 9.39 29.00 10.43
CA GLY F 29 10.27 27.86 10.67
C GLY F 29 11.49 28.23 11.48
N ASP F 30 12.15 29.31 11.07
CA ASP F 30 13.37 29.79 11.71
C ASP F 30 13.09 30.48 13.04
N PRO F 31 13.71 30.00 14.12
CA PRO F 31 13.63 30.65 15.44
C PRO F 31 14.24 32.06 15.46
N ASP F 32 15.19 32.31 14.55
CA ASP F 32 15.86 33.61 14.46
C ASP F 32 15.01 34.65 13.72
N ARG F 33 13.95 34.20 13.08
CA ARG F 33 13.05 35.08 12.32
C ARG F 33 11.85 35.56 13.14
N VAL F 34 11.67 34.96 14.32
CA VAL F 34 10.53 35.26 15.21
C VAL F 34 10.57 36.72 15.70
N GLU F 35 11.77 37.18 16.07
CA GLU F 35 11.96 38.55 16.56
C GLU F 35 11.63 39.61 15.51
N LYS F 36 11.93 39.31 14.25
CA LYS F 36 11.69 40.23 13.14
C LYS F 36 10.22 40.40 12.81
N ILE F 37 9.45 39.31 12.90
CA ILE F 37 8.02 39.33 12.64
C ILE F 37 7.26 40.03 13.78
N ALA F 38 7.69 39.77 15.01
CA ALA F 38 7.07 40.35 16.20
C ALA F 38 7.33 41.86 16.33
N ALA F 39 8.42 42.32 15.73
CA ALA F 39 8.81 43.73 15.75
C ALA F 39 7.89 44.60 14.88
N LEU F 40 7.25 43.98 13.89
CA LEU F 40 6.33 44.67 13.00
C LEU F 40 5.01 45.04 13.67
N MET F 41 4.69 44.33 14.76
CA MET F 41 3.47 44.56 15.52
C MET F 41 3.73 45.37 16.80
N ASP F 42 2.67 45.84 17.43
CA ASP F 42 2.77 46.68 18.62
C ASP F 42 3.11 45.88 19.88
N LYS F 43 3.92 46.51 20.75
CA LYS F 43 4.33 45.93 22.05
C LYS F 43 4.83 44.49 21.98
N PRO F 44 6.07 44.30 21.49
CA PRO F 44 6.66 42.95 21.40
C PRO F 44 7.38 42.55 22.69
N VAL F 45 7.25 41.28 23.06
CA VAL F 45 7.89 40.74 24.26
C VAL F 45 8.31 39.27 24.10
N LYS F 46 9.48 38.93 24.63
CA LYS F 46 9.99 37.56 24.61
C LYS F 46 9.34 36.74 25.71
N LEU F 47 8.77 35.59 25.33
CA LEU F 47 8.11 34.70 26.27
C LEU F 47 8.99 33.52 26.69
N ALA F 48 9.39 32.71 25.72
CA ALA F 48 10.18 31.51 25.99
C ALA F 48 11.05 31.10 24.81
N SER F 49 12.17 30.45 25.11
CA SER F 49 13.05 29.87 24.10
C SER F 49 13.61 28.54 24.58
N HIS F 50 13.11 27.45 23.98
CA HIS F 50 13.55 26.10 24.31
C HIS F 50 13.69 25.26 23.04
N ARG F 51 14.87 24.66 22.88
CA ARG F 51 15.20 23.86 21.69
C ARG F 51 15.08 24.70 20.41
N GLU F 52 14.23 24.26 19.48
CA GLU F 52 13.98 24.99 18.24
C GLU F 52 12.73 25.88 18.33
N PHE F 53 12.12 25.92 19.51
CA PHE F 53 10.90 26.69 19.72
C PHE F 53 11.15 28.01 20.45
N THR F 54 10.98 29.11 19.72
CA THR F 54 11.04 30.46 20.30
C THR F 54 9.67 31.12 20.15
N THR F 55 9.17 31.69 21.25
CA THR F 55 7.83 32.29 21.27
C THR F 55 7.87 33.76 21.68
N TRP F 56 7.14 34.58 20.91
CA TRP F 56 7.01 36.00 21.19
C TRP F 56 5.53 36.42 21.18
N ARG F 57 5.19 37.34 22.07
CA ARG F 57 3.83 37.88 22.14
C ARG F 57 3.80 39.33 21.67
N ALA F 58 2.82 39.63 20.81
CA ALA F 58 2.66 40.98 20.27
C ALA F 58 1.18 41.39 20.25
N GLU F 59 0.92 42.64 19.86
CA GLU F 59 -0.44 43.17 19.80
C GLU F 59 -0.77 43.68 18.39
N LEU F 60 -1.96 43.35 17.93
CA LEU F 60 -2.45 43.79 16.61
C LEU F 60 -3.88 44.32 16.74
N ASP F 61 -4.03 45.61 16.45
CA ASP F 61 -5.32 46.33 16.59
C ASP F 61 -5.92 46.21 18.00
N GLY F 62 -5.06 46.15 19.01
CA GLY F 62 -5.47 46.01 20.39
C GLY F 62 -5.80 44.58 20.81
N LYS F 63 -5.37 43.62 20.01
CA LYS F 63 -5.62 42.20 20.28
C LYS F 63 -4.31 41.40 20.30
N PRO F 64 -4.12 40.56 21.32
CA PRO F 64 -2.89 39.76 21.48
C PRO F 64 -2.70 38.71 20.39
N VAL F 65 -1.48 38.64 19.85
CA VAL F 65 -1.11 37.69 18.80
C VAL F 65 0.21 37.00 19.18
N ILE F 66 0.32 35.72 18.83
CA ILE F 66 1.51 34.91 19.14
C ILE F 66 2.33 34.62 17.89
N VAL F 67 3.66 34.70 18.03
CA VAL F 67 4.59 34.24 16.99
C VAL F 67 5.45 33.11 17.58
N CYS F 68 5.38 31.94 16.95
CA CYS F 68 6.07 30.75 17.46
C CYS F 68 6.69 29.91 16.34
N SER F 69 7.99 29.64 16.46
CA SER F 69 8.72 28.87 15.46
C SER F 69 8.46 27.37 15.59
N THR F 70 8.36 26.70 14.45
CA THR F 70 8.08 25.26 14.41
C THR F 70 9.32 24.43 14.11
N GLY F 71 10.27 25.03 13.40
CA GLY F 71 11.45 24.32 12.92
C GLY F 71 11.20 23.68 11.58
N ILE F 72 12.21 23.01 11.04
CA ILE F 72 12.11 22.34 9.75
C ILE F 72 11.47 20.97 9.90
N GLY F 73 10.41 20.71 9.13
CA GLY F 73 9.80 19.40 9.08
C GLY F 73 8.54 19.22 9.90
N GLY F 74 7.76 18.20 9.54
CA GLY F 74 6.51 17.87 10.19
C GLY F 74 6.57 17.50 11.67
N PRO F 75 7.51 16.63 12.07
CA PRO F 75 7.62 16.20 13.46
C PRO F 75 7.62 17.31 14.51
N SER F 76 8.52 18.30 14.38
CA SER F 76 8.57 19.39 15.34
C SER F 76 7.40 20.37 15.17
N THR F 77 6.93 20.51 13.93
CA THR F 77 5.75 21.31 13.63
C THR F 77 4.50 20.75 14.33
N SER F 78 4.37 19.42 14.33
CA SER F 78 3.25 18.75 14.99
C SER F 78 3.24 18.95 16.51
N ILE F 79 4.43 19.05 17.10
CA ILE F 79 4.57 19.34 18.53
C ILE F 79 4.13 20.77 18.84
N ALA F 80 4.61 21.73 18.06
CA ALA F 80 4.32 23.16 18.27
C ALA F 80 2.83 23.47 18.15
N VAL F 81 2.20 22.95 17.10
CA VAL F 81 0.79 23.20 16.81
C VAL F 81 -0.14 22.58 17.86
N GLU F 82 0.14 21.33 18.23
CA GLU F 82 -0.66 20.63 19.25
C GLU F 82 -0.64 21.35 20.59
N GLU F 83 0.54 21.78 21.03
CA GLU F 83 0.71 22.42 22.32
C GLU F 83 0.14 23.84 22.35
N LEU F 84 0.20 24.54 21.21
CA LEU F 84 -0.42 25.86 21.08
C LEU F 84 -1.94 25.75 21.11
N ALA F 85 -2.47 24.68 20.51
CA ALA F 85 -3.91 24.41 20.51
C ALA F 85 -4.42 24.11 21.93
N GLN F 86 -3.59 23.45 22.72
CA GLN F 86 -3.89 23.18 24.13
C GLN F 86 -3.97 24.47 24.94
N LEU F 87 -3.16 25.46 24.55
CA LEU F 87 -3.11 26.75 25.24
C LEU F 87 -4.19 27.73 24.76
N GLY F 88 -4.83 27.42 23.64
CA GLY F 88 -5.96 28.21 23.18
C GLY F 88 -5.96 28.69 21.73
N ILE F 89 -4.89 28.40 20.99
CA ILE F 89 -4.77 28.85 19.61
C ILE F 89 -5.68 28.05 18.68
N ARG F 90 -6.44 28.78 17.85
CA ARG F 90 -7.41 28.17 16.93
C ARG F 90 -7.10 28.47 15.46
N THR F 91 -6.27 29.47 15.21
CA THR F 91 -5.90 29.88 13.85
C THR F 91 -4.39 29.92 13.67
N PHE F 92 -3.90 29.29 12.60
CA PHE F 92 -2.48 29.19 12.32
C PHE F 92 -2.14 29.73 10.93
N LEU F 93 -1.14 30.59 10.86
CA LEU F 93 -0.66 31.12 9.58
C LEU F 93 0.84 30.88 9.42
N ARG F 94 1.21 30.14 8.37
CA ARG F 94 2.61 29.78 8.12
C ARG F 94 3.29 30.70 7.12
N ILE F 95 4.50 31.12 7.46
CA ILE F 95 5.36 31.90 6.58
C ILE F 95 6.69 31.16 6.37
N GLY F 96 7.15 31.09 5.12
CA GLY F 96 8.39 30.41 4.80
C GLY F 96 8.97 30.74 3.43
N THR F 97 10.14 30.19 3.16
CA THR F 97 10.80 30.32 1.85
C THR F 97 10.55 29.06 1.03
N THR F 98 10.70 29.15 -0.29
CA THR F 98 10.44 28.02 -1.18
C THR F 98 11.22 28.06 -2.50
N GLY F 99 11.29 26.90 -3.15
CA GLY F 99 11.88 26.78 -4.47
C GLY F 99 10.83 26.39 -5.49
N ALA F 100 10.65 27.23 -6.50
CA ALA F 100 9.64 27.02 -7.53
C ALA F 100 10.10 26.02 -8.60
N ILE F 101 9.15 25.27 -9.15
CA ILE F 101 9.45 24.27 -10.19
C ILE F 101 8.80 24.60 -11.54
N GLN F 102 8.08 25.71 -11.61
CA GLN F 102 7.44 26.16 -12.85
C GLN F 102 8.24 27.29 -13.50
N PRO F 103 8.40 27.24 -14.83
CA PRO F 103 9.17 28.25 -15.57
C PRO F 103 8.56 29.65 -15.52
N HIS F 104 7.24 29.76 -15.41
CA HIS F 104 6.55 31.06 -15.43
C HIS F 104 6.60 31.79 -14.09
N ILE F 105 6.91 31.06 -13.02
CA ILE F 105 7.06 31.66 -11.69
C ILE F 105 8.51 32.12 -11.51
N ASN F 106 8.69 33.41 -11.19
CA ASN F 106 10.01 33.99 -11.04
C ASN F 106 10.43 34.19 -9.58
N VAL F 107 11.74 34.39 -9.38
CA VAL F 107 12.29 34.68 -8.06
C VAL F 107 11.81 36.05 -7.58
N GLY F 108 11.17 36.07 -6.42
CA GLY F 108 10.59 37.29 -5.87
C GLY F 108 9.08 37.23 -5.77
N ASP F 109 8.48 36.26 -6.47
CA ASP F 109 7.03 36.07 -6.46
C ASP F 109 6.54 35.49 -5.14
N VAL F 110 5.24 35.68 -4.87
CA VAL F 110 4.61 35.19 -3.65
C VAL F 110 3.60 34.08 -4.00
N LEU F 111 3.62 32.99 -3.24
CA LEU F 111 2.72 31.86 -3.49
C LEU F 111 1.78 31.59 -2.33
N VAL F 112 0.50 31.38 -2.66
CA VAL F 112 -0.51 30.99 -1.67
C VAL F 112 -0.97 29.57 -1.97
N THR F 113 -0.88 28.70 -0.96
CA THR F 113 -1.17 27.28 -1.12
C THR F 113 -2.62 26.93 -0.78
N THR F 114 -3.33 26.35 -1.75
CA THR F 114 -4.69 25.87 -1.53
C THR F 114 -4.65 24.50 -0.85
N ALA F 115 -3.78 23.62 -1.35
CA ALA F 115 -3.60 22.27 -0.80
C ALA F 115 -2.23 21.71 -1.17
N SER F 116 -1.81 20.64 -0.48
CA SER F 116 -0.47 20.12 -0.62
C SER F 116 -0.38 18.63 -0.95
N VAL F 117 0.61 18.29 -1.77
CA VAL F 117 0.96 16.89 -2.04
C VAL F 117 1.67 16.34 -0.80
N ARG F 118 1.15 15.23 -0.27
CA ARG F 118 1.63 14.68 1.00
C ARG F 118 2.82 13.73 0.83
N LEU F 119 4.02 14.31 0.74
CA LEU F 119 5.25 13.52 0.67
C LEU F 119 5.93 13.48 2.04
N ASP F 120 5.11 13.40 3.09
CA ASP F 120 5.57 13.42 4.47
C ASP F 120 5.04 12.21 5.25
N GLY F 121 5.49 12.07 6.50
CA GLY F 121 5.05 10.97 7.35
C GLY F 121 4.09 11.38 8.44
N ALA F 122 4.26 12.59 8.96
CA ALA F 122 3.50 13.07 10.12
C ALA F 122 2.00 13.26 9.85
N SER F 123 1.65 13.69 8.63
CA SER F 123 0.25 13.86 8.24
C SER F 123 -0.56 12.57 8.38
N LEU F 124 0.09 11.43 8.14
CA LEU F 124 -0.53 10.12 8.27
C LEU F 124 -0.89 9.74 9.71
N HIS F 125 -0.27 10.42 10.66
CA HIS F 125 -0.55 10.19 12.07
C HIS F 125 -1.83 10.88 12.53
N PHE F 126 -2.41 11.70 11.63
CA PHE F 126 -3.64 12.44 11.91
C PHE F 126 -4.81 12.02 11.02
N ALA F 127 -4.51 11.65 9.78
CA ALA F 127 -5.52 11.21 8.81
C ALA F 127 -4.89 10.33 7.73
N PRO F 128 -5.64 9.35 7.22
CA PRO F 128 -5.14 8.48 6.13
C PRO F 128 -4.85 9.27 4.85
N LEU F 129 -4.03 8.70 3.97
CA LEU F 129 -3.52 9.41 2.79
C LEU F 129 -4.61 9.99 1.87
N GLU F 130 -5.76 9.34 1.81
CA GLU F 130 -6.89 9.78 0.98
C GLU F 130 -7.49 11.12 1.41
N PHE F 131 -7.23 11.53 2.65
CA PHE F 131 -7.70 12.83 3.18
C PHE F 131 -6.87 13.97 2.59
N PRO F 132 -7.54 15.01 2.09
CA PRO F 132 -6.86 16.14 1.44
C PRO F 132 -6.12 17.06 2.42
N ALA F 133 -4.87 17.40 2.08
CA ALA F 133 -4.09 18.35 2.86
C ALA F 133 -4.46 19.79 2.47
N VAL F 134 -5.72 20.16 2.73
CA VAL F 134 -6.28 21.43 2.27
C VAL F 134 -6.23 22.54 3.33
N ALA F 135 -5.99 23.76 2.86
CA ALA F 135 -6.00 24.94 3.73
C ALA F 135 -7.43 25.43 3.97
N ASP F 136 -7.60 26.22 5.04
CA ASP F 136 -8.89 26.84 5.37
C ASP F 136 -9.23 27.94 4.37
N PHE F 137 -10.49 27.97 3.93
CA PHE F 137 -10.94 28.91 2.90
C PHE F 137 -10.87 30.38 3.34
N GLU F 138 -11.19 30.65 4.60
CA GLU F 138 -11.14 32.01 5.14
C GLU F 138 -9.70 32.52 5.26
N CYS F 139 -8.79 31.61 5.59
CA CYS F 139 -7.36 31.94 5.70
C CYS F 139 -6.73 32.21 4.34
N THR F 140 -7.08 31.36 3.36
CA THR F 140 -6.58 31.50 1.98
C THR F 140 -7.06 32.81 1.34
N THR F 141 -8.33 33.16 1.55
CA THR F 141 -8.90 34.40 1.05
C THR F 141 -8.22 35.62 1.67
N ALA F 142 -7.89 35.53 2.96
CA ALA F 142 -7.22 36.60 3.68
C ALA F 142 -5.80 36.84 3.17
N LEU F 143 -5.13 35.77 2.77
CA LEU F 143 -3.76 35.85 2.26
C LEU F 143 -3.68 36.41 0.84
N VAL F 144 -4.65 36.00 0.00
CA VAL F 144 -4.72 36.47 -1.39
C VAL F 144 -5.06 37.96 -1.45
N GLU F 145 -6.03 38.38 -0.65
CA GLU F 145 -6.46 39.78 -0.61
C GLU F 145 -5.42 40.70 0.02
N ALA F 146 -4.62 40.16 0.93
CA ALA F 146 -3.50 40.88 1.54
C ALA F 146 -2.36 41.07 0.54
N ALA F 147 -2.16 40.07 -0.31
CA ALA F 147 -1.15 40.11 -1.36
C ALA F 147 -1.48 41.16 -2.42
N LYS F 148 -2.76 41.30 -2.74
CA LYS F 148 -3.23 42.30 -3.69
C LYS F 148 -3.26 43.69 -3.07
N SER F 149 -3.30 43.75 -1.75
CA SER F 149 -3.33 45.02 -1.01
C SER F 149 -1.98 45.75 -1.08
N ILE F 150 -0.89 45.00 -1.01
CA ILE F 150 0.46 45.56 -1.06
C ILE F 150 1.02 45.60 -2.49
N GLY F 151 0.37 44.88 -3.40
CA GLY F 151 0.77 44.84 -4.80
C GLY F 151 1.97 43.96 -5.06
N ALA F 152 1.72 42.66 -5.21
CA ALA F 152 2.78 41.69 -5.51
C ALA F 152 2.30 40.65 -6.51
N THR F 153 3.24 40.12 -7.31
CA THR F 153 2.93 39.06 -8.26
C THR F 153 2.67 37.75 -7.50
N THR F 154 1.41 37.32 -7.52
CA THR F 154 0.96 36.18 -6.74
C THR F 154 0.42 35.05 -7.61
N HIS F 155 0.76 33.82 -7.22
CA HIS F 155 0.22 32.60 -7.84
C HIS F 155 -0.46 31.75 -6.77
N VAL F 156 -1.62 31.21 -7.10
CA VAL F 156 -2.38 30.36 -6.18
C VAL F 156 -2.49 28.94 -6.74
N GLY F 157 -2.16 27.94 -5.92
CA GLY F 157 -2.22 26.56 -6.35
C GLY F 157 -1.68 25.53 -5.37
N VAL F 158 -1.21 24.41 -5.92
CA VAL F 158 -0.78 23.25 -5.14
C VAL F 158 0.73 23.25 -4.87
N THR F 159 1.10 22.82 -3.66
CA THR F 159 2.49 22.74 -3.23
C THR F 159 2.88 21.30 -2.91
N ALA F 160 4.10 20.91 -3.29
CA ALA F 160 4.64 19.61 -2.90
C ALA F 160 5.42 19.74 -1.59
N SER F 161 5.02 18.97 -0.59
CA SER F 161 5.60 19.05 0.76
C SER F 161 6.37 17.80 1.13
N SER F 162 7.70 17.91 1.12
CA SER F 162 8.60 16.75 1.26
C SER F 162 9.24 16.64 2.65
N ASP F 163 9.44 15.39 3.09
CA ASP F 163 10.10 15.11 4.36
C ASP F 163 11.64 15.27 4.29
N THR F 164 12.18 15.39 3.08
CA THR F 164 13.62 15.67 2.91
C THR F 164 13.87 16.89 2.03
N PHE F 165 15.06 17.47 2.16
CA PHE F 165 15.49 18.60 1.32
C PHE F 165 16.12 18.11 0.02
N TYR F 166 16.75 16.94 0.05
CA TYR F 166 17.55 16.46 -1.07
C TYR F 166 16.86 15.41 -1.97
N PRO F 167 16.76 14.15 -1.55
CA PRO F 167 16.22 13.10 -2.44
C PRO F 167 14.73 13.27 -2.76
N GLY F 168 13.94 13.73 -1.79
CA GLY F 168 12.51 13.94 -1.98
C GLY F 168 12.17 15.09 -2.91
N GLN F 169 13.14 15.99 -3.11
CA GLN F 169 12.99 17.10 -4.05
C GLN F 169 13.86 16.85 -5.29
N GLU F 170 14.29 15.59 -5.44
CA GLU F 170 15.11 15.12 -6.56
C GLU F 170 16.38 15.94 -6.83
N ARG F 171 17.20 16.07 -5.78
CA ARG F 171 18.53 16.68 -5.90
C ARG F 171 19.57 15.57 -6.02
N TYR F 172 20.45 15.70 -7.02
CA TYR F 172 21.46 14.69 -7.30
C TYR F 172 22.88 15.12 -6.89
N ASP F 173 23.04 16.39 -6.57
CA ASP F 173 24.33 16.91 -6.09
C ASP F 173 24.46 16.62 -4.60
N THR F 174 24.68 15.36 -4.28
CA THR F 174 24.73 14.87 -2.89
C THR F 174 25.94 13.96 -2.69
N TYR F 175 26.07 13.43 -1.47
CA TYR F 175 27.16 12.51 -1.13
C TYR F 175 27.08 11.21 -1.93
N SER F 176 25.90 10.61 -1.99
CA SER F 176 25.69 9.35 -2.71
C SER F 176 25.49 9.59 -4.21
N GLY F 177 24.83 10.68 -4.55
CA GLY F 177 24.53 11.02 -5.94
C GLY F 177 23.44 10.15 -6.54
N ARG F 178 22.65 9.53 -5.69
CA ARG F 178 21.55 8.67 -6.11
C ARG F 178 20.22 9.08 -5.49
N VAL F 179 19.12 8.78 -6.19
CA VAL F 179 17.77 8.99 -5.68
C VAL F 179 17.01 7.67 -5.76
N VAL F 180 16.31 7.32 -4.67
CA VAL F 180 15.52 6.09 -4.60
C VAL F 180 14.46 6.01 -5.71
N ARG F 181 14.19 4.80 -6.18
CA ARG F 181 13.27 4.53 -7.29
C ARG F 181 11.95 5.32 -7.23
N HIS F 182 11.34 5.37 -6.03
CA HIS F 182 10.05 6.04 -5.82
C HIS F 182 10.06 7.52 -6.22
N PHE F 183 11.19 8.19 -6.01
CA PHE F 183 11.30 9.62 -6.28
C PHE F 183 12.02 9.95 -7.59
N LYS F 184 12.45 8.92 -8.31
CA LYS F 184 13.08 9.09 -9.62
C LYS F 184 12.07 9.57 -10.66
N GLY F 185 12.33 10.75 -11.22
CA GLY F 185 11.43 11.37 -12.19
C GLY F 185 10.19 11.99 -11.58
N SER F 186 10.21 12.18 -10.26
CA SER F 186 9.05 12.75 -9.55
C SER F 186 8.84 14.24 -9.83
N MET F 187 9.93 14.99 -9.95
CA MET F 187 9.84 16.43 -10.20
C MET F 187 9.15 16.74 -11.53
N GLU F 188 9.51 16.00 -12.57
CA GLU F 188 8.90 16.14 -13.90
C GLU F 188 7.40 15.84 -13.87
N GLU F 189 7.01 14.88 -13.03
CA GLU F 189 5.60 14.51 -12.86
C GLU F 189 4.80 15.61 -12.18
N TRP F 190 5.34 16.16 -11.09
CA TRP F 190 4.69 17.27 -10.38
C TRP F 190 4.57 18.51 -11.27
N GLN F 191 5.59 18.74 -12.11
CA GLN F 191 5.61 19.85 -13.06
C GLN F 191 4.46 19.78 -14.05
N ALA F 192 4.21 18.57 -14.58
CA ALA F 192 3.13 18.34 -15.53
C ALA F 192 1.75 18.41 -14.88
N MET F 193 1.69 18.23 -13.56
CA MET F 193 0.44 18.26 -12.80
C MET F 193 0.08 19.66 -12.30
N GLY F 194 0.96 20.63 -12.57
CA GLY F 194 0.71 22.02 -12.22
C GLY F 194 1.20 22.46 -10.85
N VAL F 195 1.94 21.59 -10.16
CA VAL F 195 2.51 21.90 -8.84
C VAL F 195 3.48 23.07 -8.94
N MET F 196 3.34 24.03 -8.03
CA MET F 196 4.10 25.29 -8.09
C MET F 196 5.52 25.18 -7.51
N ASN F 197 5.66 24.50 -6.37
CA ASN F 197 6.87 24.59 -5.57
C ASN F 197 7.13 23.43 -4.61
N TYR F 198 8.31 23.46 -3.98
CA TYR F 198 8.70 22.53 -2.93
C TYR F 198 8.89 23.27 -1.60
N GLU F 199 8.33 22.71 -0.53
CA GLU F 199 8.70 23.08 0.84
C GLU F 199 8.60 21.85 1.75
N MET F 200 8.67 22.04 3.07
CA MET F 200 8.86 20.90 3.98
C MET F 200 7.91 20.79 5.19
N GLU F 201 6.85 21.61 5.25
CA GLU F 201 5.99 21.62 6.44
C GLU F 201 4.48 21.66 6.18
N SER F 202 4.06 22.17 5.04
CA SER F 202 2.63 22.43 4.78
C SER F 202 1.73 21.20 4.84
N ALA F 203 2.21 20.04 4.36
CA ALA F 203 1.42 18.81 4.41
C ALA F 203 1.01 18.42 5.81
N THR F 204 1.95 18.50 6.76
CA THR F 204 1.68 18.19 8.16
C THR F 204 0.73 19.21 8.79
N LEU F 205 1.02 20.49 8.59
CA LEU F 205 0.24 21.58 9.17
C LEU F 205 -1.22 21.58 8.69
N LEU F 206 -1.41 21.50 7.38
CA LEU F 206 -2.75 21.58 6.79
C LEU F 206 -3.62 20.36 7.10
N THR F 207 -3.02 19.17 7.11
CA THR F 207 -3.74 17.94 7.42
C THR F 207 -4.20 17.90 8.89
N MET F 208 -3.28 18.19 9.80
CA MET F 208 -3.58 18.11 11.24
C MET F 208 -4.60 19.15 11.70
N CYS F 209 -4.64 20.30 11.01
CA CYS F 209 -5.58 21.36 11.36
C CYS F 209 -6.97 21.08 10.78
N ALA F 210 -7.02 20.67 9.52
CA ALA F 210 -8.27 20.39 8.81
C ALA F 210 -9.03 19.19 9.39
N SER F 211 -8.29 18.25 9.98
CA SER F 211 -8.90 17.05 10.57
C SER F 211 -9.16 17.18 12.08
N GLN F 212 -8.96 18.38 12.62
CA GLN F 212 -9.14 18.62 14.06
C GLN F 212 -9.94 19.90 14.37
N GLY F 213 -10.48 20.52 13.33
CA GLY F 213 -11.31 21.72 13.48
C GLY F 213 -10.53 22.99 13.74
N LEU F 214 -9.32 23.08 13.18
CA LEU F 214 -8.49 24.27 13.31
C LEU F 214 -8.26 24.93 11.95
N ARG F 215 -8.20 26.25 11.94
CA ARG F 215 -7.99 27.02 10.71
C ARG F 215 -6.50 27.19 10.42
N ALA F 216 -6.12 26.95 9.16
CA ALA F 216 -4.71 27.06 8.76
C ALA F 216 -4.54 27.65 7.36
N GLY F 217 -3.53 28.51 7.23
CA GLY F 217 -3.20 29.14 5.95
C GLY F 217 -1.70 29.10 5.70
N MET F 218 -1.32 29.21 4.42
CA MET F 218 0.09 29.06 4.03
C MET F 218 0.50 30.04 2.93
N VAL F 219 1.59 30.76 3.19
CA VAL F 219 2.16 31.71 2.24
C VAL F 219 3.69 31.60 2.17
N ALA F 220 4.25 31.77 0.98
CA ALA F 220 5.68 31.62 0.76
C ALA F 220 6.26 32.58 -0.28
N GLY F 221 7.53 32.93 -0.11
CA GLY F 221 8.25 33.75 -1.07
C GLY F 221 9.31 32.94 -1.81
N VAL F 222 9.32 33.05 -3.14
CA VAL F 222 10.24 32.29 -3.98
C VAL F 222 11.64 32.90 -3.92
N ILE F 223 12.61 32.09 -3.50
CA ILE F 223 14.00 32.52 -3.42
C ILE F 223 14.89 31.85 -4.47
N VAL F 224 14.41 30.75 -5.05
CA VAL F 224 15.12 30.04 -6.10
C VAL F 224 14.16 29.35 -7.08
N ASN F 225 14.58 29.24 -8.34
CA ASN F 225 13.85 28.49 -9.35
C ASN F 225 14.68 27.31 -9.85
N ARG F 226 14.11 26.12 -9.76
CA ARG F 226 14.83 24.88 -10.07
C ARG F 226 15.17 24.71 -11.55
N THR F 227 14.37 25.32 -12.42
CA THR F 227 14.61 25.26 -13.87
C THR F 227 15.66 26.28 -14.33
N GLN F 228 15.93 27.28 -13.49
CA GLN F 228 16.86 28.35 -13.83
C GLN F 228 18.24 28.15 -13.21
N GLN F 229 18.27 27.96 -11.89
CA GLN F 229 19.53 27.83 -11.15
C GLN F 229 19.38 26.90 -9.95
N GLU F 230 20.43 26.80 -9.13
CA GLU F 230 20.40 25.99 -7.92
C GLU F 230 20.74 26.79 -6.67
N ILE F 231 21.75 27.66 -6.79
CA ILE F 231 22.16 28.53 -5.69
C ILE F 231 21.37 29.84 -5.68
N PRO F 232 20.85 30.22 -4.51
CA PRO F 232 20.04 31.44 -4.38
C PRO F 232 20.89 32.73 -4.47
N ASN F 233 20.38 33.81 -3.88
CA ASN F 233 21.09 35.09 -3.87
C ASN F 233 21.27 35.62 -2.45
N ALA F 234 21.38 36.94 -2.32
CA ALA F 234 21.52 37.60 -1.03
C ALA F 234 20.64 38.84 -0.94
N GLU F 235 20.68 39.67 -1.98
CA GLU F 235 19.94 40.92 -2.03
C GLU F 235 18.44 40.71 -2.28
N THR F 236 18.12 39.87 -3.27
CA THR F 236 16.73 39.59 -3.64
C THR F 236 16.00 38.72 -2.63
N MET F 237 16.75 37.87 -1.93
CA MET F 237 16.20 36.98 -0.91
C MET F 237 15.66 37.77 0.29
N LYS F 238 16.39 38.79 0.71
CA LYS F 238 16.02 39.63 1.85
C LYS F 238 14.77 40.47 1.57
N GLN F 239 14.68 41.01 0.35
CA GLN F 239 13.54 41.81 -0.07
C GLN F 239 12.26 40.97 -0.23
N THR F 240 12.42 39.73 -0.67
CA THR F 240 11.30 38.80 -0.82
C THR F 240 10.75 38.35 0.54
N GLU F 241 11.67 38.13 1.49
CA GLU F 241 11.30 37.73 2.85
C GLU F 241 10.62 38.88 3.60
N SER F 242 11.04 40.11 3.29
CA SER F 242 10.41 41.31 3.85
C SER F 242 9.04 41.57 3.22
N HIS F 243 8.90 41.18 1.95
CA HIS F 243 7.64 41.32 1.22
C HIS F 243 6.57 40.36 1.71
N ALA F 244 6.95 39.09 1.90
CA ALA F 244 6.04 38.04 2.32
C ALA F 244 5.57 38.18 3.77
N VAL F 245 6.43 38.72 4.62
CA VAL F 245 6.11 38.96 6.03
C VAL F 245 4.99 39.99 6.17
N LYS F 246 5.02 41.02 5.33
CA LYS F 246 3.99 42.05 5.30
C LYS F 246 2.60 41.48 4.99
N ILE F 247 2.56 40.51 4.08
CA ILE F 247 1.30 39.87 3.67
C ILE F 247 0.68 39.06 4.80
N VAL F 248 1.50 38.31 5.54
CA VAL F 248 1.03 37.44 6.62
C VAL F 248 0.52 38.21 7.85
N VAL F 249 1.03 39.42 8.06
CA VAL F 249 0.56 40.28 9.14
C VAL F 249 -0.76 40.94 8.73
N GLU F 250 -0.83 41.38 7.48
CA GLU F 250 -2.05 41.98 6.91
C GLU F 250 -3.20 40.98 6.86
N ALA F 251 -2.89 39.71 6.58
CA ALA F 251 -3.89 38.65 6.55
C ALA F 251 -4.41 38.32 7.95
N ALA F 252 -3.54 38.43 8.95
CA ALA F 252 -3.89 38.20 10.34
C ALA F 252 -4.87 39.26 10.86
N ARG F 253 -4.77 40.47 10.31
CA ARG F 253 -5.68 41.57 10.64
C ARG F 253 -7.12 41.27 10.24
N ARG F 254 -7.28 40.61 9.09
CA ARG F 254 -8.59 40.26 8.54
C ARG F 254 -9.23 39.09 9.28
N LEU F 255 -8.40 38.22 9.87
CA LEU F 255 -8.87 37.00 10.51
C LEU F 255 -9.16 37.17 12.01
N LEU F 256 -8.75 38.30 12.57
CA LEU F 256 -8.96 38.59 13.99
C LEU F 256 -10.40 39.03 14.26
K K G . -22.62 5.88 -14.76
OAC BBB H . -17.25 2.87 -24.11
CAN BBB H . -17.48 2.69 -22.72
CAO BBB H . -16.81 1.40 -22.23
OAT BBB H . -16.98 0.31 -23.17
CAR BBB H . -15.92 -0.66 -23.17
NBC BBB H . -14.75 -0.41 -23.92
CBB BBB H . -13.51 -0.09 -23.28
OAB BBB H . -13.39 0.07 -22.05
NAS BBB H . -12.36 0.15 -24.08
CBA BBB H . -12.43 0.08 -25.50
OAA BBB H . -11.36 0.23 -26.11
CAY BBB H . -14.80 -0.47 -25.37
CAZ BBB H . -13.65 -0.23 -26.18
CAQ BBB H . -13.72 -0.17 -27.75
CAW BBB H . -13.82 1.25 -28.33
CAK BBB H . -12.71 1.88 -29.03
CAH BBB H . -12.80 3.23 -29.52
CAL BBB H . -14.00 3.97 -29.29
CAM BBB H . -15.02 2.01 -28.11
CAX BBB H . -15.12 3.38 -28.59
OAU BBB H . -16.28 4.10 -28.40
CAP BBB H . -17.68 4.47 -28.88
CAV BBB H . -17.82 4.56 -30.27
CAJ BBB H . -18.60 3.58 -31.01
CAG BBB H . -18.70 3.67 -32.44
CAE BBB H . -18.03 4.76 -33.13
CAF BBB H . -17.26 5.73 -32.42
CAI BBB H . -17.16 5.64 -30.99
OAD BBB H . -15.96 -0.82 -25.97
OAC BBB I . -27.97 8.65 -5.55
CAN BBB I . -26.76 8.72 -6.30
CAO BBB I . -25.73 9.60 -5.58
OAT BBB I . -26.34 10.82 -5.07
CAR BBB I . -25.61 11.42 -3.97
NBC BBB I . -25.87 10.97 -2.65
CBB BBB I . -24.91 10.19 -1.94
OAB BBB I . -23.83 9.81 -2.42
NAS BBB I . -25.21 9.78 -0.62
CBA BBB I . -26.45 10.11 0.00
OAA BBB I . -26.63 9.68 1.15
CAY BBB I . -27.12 11.31 -2.01
CAZ BBB I . -27.45 10.89 -0.69
CAQ BBB I . -28.83 11.20 -0.01
CAW BBB I . -29.87 10.08 -0.21
CAK BBB I . -30.26 9.17 0.85
CAH BBB I . -31.14 8.06 0.61
CAL BBB I . -31.67 7.87 -0.71
CAM BBB I . -30.42 9.88 -1.52
CAX BBB I . -31.32 8.78 -1.79
OAU BBB I . -31.85 8.60 -3.04
CAP BBB I . -32.96 8.94 -4.03
CAV BBB I . -34.21 9.17 -3.42
CAJ BBB I . -34.66 10.52 -3.13
CAG BBB I . -35.91 10.72 -2.45
CAE BBB I . -36.72 9.57 -2.08
CAF BBB I . -36.29 8.23 -2.37
CAI BBB I . -35.03 8.03 -3.04
OAD BBB I . -28.03 12.05 -2.72
K K J . 9.42 -26.17 1.27
OAC BBB K . 0.16 -29.19 6.48
CAN BBB K . 0.69 -28.41 5.40
CAO BBB K . -0.43 -27.64 4.69
OAT BBB K . -1.52 -28.51 4.29
CAR BBB K . -2.78 -27.83 4.06
NBC BBB K . -3.60 -27.51 5.16
CBB BBB K . -3.78 -26.14 5.57
OAB BBB K . -3.18 -25.19 5.05
NAS BBB K . -4.62 -25.87 6.67
CBA BBB K . -5.29 -26.91 7.38
OAA BBB K . -6.03 -26.56 8.31
CAY BBB K . -4.30 -28.55 5.88
CAZ BBB K . -5.14 -28.29 7.00
CAQ BBB K . -5.82 -29.43 7.83
CAW BBB K . -5.07 -29.80 9.13
CAK BBB K . -5.58 -29.45 10.44
CAH BBB K . -4.84 -29.76 11.64
CAL BBB K . -3.58 -30.43 11.51
CAM BBB K . -3.81 -30.47 9.02
CAX BBB K . -3.05 -30.79 10.23
OAU BBB K . -1.82 -31.42 10.13
CAP BBB K . -1.03 -32.70 9.91
CAV BBB K . -1.60 -33.84 10.53
CAJ BBB K . -2.61 -34.62 9.84
CAG BBB K . -3.22 -35.75 10.50
CAE BBB K . -2.82 -36.08 11.86
CAF BBB K . -1.81 -35.30 12.55
CAI BBB K . -1.20 -34.17 11.88
OAD BBB K . -4.16 -29.84 5.46
OAC BBB L . 18.62 -23.10 -4.01
CAN BBB L . 17.70 -22.68 -3.01
CAO BBB L . 18.06 -21.31 -2.44
OAT BBB L . 19.41 -21.27 -1.92
CAR BBB L . 19.98 -19.97 -1.75
NBC BBB L . 20.43 -19.27 -2.91
CBB BBB L . 19.68 -18.17 -3.43
OAB BBB L . 18.61 -17.78 -2.96
NAS BBB L . 20.17 -17.52 -4.59
CBA BBB L . 21.36 -17.95 -5.24
OAA BBB L . 21.68 -17.34 -6.27
CAY BBB L . 21.63 -19.71 -3.57
CAZ BBB L . 22.13 -19.07 -4.75
CAQ BBB L . 23.39 -19.58 -5.52
CAW BBB L . 23.10 -20.48 -6.73
CAK BBB L . 23.29 -20.03 -8.09
CAH BBB L . 22.94 -20.86 -9.22
CAL BBB L . 22.40 -22.16 -8.98
CAM BBB L . 22.58 -21.80 -6.50
CAX BBB L . 22.21 -22.64 -7.62
OAU BBB L . 21.63 -23.88 -7.42
CAP BBB L . 21.78 -25.38 -7.24
CAV BBB L . 22.95 -25.91 -7.84
CAJ BBB L . 24.16 -26.10 -7.05
CAG BBB L . 25.34 -26.64 -7.67
CAE BBB L . 25.31 -27.00 -9.08
CAF BBB L . 24.12 -26.81 -9.87
CAI BBB L . 22.94 -26.26 -9.24
OAD BBB L . 22.34 -20.73 -3.04
K K M . 13.20 20.24 13.55
OAC BBB N . 10.87 15.35 23.17
CAN BBB N . 11.24 15.07 21.83
CAO BBB N . 11.42 13.56 21.62
OAT BBB N . 12.22 12.96 22.67
CAR BBB N . 12.07 11.54 22.82
NBC BBB N . 10.96 11.02 23.52
CBB BBB N . 9.86 10.42 22.83
OAB BBB N . 9.78 10.36 21.60
NAS BBB N . 8.77 9.92 23.58
CBA BBB N . 8.75 10.00 25.00
OAA BBB N . 7.75 9.53 25.57
CAY BBB N . 10.92 11.10 24.96
CAZ BBB N . 9.83 10.61 25.73
CAQ BBB N . 9.74 10.77 27.30
CAW BBB N . 8.89 11.98 27.77
CAK BBB N . 7.66 11.81 28.52
CAH BBB N . 6.87 12.95 28.90
CAL BBB N . 7.30 14.26 28.53
CAM BBB N . 9.32 13.30 27.40
CAX BBB N . 8.51 14.46 27.77
OAU BBB N . 8.89 15.73 27.37
CAP BBB N . 9.74 16.96 27.58
CAV BBB N . 9.97 17.33 28.93
CAJ BBB N . 11.32 17.32 29.47
CAG BBB N . 11.54 17.68 30.84
CAE BBB N . 10.41 18.06 31.67
CAF BBB N . 9.06 18.06 31.14
CAI BBB N . 8.84 17.69 29.76
OAD BBB N . 11.98 11.64 25.62
OAC BBB O . 15.70 24.75 4.37
CAN BBB O . 14.47 24.35 5.00
CAO BBB O . 13.36 24.21 3.96
OAT BBB O . 13.07 25.47 3.31
CAR BBB O . 12.23 25.36 2.13
NBC BBB O . 12.84 25.08 0.88
CBB BBB O . 12.63 23.83 0.21
OAB BBB O . 11.97 22.90 0.69
NAS BBB O . 13.25 23.61 -1.04
CBA BBB O . 14.06 24.61 -1.64
OAA BBB O . 14.57 24.31 -2.74
CAY BBB O . 13.67 26.09 0.25
CAZ BBB O . 14.30 25.88 -1.01
CAQ BBB O . 15.25 26.93 -1.67
CAW BBB O . 16.76 26.72 -1.39
CAK BBB O . 17.69 26.28 -2.40
CAH BBB O . 19.08 26.06 -2.10
CAL BBB O . 19.55 26.30 -0.77
CAM BBB O . 17.23 26.95 -0.05
CAX BBB O . 18.64 26.75 0.27
OAU BBB O . 19.11 27.00 1.54
CAP BBB O . 19.67 28.00 2.54
CAV BBB O . 20.49 28.98 1.96
CAJ BBB O . 20.02 30.35 1.83
CAG BBB O . 20.86 31.33 1.19
CAE BBB O . 22.17 30.95 0.70
CAF BBB O . 22.65 29.60 0.83
CAI BBB O . 21.81 28.62 1.47
OAD BBB O . 13.86 27.27 0.89
#